data_6W1J
#
_entry.id   6W1J
#
_cell.length_a   1.00
_cell.length_b   1.00
_cell.length_c   1.00
_cell.angle_alpha   90.00
_cell.angle_beta   90.00
_cell.angle_gamma   90.00
#
_symmetry.space_group_name_H-M   'P 1'
#
loop_
_entity.id
_entity.type
_entity.pdbx_description
1 polymer '5-hydroxytryptamine receptor 3A'
2 branched 2-acetamido-2-deoxy-beta-D-glucopyranose-(4-4)-2-acetamido-2-deoxy-beta-D-glucopyranose
3 branched beta-D-mannopyranose-(1-4)-2-acetamido-2-deoxy-beta-D-glucopyranose-(1-4)-2-acetamido-2-deoxy-beta-D-glucopyranose
4 branched 2-acetamido-2-deoxy-beta-D-glucopyranose-(1-4)-2-acetamido-2-deoxy-beta-D-glucopyranose
5 non-polymer alosetron
6 non-polymer 'CHLORIDE ION'
#
_entity_poly.entity_id   1
_entity_poly.type   'polypeptide(L)'
_entity_poly.pdbx_seq_one_letter_code
;TTQPALLRLSDHLLANYKKGVRPVRDWRKPTTVSIDVIMYAILNVDEKNQVLTTYIWYRQYWTDEFLQWTPEDFDNVTKL
SIPTDSIWVPDILINEFVDVGKSPNIPYVYVHHRGEVQNYKPLQLVTACSLDIYNFPFDVQNCSLTFTSWLHTIQDINIT
LWRSPEEVRSDKSIFINQGEWELLEVFPQFKEFSIDISNSYAEMKFYVIIRRRPLFYAVSLLLPSIFLMVVDIVGFCLPP
DSGERVSFKITLLLGYSVFLIIVSDTLPATAIGTPLIGVYFVVCMALLVISLAETIFIVRLVHKQDLQRPVPDWLRHLVL
DRIAWILCLGEQPMAHRPPATFQANKTDDCSAMGNHCSHVGGPQDLEKTPRGRGSPLPPPREASLAVRGLLQELSSIRHF
LEKRDEMREVARDWLRVGYVLDRLLFRIYLLAVLAYSITLVTLWSIWHYS
;
_entity_poly.pdbx_strand_id   A,B,C,D,E
#
# COMPACT_ATOMS: atom_id res chain seq x y z
N THR A 2 46.43 -6.45 53.66
CA THR A 2 45.10 -5.93 53.96
C THR A 2 44.02 -6.81 53.35
N GLN A 3 42.81 -6.74 53.90
CA GLN A 3 41.66 -7.45 53.37
C GLN A 3 40.46 -6.52 53.32
N PRO A 4 40.39 -5.61 52.32
CA PRO A 4 39.24 -4.72 52.23
C PRO A 4 37.95 -5.42 51.81
N ALA A 5 37.98 -6.11 50.68
CA ALA A 5 36.82 -6.74 50.06
C ALA A 5 37.36 -7.72 49.02
N LEU A 6 36.52 -8.16 48.09
CA LEU A 6 36.99 -8.91 46.94
C LEU A 6 36.81 -8.13 45.64
N LEU A 7 36.98 -6.82 45.72
CA LEU A 7 37.35 -6.01 44.59
C LEU A 7 38.87 -5.95 44.43
N ARG A 8 39.61 -6.55 45.36
CA ARG A 8 41.04 -6.69 45.20
C ARG A 8 41.41 -7.79 44.21
N LEU A 9 40.45 -8.63 43.82
CA LEU A 9 40.70 -9.56 42.73
C LEU A 9 40.69 -8.84 41.40
N SER A 10 39.74 -7.94 41.19
CA SER A 10 39.54 -7.36 39.87
C SER A 10 40.64 -6.38 39.50
N ASP A 11 41.21 -5.67 40.47
CA ASP A 11 42.30 -4.77 40.11
C ASP A 11 43.63 -5.52 40.04
N HIS A 12 43.76 -6.65 40.72
CA HIS A 12 44.88 -7.54 40.47
C HIS A 12 44.82 -8.13 39.07
N LEU A 13 43.61 -8.32 38.56
CA LEU A 13 43.41 -9.01 37.31
C LEU A 13 43.40 -8.05 36.13
N LEU A 14 43.22 -6.75 36.37
CA LEU A 14 43.13 -5.74 35.32
C LEU A 14 44.00 -4.54 35.63
N ALA A 15 45.10 -4.72 36.36
CA ALA A 15 46.02 -3.61 36.59
C ALA A 15 46.75 -3.25 35.31
N ASN A 16 47.53 -4.19 34.78
CA ASN A 16 48.20 -4.04 33.49
C ASN A 16 47.62 -5.12 32.57
N TYR A 17 46.48 -4.79 31.96
CA TYR A 17 45.84 -5.66 31.00
C TYR A 17 45.60 -4.86 29.73
N LYS A 18 45.94 -5.45 28.59
CA LYS A 18 45.85 -4.78 27.31
C LYS A 18 44.83 -5.52 26.46
N LYS A 19 43.72 -4.87 26.18
CA LYS A 19 42.59 -5.50 25.51
C LYS A 19 42.72 -5.53 24.00
N GLY A 20 43.88 -5.22 23.45
CA GLY A 20 44.05 -5.29 22.02
C GLY A 20 44.90 -6.46 21.59
N VAL A 21 45.49 -7.14 22.55
CA VAL A 21 46.40 -8.24 22.27
C VAL A 21 45.63 -9.55 22.35
N ARG A 22 45.78 -10.41 21.34
CA ARG A 22 45.17 -11.72 21.37
C ARG A 22 45.84 -12.54 22.47
N PRO A 23 45.11 -13.04 23.45
CA PRO A 23 45.70 -13.51 24.71
C PRO A 23 46.31 -14.91 24.71
N VAL A 24 47.54 -15.00 24.22
CA VAL A 24 48.31 -16.24 24.27
C VAL A 24 49.71 -15.94 24.77
N ARG A 25 50.30 -16.90 25.48
CA ARG A 25 51.71 -16.80 25.84
C ARG A 25 52.61 -17.06 24.64
N ASP A 26 52.31 -18.11 23.90
CA ASP A 26 53.02 -18.44 22.67
C ASP A 26 52.13 -18.06 21.50
N TRP A 27 52.67 -17.25 20.59
CA TRP A 27 51.89 -16.72 19.48
C TRP A 27 51.60 -17.75 18.41
N ARG A 28 52.18 -18.93 18.48
CA ARG A 28 52.00 -19.97 17.49
C ARG A 28 50.74 -20.81 17.71
N LYS A 29 50.08 -20.65 18.83
CA LYS A 29 48.91 -21.47 19.12
C LYS A 29 47.64 -20.69 18.92
N PRO A 30 46.64 -21.24 18.27
CA PRO A 30 45.41 -20.49 18.02
C PRO A 30 44.51 -20.41 19.24
N THR A 31 43.58 -19.47 19.19
CA THR A 31 42.52 -19.34 20.17
C THR A 31 41.29 -20.07 19.67
N THR A 32 40.77 -20.99 20.47
CA THR A 32 39.68 -21.86 20.06
C THR A 32 38.38 -21.38 20.68
N VAL A 33 37.40 -21.06 19.85
CA VAL A 33 36.12 -20.50 20.28
C VAL A 33 35.05 -21.56 20.09
N SER A 34 34.30 -21.86 21.15
CA SER A 34 33.29 -22.91 21.14
C SER A 34 31.91 -22.25 21.21
N ILE A 35 31.10 -22.41 20.17
CA ILE A 35 29.85 -21.69 20.03
C ILE A 35 28.66 -22.65 20.20
N ASP A 36 27.46 -22.08 20.28
CA ASP A 36 26.22 -22.81 20.48
C ASP A 36 25.05 -21.89 20.16
N VAL A 37 23.95 -22.46 19.66
CA VAL A 37 22.81 -21.70 19.12
C VAL A 37 21.50 -22.38 19.52
N ILE A 38 20.50 -21.59 19.93
CA ILE A 38 19.10 -22.03 19.96
C ILE A 38 18.28 -21.04 19.15
N MET A 39 17.50 -21.55 18.20
CA MET A 39 16.57 -20.72 17.44
C MET A 39 15.36 -20.36 18.30
N TYR A 40 14.97 -19.10 18.27
CA TYR A 40 13.84 -18.62 19.07
C TYR A 40 12.62 -18.26 18.25
N ALA A 41 12.77 -17.55 17.13
CA ALA A 41 11.62 -17.16 16.35
C ALA A 41 12.01 -16.97 14.90
N ILE A 42 11.09 -17.28 14.00
CA ILE A 42 11.21 -16.95 12.59
C ILE A 42 10.39 -15.69 12.38
N LEU A 43 11.05 -14.55 12.18
CA LEU A 43 10.31 -13.30 12.15
C LEU A 43 9.72 -13.01 10.78
N ASN A 44 10.46 -13.26 9.71
CA ASN A 44 10.01 -12.89 8.39
C ASN A 44 10.71 -13.76 7.35
N VAL A 45 9.97 -14.18 6.34
CA VAL A 45 10.53 -14.87 5.19
C VAL A 45 10.08 -14.09 3.97
N ASP A 46 11.02 -13.47 3.27
CA ASP A 46 10.72 -12.58 2.15
C ASP A 46 11.04 -13.33 0.86
N GLU A 47 10.00 -13.77 0.15
CA GLU A 47 10.23 -14.57 -1.04
C GLU A 47 10.69 -13.74 -2.22
N LYS A 48 10.29 -12.47 -2.27
CA LYS A 48 10.65 -11.63 -3.41
C LYS A 48 12.12 -11.20 -3.34
N ASN A 49 12.57 -10.77 -2.17
CA ASN A 49 13.92 -10.25 -2.00
C ASN A 49 14.93 -11.30 -1.56
N GLN A 50 14.46 -12.54 -1.30
CA GLN A 50 15.30 -13.68 -0.91
C GLN A 50 16.02 -13.42 0.42
N VAL A 51 15.28 -12.90 1.40
CA VAL A 51 15.85 -12.46 2.68
C VAL A 51 15.11 -13.14 3.82
N LEU A 52 15.87 -13.75 4.73
CA LEU A 52 15.34 -14.40 5.93
C LEU A 52 15.67 -13.58 7.17
N THR A 53 14.72 -13.45 8.08
CA THR A 53 14.90 -12.70 9.32
C THR A 53 14.52 -13.57 10.50
N THR A 54 15.48 -13.90 11.35
CA THR A 54 15.26 -14.77 12.50
C THR A 54 15.71 -14.07 13.77
N TYR A 55 15.68 -14.79 14.88
CA TYR A 55 16.10 -14.27 16.17
C TYR A 55 16.59 -15.45 16.98
N ILE A 56 17.87 -15.47 17.36
CA ILE A 56 18.46 -16.62 18.02
C ILE A 56 18.97 -16.21 19.40
N TRP A 57 19.32 -17.22 20.19
CA TRP A 57 20.06 -17.04 21.43
C TRP A 57 21.44 -17.67 21.24
N TYR A 58 22.47 -16.91 21.52
CA TYR A 58 23.84 -17.28 21.17
C TYR A 58 24.71 -17.31 22.43
N ARG A 59 25.69 -18.21 22.44
CA ARG A 59 26.66 -18.23 23.51
C ARG A 59 27.98 -18.79 22.99
N GLN A 60 29.07 -18.43 23.66
CA GLN A 60 30.39 -18.81 23.20
C GLN A 60 31.37 -18.73 24.35
N TYR A 61 32.44 -19.52 24.31
CA TYR A 61 33.52 -19.33 25.26
C TYR A 61 34.87 -19.54 24.59
N TRP A 62 35.91 -19.03 25.24
CA TRP A 62 37.28 -19.18 24.80
C TRP A 62 38.17 -19.12 26.03
N THR A 63 39.46 -19.33 25.83
CA THR A 63 40.41 -19.38 26.94
C THR A 63 41.31 -18.16 26.88
N ASP A 64 41.41 -17.46 28.01
CA ASP A 64 42.24 -16.26 28.15
C ASP A 64 43.41 -16.61 29.07
N GLU A 65 44.62 -16.55 28.52
CA GLU A 65 45.82 -16.95 29.27
C GLU A 65 46.18 -15.96 30.37
N PHE A 66 45.68 -14.74 30.30
CA PHE A 66 46.09 -13.67 31.19
C PHE A 66 45.15 -13.46 32.37
N LEU A 67 43.93 -13.99 32.29
CA LEU A 67 42.97 -13.87 33.38
C LEU A 67 42.95 -15.17 34.18
N GLN A 68 44.00 -15.38 34.96
CA GLN A 68 44.12 -16.58 35.78
C GLN A 68 44.52 -16.21 37.19
N TRP A 69 43.99 -16.93 38.16
CA TRP A 69 44.33 -16.69 39.55
C TRP A 69 44.16 -17.98 40.34
N THR A 70 44.84 -18.07 41.45
CA THR A 70 44.51 -19.14 42.37
C THR A 70 43.33 -18.71 43.25
N PRO A 71 42.40 -19.62 43.53
CA PRO A 71 41.22 -19.21 44.30
C PRO A 71 41.52 -18.96 45.76
N GLU A 72 42.53 -19.60 46.33
CA GLU A 72 43.03 -19.17 47.61
C GLU A 72 43.78 -17.86 47.44
N ASP A 73 43.95 -17.15 48.56
CA ASP A 73 44.37 -15.75 48.68
C ASP A 73 43.38 -14.78 48.06
N PHE A 74 42.18 -15.25 47.69
CA PHE A 74 41.10 -14.40 47.25
C PHE A 74 39.77 -14.91 47.80
N ASP A 75 39.82 -15.57 48.97
CA ASP A 75 38.64 -16.01 49.73
C ASP A 75 37.79 -16.98 48.93
N ASN A 76 38.46 -17.93 48.26
CA ASN A 76 37.83 -19.03 47.51
C ASN A 76 36.89 -18.57 46.41
N VAL A 77 37.19 -17.45 45.76
CA VAL A 77 36.38 -17.02 44.62
C VAL A 77 36.80 -17.82 43.40
N THR A 78 35.84 -18.53 42.80
CA THR A 78 36.13 -19.34 41.62
C THR A 78 35.65 -18.73 40.31
N LYS A 79 34.69 -17.80 40.35
CA LYS A 79 34.35 -17.04 39.16
C LYS A 79 33.80 -15.69 39.56
N LEU A 80 33.83 -14.76 38.61
CA LEU A 80 33.30 -13.42 38.83
C LEU A 80 32.91 -12.84 37.49
N SER A 81 32.18 -11.72 37.54
CA SER A 81 31.70 -11.06 36.33
C SER A 81 32.51 -9.80 36.07
N ILE A 82 32.84 -9.57 34.81
CA ILE A 82 33.70 -8.49 34.34
C ILE A 82 32.96 -7.79 33.22
N PRO A 83 33.07 -6.46 33.07
CA PRO A 83 32.48 -5.79 31.90
C PRO A 83 33.07 -6.27 30.58
N THR A 84 32.26 -6.21 29.54
CA THR A 84 32.64 -6.78 28.25
C THR A 84 33.70 -5.95 27.56
N ASP A 85 33.64 -4.63 27.72
CA ASP A 85 34.55 -3.73 27.02
C ASP A 85 35.86 -3.54 27.77
N SER A 86 36.24 -4.46 28.62
CA SER A 86 37.52 -4.41 29.30
C SER A 86 38.47 -5.52 28.88
N ILE A 87 38.01 -6.49 28.08
CA ILE A 87 38.80 -7.65 27.71
C ILE A 87 38.78 -7.83 26.20
N TRP A 88 39.59 -8.77 25.73
CA TRP A 88 39.63 -9.12 24.32
C TRP A 88 38.41 -9.93 23.95
N VAL A 89 37.76 -9.58 22.84
CA VAL A 89 36.59 -10.30 22.34
C VAL A 89 36.84 -10.66 20.88
N PRO A 90 36.62 -11.91 20.45
CA PRO A 90 36.81 -12.25 19.04
C PRO A 90 35.70 -11.68 18.17
N ASP A 91 35.99 -11.64 16.87
CA ASP A 91 35.08 -11.05 15.89
C ASP A 91 34.41 -12.15 15.07
N ILE A 92 33.30 -12.67 15.58
CA ILE A 92 32.57 -13.75 14.93
C ILE A 92 31.38 -13.14 14.20
N LEU A 93 31.37 -13.26 12.88
CA LEU A 93 30.32 -12.72 12.05
C LEU A 93 29.65 -13.84 11.27
N ILE A 94 28.76 -13.44 10.35
CA ILE A 94 28.04 -14.35 9.48
C ILE A 94 28.37 -13.98 8.04
N ASN A 95 28.60 -14.99 7.19
CA ASN A 95 28.80 -14.71 5.78
C ASN A 95 27.55 -14.15 5.11
N GLU A 96 26.38 -14.56 5.55
CA GLU A 96 25.16 -14.26 4.82
C GLU A 96 24.51 -12.95 5.23
N PHE A 97 25.21 -12.06 5.95
CA PHE A 97 24.63 -10.76 6.29
C PHE A 97 24.33 -9.93 5.06
N VAL A 98 23.17 -9.28 5.08
CA VAL A 98 22.85 -8.21 4.14
C VAL A 98 22.36 -6.95 4.84
N ASP A 99 22.32 -6.96 6.17
CA ASP A 99 21.81 -5.84 6.94
C ASP A 99 22.36 -6.01 8.36
N VAL A 100 22.00 -5.09 9.24
CA VAL A 100 22.34 -5.18 10.66
C VAL A 100 21.04 -5.13 11.46
N GLY A 101 20.77 -6.20 12.19
CA GLY A 101 19.62 -6.21 13.06
C GLY A 101 19.89 -5.52 14.38
N LYS A 102 18.81 -5.12 15.04
CA LYS A 102 18.91 -4.44 16.33
C LYS A 102 18.77 -5.47 17.44
N SER A 103 19.82 -5.60 18.24
CA SER A 103 19.89 -6.57 19.32
C SER A 103 20.19 -5.85 20.62
N PRO A 104 19.71 -6.38 21.75
CA PRO A 104 20.05 -5.76 23.04
C PRO A 104 21.52 -5.98 23.38
N ASN A 105 22.06 -5.04 24.14
CA ASN A 105 23.46 -5.10 24.55
C ASN A 105 23.57 -5.81 25.89
N ILE A 106 24.53 -6.71 26.00
CA ILE A 106 24.82 -7.44 27.23
C ILE A 106 26.18 -6.98 27.73
N PRO A 107 26.25 -6.23 28.82
CA PRO A 107 27.52 -5.61 29.22
C PRO A 107 28.41 -6.43 30.14
N TYR A 108 28.16 -7.71 30.38
CA TYR A 108 28.99 -8.46 31.32
C TYR A 108 29.31 -9.84 30.76
N VAL A 109 30.45 -10.40 31.21
CA VAL A 109 30.85 -11.76 30.91
C VAL A 109 31.29 -12.43 32.20
N TYR A 110 31.29 -13.77 32.19
CA TYR A 110 31.85 -14.59 33.25
C TYR A 110 33.30 -14.93 32.98
N VAL A 111 34.09 -15.06 34.05
CA VAL A 111 35.49 -15.46 33.97
C VAL A 111 35.74 -16.47 35.06
N HIS A 112 36.12 -17.69 34.69
CA HIS A 112 36.50 -18.71 35.66
C HIS A 112 37.98 -18.62 35.98
N HIS A 113 38.41 -19.38 36.97
CA HIS A 113 39.75 -19.16 37.50
C HIS A 113 40.84 -19.87 36.72
N ARG A 114 40.50 -20.56 35.64
CA ARG A 114 41.49 -21.08 34.71
C ARG A 114 41.60 -20.26 33.44
N GLY A 115 40.77 -19.23 33.29
CA GLY A 115 40.83 -18.38 32.13
C GLY A 115 39.66 -18.52 31.18
N GLU A 116 38.72 -19.41 31.45
CA GLU A 116 37.59 -19.60 30.57
C GLU A 116 36.63 -18.43 30.68
N VAL A 117 36.38 -17.76 29.56
CA VAL A 117 35.55 -16.56 29.51
C VAL A 117 34.27 -16.91 28.76
N GLN A 118 33.13 -16.77 29.42
CA GLN A 118 31.84 -17.16 28.85
C GLN A 118 31.02 -15.94 28.49
N ASN A 119 30.42 -15.95 27.32
CA ASN A 119 29.70 -14.79 26.79
C ASN A 119 28.33 -15.24 26.31
N TYR A 120 27.29 -14.57 26.80
CA TYR A 120 25.90 -14.85 26.43
C TYR A 120 25.29 -13.61 25.81
N LYS A 121 24.68 -13.75 24.64
CA LYS A 121 24.01 -12.61 24.01
C LYS A 121 22.95 -13.07 23.03
N PRO A 122 21.85 -12.32 22.92
CA PRO A 122 20.87 -12.60 21.87
C PRO A 122 21.15 -11.80 20.61
N LEU A 123 20.71 -12.35 19.47
CA LEU A 123 21.03 -11.77 18.18
C LEU A 123 19.82 -11.80 17.26
N GLN A 124 19.60 -10.71 16.56
CA GLN A 124 18.65 -10.66 15.46
C GLN A 124 19.41 -10.68 14.14
N LEU A 125 19.06 -11.61 13.26
CA LEU A 125 19.84 -11.89 12.07
C LEU A 125 19.02 -11.60 10.83
N VAL A 126 19.57 -10.81 9.92
CA VAL A 126 18.92 -10.52 8.64
C VAL A 126 19.84 -11.08 7.57
N THR A 127 19.57 -12.31 7.13
CA THR A 127 20.45 -13.00 6.21
C THR A 127 19.79 -13.17 4.85
N ALA A 128 20.54 -13.75 3.93
CA ALA A 128 20.08 -13.95 2.56
C ALA A 128 20.23 -15.42 2.20
N CYS A 129 19.11 -16.09 1.97
CA CYS A 129 19.13 -17.47 1.53
C CYS A 129 18.24 -17.63 0.31
N SER A 130 18.54 -18.65 -0.49
CA SER A 130 17.78 -18.92 -1.71
C SER A 130 16.51 -19.68 -1.38
N LEU A 131 15.40 -19.22 -1.93
CA LEU A 131 14.07 -19.74 -1.60
C LEU A 131 13.41 -20.21 -2.89
N ASP A 132 13.19 -21.52 -3.01
CA ASP A 132 12.43 -22.08 -4.13
C ASP A 132 11.01 -22.41 -3.69
N ILE A 133 10.05 -21.94 -4.48
CA ILE A 133 8.64 -22.01 -4.09
C ILE A 133 7.85 -22.82 -5.10
N TYR A 134 8.50 -23.84 -5.69
CA TYR A 134 7.91 -24.60 -6.79
C TYR A 134 6.60 -25.28 -6.42
N ASN A 135 6.46 -25.72 -5.18
CA ASN A 135 5.20 -26.24 -4.66
C ASN A 135 4.80 -25.34 -3.48
N PHE A 136 3.98 -24.32 -3.77
CA PHE A 136 4.02 -23.09 -2.98
C PHE A 136 3.51 -23.23 -1.54
N PRO A 137 2.36 -23.86 -1.23
CA PRO A 137 2.04 -23.96 0.19
C PRO A 137 2.71 -25.16 0.86
N PHE A 138 3.05 -26.19 0.10
CA PHE A 138 3.60 -27.40 0.67
C PHE A 138 5.11 -27.44 0.48
N ASP A 139 5.79 -26.39 0.93
CA ASP A 139 7.22 -26.24 0.64
C ASP A 139 8.07 -26.28 1.90
N VAL A 140 9.25 -26.88 1.77
CA VAL A 140 10.23 -27.00 2.85
C VAL A 140 11.46 -26.23 2.43
N GLN A 141 11.87 -25.26 3.23
CA GLN A 141 13.01 -24.42 2.90
C GLN A 141 14.25 -24.88 3.67
N ASN A 142 15.41 -24.52 3.13
CA ASN A 142 16.70 -24.97 3.67
C ASN A 142 17.66 -23.79 3.56
N CYS A 143 17.73 -22.98 4.61
CA CYS A 143 18.58 -21.80 4.64
C CYS A 143 19.72 -22.03 5.62
N SER A 144 20.77 -21.21 5.49
CA SER A 144 22.05 -21.49 6.13
C SER A 144 22.50 -20.31 6.99
N LEU A 145 23.24 -20.62 8.05
CA LEU A 145 23.90 -19.64 8.89
C LEU A 145 25.34 -20.09 9.07
N THR A 146 26.29 -19.23 8.69
CA THR A 146 27.71 -19.61 8.68
C THR A 146 28.48 -18.68 9.58
N PHE A 147 28.86 -19.16 10.76
CA PHE A 147 29.62 -18.35 11.71
C PHE A 147 31.10 -18.45 11.40
N THR A 148 31.76 -17.32 11.25
CA THR A 148 33.17 -17.31 10.89
C THR A 148 33.84 -16.09 11.51
N SER A 149 35.17 -16.14 11.56
CA SER A 149 35.95 -15.00 11.97
C SER A 149 36.31 -14.18 10.75
N TRP A 150 36.08 -12.87 10.81
CA TRP A 150 36.19 -12.10 9.58
C TRP A 150 37.62 -11.72 9.23
N LEU A 151 38.45 -11.39 10.21
CA LEU A 151 39.83 -11.02 9.94
C LEU A 151 40.80 -12.18 10.13
N HIS A 152 40.75 -12.84 11.29
CA HIS A 152 41.78 -13.80 11.66
C HIS A 152 41.64 -15.09 10.86
N THR A 153 42.78 -15.68 10.53
CA THR A 153 42.81 -16.89 9.72
C THR A 153 42.78 -18.11 10.63
N ILE A 154 42.99 -19.30 10.05
CA ILE A 154 42.90 -20.56 10.78
C ILE A 154 44.04 -20.73 11.77
N GLN A 155 45.13 -20.00 11.60
CA GLN A 155 46.24 -20.06 12.54
C GLN A 155 46.05 -19.14 13.74
N ASP A 156 44.96 -18.40 13.80
CA ASP A 156 44.68 -17.53 14.93
C ASP A 156 43.41 -17.90 15.66
N ILE A 157 42.31 -18.12 14.95
CA ILE A 157 41.03 -18.44 15.57
C ILE A 157 40.45 -19.65 14.87
N ASN A 158 40.15 -20.70 15.64
CA ASN A 158 39.44 -21.86 15.16
C ASN A 158 38.12 -21.97 15.91
N ILE A 159 37.09 -22.46 15.23
CA ILE A 159 35.72 -22.51 15.77
C ILE A 159 35.32 -23.97 15.98
N THR A 160 34.80 -24.28 17.16
CA THR A 160 34.34 -25.61 17.52
C THR A 160 32.91 -25.46 18.06
N LEU A 161 32.25 -26.58 18.36
CA LEU A 161 30.98 -26.59 19.06
C LEU A 161 31.18 -26.72 20.56
N TRP A 162 30.25 -26.13 21.31
CA TRP A 162 30.16 -26.33 22.75
C TRP A 162 29.89 -27.78 23.06
N ARG A 163 28.72 -28.26 22.64
CA ARG A 163 28.18 -29.57 22.94
C ARG A 163 28.08 -30.39 21.65
N SER A 164 27.54 -31.60 21.76
CA SER A 164 27.55 -32.53 20.65
C SER A 164 26.55 -32.10 19.59
N PRO A 165 26.79 -32.46 18.31
CA PRO A 165 25.84 -32.07 17.25
C PRO A 165 24.52 -32.82 17.27
N GLU A 166 24.37 -33.84 18.12
CA GLU A 166 23.08 -34.49 18.25
C GLU A 166 22.18 -33.75 19.25
N GLU A 167 22.77 -33.10 20.24
CA GLU A 167 21.99 -32.30 21.17
C GLU A 167 21.54 -30.98 20.54
N VAL A 168 22.29 -30.48 19.57
CA VAL A 168 21.90 -29.26 18.89
C VAL A 168 20.77 -29.53 17.90
N ARG A 169 20.76 -30.72 17.30
CA ARG A 169 19.81 -31.01 16.23
C ARG A 169 18.40 -31.24 16.77
N SER A 170 18.28 -31.77 17.98
CA SER A 170 17.01 -32.15 18.55
C SER A 170 16.51 -31.16 19.59
N ASP A 171 16.73 -29.87 19.37
CA ASP A 171 16.40 -28.84 20.35
C ASP A 171 15.34 -27.93 19.74
N LYS A 172 14.09 -28.12 20.18
CA LYS A 172 12.95 -27.27 19.81
C LYS A 172 12.18 -26.87 21.05
N SER A 173 12.90 -26.47 22.09
CA SER A 173 12.28 -26.31 23.40
C SER A 173 11.57 -24.98 23.54
N ILE A 174 12.13 -23.91 22.99
CA ILE A 174 11.64 -22.56 23.24
C ILE A 174 11.03 -21.92 22.01
N PHE A 175 10.92 -22.65 20.91
CA PHE A 175 10.53 -22.05 19.64
C PHE A 175 9.08 -21.58 19.67
N ILE A 176 8.87 -20.31 19.34
CA ILE A 176 7.54 -19.69 19.35
C ILE A 176 6.76 -20.23 18.16
N ASN A 177 5.72 -21.02 18.43
CA ASN A 177 4.90 -21.63 17.39
C ASN A 177 3.73 -20.72 17.02
N GLN A 178 2.75 -21.31 16.32
CA GLN A 178 1.51 -20.66 15.85
C GLN A 178 1.79 -19.47 14.93
N GLY A 179 2.91 -19.48 14.24
CA GLY A 179 3.34 -18.33 13.49
C GLY A 179 3.76 -18.63 12.07
N GLU A 180 3.01 -19.50 11.39
CA GLU A 180 2.99 -19.67 9.93
C GLU A 180 4.21 -20.42 9.38
N TRP A 181 5.26 -20.60 10.20
CA TRP A 181 6.41 -21.41 9.84
C TRP A 181 6.70 -22.37 10.98
N GLU A 182 7.22 -23.53 10.62
CA GLU A 182 7.45 -24.63 11.56
C GLU A 182 8.90 -25.07 11.49
N LEU A 183 9.59 -25.00 12.62
CA LEU A 183 11.00 -25.40 12.66
C LEU A 183 11.10 -26.91 12.72
N LEU A 184 11.87 -27.50 11.81
CA LEU A 184 12.08 -28.95 11.81
C LEU A 184 13.37 -29.33 12.53
N GLU A 185 14.51 -28.83 12.06
CA GLU A 185 15.78 -29.14 12.72
C GLU A 185 16.79 -28.05 12.44
N VAL A 186 17.86 -28.06 13.24
CA VAL A 186 19.03 -27.18 13.08
C VAL A 186 20.26 -28.07 13.13
N PHE A 187 20.96 -28.19 12.00
CA PHE A 187 22.04 -29.17 11.90
C PHE A 187 23.38 -28.49 11.70
N PRO A 188 24.37 -28.71 12.56
CA PRO A 188 25.68 -28.07 12.41
C PRO A 188 26.69 -28.88 11.60
N GLN A 189 27.66 -28.17 11.02
CA GLN A 189 28.65 -28.77 10.15
C GLN A 189 29.87 -27.88 10.06
N PHE A 190 31.06 -28.46 10.25
CA PHE A 190 32.31 -27.71 10.19
C PHE A 190 32.91 -27.77 8.80
N LYS A 191 33.33 -26.62 8.28
CA LYS A 191 34.03 -26.53 7.01
C LYS A 191 35.20 -25.57 7.16
N GLU A 192 35.91 -25.36 6.06
CA GLU A 192 37.07 -24.48 6.03
C GLU A 192 37.05 -23.68 4.74
N PHE A 193 36.94 -22.36 4.86
CA PHE A 193 36.68 -21.47 3.75
C PHE A 193 37.98 -20.97 3.16
N SER A 194 38.02 -20.85 1.83
CA SER A 194 39.20 -20.35 1.13
C SER A 194 38.79 -19.87 -0.25
N ILE A 195 39.18 -18.65 -0.59
CA ILE A 195 39.03 -18.14 -1.96
C ILE A 195 40.35 -18.19 -2.70
N ASP A 196 41.38 -17.56 -2.15
CA ASP A 196 42.72 -17.62 -2.70
C ASP A 196 43.58 -18.59 -1.89
N ILE A 197 44.82 -18.74 -2.32
CA ILE A 197 45.74 -19.62 -1.63
C ILE A 197 46.30 -18.91 -0.40
N SER A 198 46.83 -19.72 0.53
CA SER A 198 47.51 -19.35 1.77
C SER A 198 46.65 -18.59 2.77
N ASN A 199 45.33 -18.50 2.57
CA ASN A 199 44.43 -17.90 3.56
C ASN A 199 43.22 -18.79 3.72
N SER A 200 43.12 -19.46 4.86
CA SER A 200 41.99 -20.31 5.18
C SER A 200 41.30 -19.76 6.40
N TYR A 201 39.99 -19.86 6.43
CA TYR A 201 39.17 -19.31 7.50
C TYR A 201 38.28 -20.42 8.06
N ALA A 202 38.22 -20.53 9.38
CA ALA A 202 37.35 -21.50 10.01
C ALA A 202 35.92 -21.03 9.91
N GLU A 203 35.00 -21.95 9.61
CA GLU A 203 33.59 -21.61 9.61
C GLU A 203 32.79 -22.77 10.16
N MET A 204 31.53 -22.50 10.49
CA MET A 204 30.66 -23.48 11.13
C MET A 204 29.24 -23.24 10.61
N LYS A 205 28.82 -24.06 9.65
CA LYS A 205 27.50 -23.90 9.06
C LYS A 205 26.44 -24.55 9.92
N PHE A 206 25.37 -23.81 10.19
CA PHE A 206 24.14 -24.33 10.75
C PHE A 206 23.09 -24.33 9.66
N TYR A 207 22.51 -25.49 9.37
CA TYR A 207 21.45 -25.58 8.39
C TYR A 207 20.10 -25.53 9.11
N VAL A 208 19.27 -24.56 8.75
CA VAL A 208 17.97 -24.35 9.37
C VAL A 208 16.90 -24.79 8.38
N ILE A 209 16.15 -25.83 8.73
CA ILE A 209 15.12 -26.40 7.87
C ILE A 209 13.77 -26.05 8.45
N ILE A 210 12.97 -25.31 7.68
CA ILE A 210 11.65 -24.86 8.11
C ILE A 210 10.61 -25.30 7.09
N ARG A 211 9.36 -25.32 7.53
CA ARG A 211 8.26 -25.82 6.71
C ARG A 211 7.02 -24.97 6.92
N ARG A 212 6.36 -24.59 5.83
CA ARG A 212 5.19 -23.74 5.88
C ARG A 212 3.96 -24.52 6.32
N ARG A 213 3.09 -23.88 7.10
CA ARG A 213 1.82 -24.48 7.49
C ARG A 213 0.77 -24.16 6.44
N PRO A 214 0.36 -25.12 5.59
CA PRO A 214 -0.39 -24.80 4.38
C PRO A 214 -1.91 -24.81 4.56
N LEU A 215 -2.38 -24.29 5.69
CA LEU A 215 -3.80 -24.43 5.97
C LEU A 215 -4.58 -23.25 5.40
N PHE A 216 -4.24 -22.03 5.81
CA PHE A 216 -5.03 -20.88 5.42
C PHE A 216 -4.74 -20.40 4.01
N TYR A 217 -3.67 -20.88 3.38
CA TYR A 217 -3.54 -20.67 1.94
C TYR A 217 -4.46 -21.61 1.18
N ALA A 218 -4.76 -22.78 1.75
CA ALA A 218 -5.58 -23.75 1.05
C ALA A 218 -7.06 -23.39 1.06
N VAL A 219 -7.53 -22.69 2.08
CA VAL A 219 -8.93 -22.30 2.12
C VAL A 219 -9.14 -20.94 1.46
N SER A 220 -8.10 -20.11 1.42
CA SER A 220 -8.22 -18.82 0.76
C SER A 220 -7.90 -18.88 -0.72
N LEU A 221 -7.75 -20.08 -1.28
CA LEU A 221 -7.55 -20.25 -2.70
C LEU A 221 -8.46 -21.31 -3.32
N LEU A 222 -9.03 -22.21 -2.54
CA LEU A 222 -10.00 -23.16 -3.06
C LEU A 222 -11.43 -22.70 -2.89
N LEU A 223 -11.74 -22.04 -1.78
CA LEU A 223 -13.11 -21.65 -1.50
C LEU A 223 -13.67 -20.62 -2.48
N PRO A 224 -12.90 -19.71 -3.10
CA PRO A 224 -13.42 -19.05 -4.29
C PRO A 224 -13.29 -19.85 -5.58
N SER A 225 -12.38 -20.82 -5.64
CA SER A 225 -12.24 -21.57 -6.88
C SER A 225 -13.32 -22.63 -7.03
N ILE A 226 -13.69 -23.28 -5.93
CA ILE A 226 -14.80 -24.24 -5.97
C ILE A 226 -16.12 -23.51 -6.15
N PHE A 227 -16.25 -22.31 -5.57
CA PHE A 227 -17.51 -21.59 -5.59
C PHE A 227 -17.89 -21.13 -6.99
N LEU A 228 -16.95 -20.57 -7.74
CA LEU A 228 -17.26 -20.12 -9.09
C LEU A 228 -17.36 -21.25 -10.09
N MET A 229 -17.02 -22.48 -9.70
CA MET A 229 -17.35 -23.64 -10.53
C MET A 229 -18.76 -24.12 -10.27
N VAL A 230 -19.26 -23.96 -9.05
CA VAL A 230 -20.62 -24.38 -8.74
C VAL A 230 -21.64 -23.47 -9.40
N VAL A 231 -21.37 -22.17 -9.43
CA VAL A 231 -22.25 -21.20 -10.08
C VAL A 231 -22.30 -21.42 -11.59
N ASP A 232 -21.22 -21.93 -12.17
CA ASP A 232 -21.22 -22.21 -13.60
C ASP A 232 -22.06 -23.44 -13.94
N ILE A 233 -22.15 -24.39 -13.02
CA ILE A 233 -22.96 -25.59 -13.26
C ILE A 233 -24.44 -25.25 -13.24
N VAL A 234 -24.84 -24.38 -12.30
CA VAL A 234 -26.23 -23.95 -12.19
C VAL A 234 -26.67 -23.16 -13.42
N GLY A 235 -25.75 -22.46 -14.08
CA GLY A 235 -26.10 -21.65 -15.22
C GLY A 235 -26.39 -22.39 -16.50
N PHE A 236 -26.09 -23.70 -16.55
CA PHE A 236 -26.49 -24.47 -17.72
C PHE A 236 -27.98 -24.76 -17.75
N CYS A 237 -28.65 -24.67 -16.61
CA CYS A 237 -30.07 -24.98 -16.58
C CYS A 237 -30.93 -23.87 -17.15
N LEU A 238 -30.35 -22.72 -17.47
CA LEU A 238 -31.08 -21.72 -18.25
C LEU A 238 -31.32 -22.24 -19.65
N PRO A 239 -32.49 -21.96 -20.23
CA PRO A 239 -32.73 -22.37 -21.61
C PRO A 239 -31.96 -21.49 -22.57
N PRO A 240 -31.39 -22.07 -23.63
CA PRO A 240 -30.49 -21.29 -24.49
C PRO A 240 -31.19 -20.26 -25.37
N ASP A 241 -32.44 -20.50 -25.76
CA ASP A 241 -33.17 -19.48 -26.51
C ASP A 241 -33.95 -18.56 -25.59
N SER A 242 -33.25 -18.04 -24.57
CA SER A 242 -33.83 -17.07 -23.66
C SER A 242 -33.07 -15.76 -23.60
N GLY A 243 -31.90 -15.67 -24.22
CA GLY A 243 -31.15 -14.43 -24.28
C GLY A 243 -30.48 -14.02 -23.00
N GLU A 244 -30.27 -14.95 -22.07
CA GLU A 244 -29.66 -14.64 -20.78
C GLU A 244 -28.47 -15.52 -20.44
N ARG A 245 -28.34 -16.67 -21.12
CA ARG A 245 -27.23 -17.57 -20.81
C ARG A 245 -25.90 -16.97 -21.23
N VAL A 246 -25.88 -16.23 -22.34
CA VAL A 246 -24.64 -15.59 -22.78
C VAL A 246 -24.23 -14.49 -21.81
N SER A 247 -25.19 -13.70 -21.36
CA SER A 247 -24.91 -12.65 -20.37
C SER A 247 -24.56 -13.22 -19.00
N PHE A 248 -25.02 -14.43 -18.71
CA PHE A 248 -24.62 -15.11 -17.49
C PHE A 248 -23.14 -15.48 -17.54
N LYS A 249 -22.71 -16.08 -18.66
CA LYS A 249 -21.37 -16.66 -18.72
C LYS A 249 -20.29 -15.60 -18.81
N ILE A 250 -20.57 -14.44 -19.40
CA ILE A 250 -19.53 -13.44 -19.55
C ILE A 250 -19.38 -12.61 -18.28
N THR A 251 -20.44 -12.47 -17.50
CA THR A 251 -20.33 -11.81 -16.21
C THR A 251 -19.54 -12.67 -15.24
N LEU A 252 -19.80 -13.98 -15.22
CA LEU A 252 -19.10 -14.88 -14.32
C LEU A 252 -17.64 -15.04 -14.73
N LEU A 253 -17.36 -15.03 -16.03
CA LEU A 253 -15.98 -15.06 -16.50
C LEU A 253 -15.28 -13.73 -16.22
N LEU A 254 -16.03 -12.63 -16.21
CA LEU A 254 -15.48 -11.34 -15.79
C LEU A 254 -15.10 -11.37 -14.32
N GLY A 255 -15.99 -11.87 -13.46
CA GLY A 255 -15.73 -11.92 -12.04
C GLY A 255 -14.64 -12.90 -11.64
N TYR A 256 -14.30 -13.84 -12.51
CA TYR A 256 -13.23 -14.78 -12.20
C TYR A 256 -11.87 -14.18 -12.52
N SER A 257 -11.78 -13.39 -13.60
CA SER A 257 -10.51 -12.76 -13.94
C SER A 257 -10.18 -11.62 -12.98
N VAL A 258 -11.19 -11.02 -12.35
CA VAL A 258 -10.97 -10.05 -11.29
C VAL A 258 -10.35 -10.74 -10.08
N PHE A 259 -10.69 -12.01 -9.86
CA PHE A 259 -10.17 -12.72 -8.70
C PHE A 259 -8.69 -13.06 -8.80
N LEU A 260 -8.17 -13.34 -9.99
CA LEU A 260 -6.78 -13.78 -10.09
C LEU A 260 -5.80 -12.64 -9.85
N ILE A 261 -6.20 -11.40 -10.12
CA ILE A 261 -5.27 -10.29 -9.94
C ILE A 261 -5.17 -9.91 -8.47
N ILE A 262 -6.09 -10.39 -7.63
CA ILE A 262 -5.93 -10.30 -6.19
C ILE A 262 -5.04 -11.42 -5.67
N VAL A 263 -5.08 -12.58 -6.33
CA VAL A 263 -4.24 -13.72 -5.95
C VAL A 263 -2.77 -13.42 -6.22
N SER A 264 -2.46 -12.84 -7.38
CA SER A 264 -1.08 -12.49 -7.68
C SER A 264 -0.58 -11.32 -6.85
N ASP A 265 -1.48 -10.54 -6.26
CA ASP A 265 -1.07 -9.43 -5.42
C ASP A 265 -0.56 -9.92 -4.07
N THR A 266 -1.09 -11.03 -3.58
CA THR A 266 -0.72 -11.55 -2.27
C THR A 266 0.23 -12.74 -2.34
N LEU A 267 0.46 -13.30 -3.53
CA LEU A 267 1.30 -14.48 -3.64
C LEU A 267 2.45 -14.17 -4.60
N PRO A 268 3.69 -14.10 -4.14
CA PRO A 268 4.80 -13.74 -5.02
C PRO A 268 5.35 -14.92 -5.80
N ALA A 269 6.24 -14.61 -6.74
CA ALA A 269 6.92 -15.60 -7.54
C ALA A 269 8.37 -15.16 -7.72
N THR A 270 9.25 -16.15 -7.83
CA THR A 270 10.68 -15.90 -7.95
C THR A 270 11.06 -15.80 -9.43
N ALA A 271 12.36 -15.84 -9.73
CA ALA A 271 12.85 -15.66 -11.08
C ALA A 271 12.59 -16.87 -11.97
N ILE A 272 12.27 -18.04 -11.39
CA ILE A 272 11.96 -19.20 -12.22
C ILE A 272 10.51 -19.18 -12.68
N GLY A 273 9.69 -18.29 -12.15
CA GLY A 273 8.30 -18.20 -12.58
C GLY A 273 7.30 -18.63 -11.52
N THR A 274 6.11 -19.01 -11.96
CA THR A 274 5.03 -19.35 -11.06
C THR A 274 5.24 -20.74 -10.45
N PRO A 275 4.63 -21.02 -9.29
CA PRO A 275 4.64 -22.39 -8.76
C PRO A 275 3.76 -23.36 -9.53
N LEU A 276 3.66 -24.58 -8.99
CA LEU A 276 2.90 -25.62 -9.66
C LEU A 276 1.40 -25.39 -9.58
N ILE A 277 0.92 -24.68 -8.56
CA ILE A 277 -0.51 -24.39 -8.48
C ILE A 277 -0.94 -23.28 -9.42
N GLY A 278 0.00 -22.57 -10.04
CA GLY A 278 -0.35 -21.67 -11.12
C GLY A 278 -0.80 -22.39 -12.37
N VAL A 279 -0.39 -23.65 -12.54
CA VAL A 279 -0.90 -24.48 -13.62
C VAL A 279 -2.36 -24.84 -13.34
N TYR A 280 -2.69 -25.12 -12.09
CA TYR A 280 -4.04 -25.57 -11.75
C TYR A 280 -5.06 -24.44 -11.74
N PHE A 281 -4.62 -23.18 -11.87
CA PHE A 281 -5.56 -22.09 -12.04
C PHE A 281 -5.92 -21.86 -13.50
N VAL A 282 -4.97 -22.04 -14.41
CA VAL A 282 -5.29 -21.84 -15.83
C VAL A 282 -5.99 -23.04 -16.43
N VAL A 283 -5.98 -24.19 -15.74
CA VAL A 283 -6.83 -25.29 -16.17
C VAL A 283 -8.28 -25.00 -15.81
N CYS A 284 -8.52 -24.46 -14.62
CA CYS A 284 -9.87 -24.01 -14.27
C CYS A 284 -10.26 -22.76 -15.05
N MET A 285 -9.31 -22.01 -15.59
CA MET A 285 -9.66 -20.89 -16.44
C MET A 285 -10.17 -21.35 -17.79
N ALA A 286 -9.42 -22.23 -18.46
CA ALA A 286 -9.81 -22.69 -19.79
C ALA A 286 -11.01 -23.62 -19.74
N LEU A 287 -11.36 -24.15 -18.57
CA LEU A 287 -12.56 -24.95 -18.43
C LEU A 287 -13.82 -24.11 -18.43
N LEU A 288 -13.71 -22.80 -18.19
CA LEU A 288 -14.83 -21.88 -18.34
C LEU A 288 -14.98 -21.35 -19.75
N VAL A 289 -13.89 -21.29 -20.52
CA VAL A 289 -13.99 -20.83 -21.90
C VAL A 289 -14.64 -21.90 -22.77
N ILE A 290 -14.48 -23.17 -22.41
CA ILE A 290 -15.18 -24.24 -23.12
C ILE A 290 -16.68 -24.14 -22.87
N SER A 291 -17.09 -23.80 -21.66
CA SER A 291 -18.50 -23.60 -21.39
C SER A 291 -19.03 -22.33 -22.03
N LEU A 292 -18.17 -21.35 -22.27
CA LEU A 292 -18.58 -20.16 -23.00
C LEU A 292 -18.72 -20.46 -24.49
N ALA A 293 -17.78 -21.23 -25.04
CA ALA A 293 -17.85 -21.56 -26.46
C ALA A 293 -18.95 -22.56 -26.76
N GLU A 294 -19.37 -23.35 -25.76
CA GLU A 294 -20.50 -24.25 -25.96
C GLU A 294 -21.81 -23.47 -26.00
N THR A 295 -21.90 -22.37 -25.26
CA THR A 295 -23.11 -21.55 -25.28
C THR A 295 -23.25 -20.80 -26.60
N ILE A 296 -22.15 -20.18 -27.07
CA ILE A 296 -22.18 -19.40 -28.30
C ILE A 296 -22.40 -20.30 -29.51
N PHE A 297 -21.93 -21.54 -29.44
CA PHE A 297 -22.18 -22.48 -30.54
C PHE A 297 -23.65 -22.88 -30.62
N ILE A 298 -24.35 -22.92 -29.49
CA ILE A 298 -25.71 -23.40 -29.50
C ILE A 298 -26.73 -22.27 -29.62
N VAL A 299 -26.37 -21.04 -29.26
CA VAL A 299 -27.24 -19.89 -29.51
C VAL A 299 -27.27 -19.58 -31.00
N ARG A 300 -26.15 -19.79 -31.69
CA ARG A 300 -26.11 -19.66 -33.14
C ARG A 300 -26.99 -20.70 -33.82
N LEU A 301 -27.19 -21.84 -33.17
CA LEU A 301 -27.95 -22.93 -33.78
C LEU A 301 -29.45 -22.65 -33.71
N VAL A 302 -29.99 -22.42 -32.51
CA VAL A 302 -31.43 -22.24 -32.33
C VAL A 302 -31.72 -20.74 -32.35
N HIS A 303 -31.83 -20.21 -33.57
CA HIS A 303 -32.13 -18.80 -33.71
C HIS A 303 -32.73 -18.59 -35.09
N LYS A 304 -33.63 -17.64 -35.20
CA LYS A 304 -34.56 -17.58 -36.34
C LYS A 304 -34.00 -16.68 -37.42
N GLN A 305 -33.22 -17.26 -38.33
CA GLN A 305 -32.71 -16.55 -39.50
C GLN A 305 -33.07 -17.31 -40.76
N ASP A 306 -34.21 -16.94 -41.37
CA ASP A 306 -34.75 -17.32 -42.69
C ASP A 306 -34.43 -18.77 -43.07
N LEU A 307 -34.67 -19.66 -42.13
CA LEU A 307 -34.00 -20.94 -42.05
C LEU A 307 -34.47 -21.91 -43.13
N GLN A 308 -33.69 -22.96 -43.31
CA GLN A 308 -34.03 -24.11 -44.13
C GLN A 308 -34.21 -25.33 -43.24
N ARG A 309 -34.75 -26.40 -43.80
CA ARG A 309 -34.85 -27.63 -43.05
C ARG A 309 -33.45 -28.26 -42.94
N PRO A 310 -33.09 -28.84 -41.81
CA PRO A 310 -31.73 -29.37 -41.65
C PRO A 310 -31.47 -30.60 -42.50
N VAL A 311 -30.22 -31.03 -42.50
CA VAL A 311 -29.80 -32.17 -43.30
C VAL A 311 -30.45 -33.44 -42.77
N PRO A 312 -31.07 -34.27 -43.62
CA PRO A 312 -31.66 -35.52 -43.14
C PRO A 312 -30.64 -36.51 -42.63
N ASP A 313 -29.39 -36.43 -43.10
CA ASP A 313 -28.33 -37.22 -42.49
C ASP A 313 -27.99 -36.68 -41.10
N TRP A 314 -27.96 -35.35 -40.95
CA TRP A 314 -27.55 -34.76 -39.68
C TRP A 314 -28.71 -34.63 -38.71
N LEU A 315 -29.92 -35.03 -39.12
CA LEU A 315 -31.04 -35.18 -38.21
C LEU A 315 -31.22 -36.63 -37.76
N ARG A 316 -30.82 -37.60 -38.59
CA ARG A 316 -31.09 -38.99 -38.29
C ARG A 316 -30.15 -39.52 -37.21
N HIS A 317 -28.86 -39.21 -37.29
CA HIS A 317 -27.96 -39.66 -36.23
C HIS A 317 -27.89 -38.69 -35.07
N LEU A 318 -28.80 -37.71 -35.00
CA LEU A 318 -28.91 -36.85 -33.83
C LEU A 318 -30.20 -37.14 -33.08
N VAL A 319 -31.34 -37.10 -33.77
CA VAL A 319 -32.62 -37.27 -33.10
C VAL A 319 -32.85 -38.74 -32.74
N LEU A 320 -32.48 -39.65 -33.63
CA LEU A 320 -32.76 -41.06 -33.38
C LEU A 320 -31.65 -41.76 -32.61
N ASP A 321 -30.40 -41.56 -33.01
CA ASP A 321 -29.30 -42.34 -32.44
C ASP A 321 -28.82 -41.81 -31.09
N ARG A 322 -28.68 -40.49 -30.95
CA ARG A 322 -28.10 -39.94 -29.72
C ARG A 322 -29.05 -40.02 -28.53
N ILE A 323 -30.34 -40.26 -28.76
CA ILE A 323 -31.25 -40.45 -27.64
C ILE A 323 -31.36 -41.93 -27.25
N ALA A 324 -30.90 -42.83 -28.12
CA ALA A 324 -31.00 -44.27 -27.85
C ALA A 324 -29.72 -44.82 -27.26
N TRP A 325 -28.57 -44.36 -27.76
CA TRP A 325 -27.29 -44.90 -27.30
C TRP A 325 -26.79 -44.21 -26.03
N ILE A 326 -27.24 -42.98 -25.76
CA ILE A 326 -26.75 -42.21 -24.62
C ILE A 326 -27.89 -41.79 -23.70
N LEU A 327 -28.90 -41.15 -24.24
CA LEU A 327 -29.97 -40.58 -23.43
C LEU A 327 -31.06 -41.62 -23.20
N CYS A 328 -32.20 -41.19 -22.72
CA CYS A 328 -33.33 -42.08 -22.51
C CYS A 328 -34.60 -41.50 -23.12
N LEU A 385 -68.95 -14.74 -62.54
CA LEU A 385 -67.69 -13.98 -62.54
C LEU A 385 -67.41 -13.43 -61.16
N ALA A 386 -68.47 -13.07 -60.44
CA ALA A 386 -68.32 -12.61 -59.06
C ALA A 386 -68.08 -13.76 -58.11
N VAL A 387 -68.56 -14.96 -58.43
CA VAL A 387 -68.37 -16.11 -57.55
C VAL A 387 -66.95 -16.66 -57.71
N ARG A 388 -66.46 -16.77 -58.95
CA ARG A 388 -65.10 -17.26 -59.16
C ARG A 388 -64.05 -16.22 -58.80
N GLY A 389 -64.44 -14.95 -58.64
CA GLY A 389 -63.51 -13.95 -58.12
C GLY A 389 -63.31 -13.99 -56.62
N LEU A 390 -64.12 -14.78 -55.92
CA LEU A 390 -64.00 -14.89 -54.47
C LEU A 390 -62.85 -15.80 -54.07
N LEU A 391 -62.90 -17.07 -54.48
CA LEU A 391 -61.96 -18.06 -54.01
C LEU A 391 -60.55 -17.88 -54.57
N GLN A 392 -60.39 -17.08 -55.63
CA GLN A 392 -59.05 -16.72 -56.06
C GLN A 392 -58.38 -15.80 -55.05
N GLU A 393 -59.17 -14.96 -54.38
CA GLU A 393 -58.63 -14.13 -53.31
C GLU A 393 -58.46 -14.91 -52.02
N LEU A 394 -59.35 -15.87 -51.76
CA LEU A 394 -59.24 -16.69 -50.55
C LEU A 394 -58.06 -17.64 -50.63
N SER A 395 -57.68 -18.07 -51.83
CA SER A 395 -56.48 -18.89 -51.98
C SER A 395 -55.22 -18.08 -51.73
N SER A 396 -55.28 -16.77 -51.98
CA SER A 396 -54.15 -15.91 -51.64
C SER A 396 -54.04 -15.72 -50.13
N ILE A 397 -55.18 -15.58 -49.45
CA ILE A 397 -55.18 -15.46 -47.99
C ILE A 397 -54.74 -16.77 -47.34
N ARG A 398 -55.07 -17.90 -47.97
CA ARG A 398 -54.54 -19.18 -47.53
C ARG A 398 -53.03 -19.25 -47.76
N HIS A 399 -52.52 -18.56 -48.78
CA HIS A 399 -51.11 -18.64 -49.10
C HIS A 399 -50.25 -17.86 -48.11
N PHE A 400 -50.73 -16.70 -47.65
CA PHE A 400 -49.93 -15.93 -46.70
C PHE A 400 -49.90 -16.56 -45.32
N LEU A 401 -50.97 -17.27 -44.94
CA LEU A 401 -50.93 -18.01 -43.69
C LEU A 401 -50.15 -19.30 -43.79
N GLU A 402 -49.99 -19.85 -45.00
CA GLU A 402 -49.22 -21.08 -45.16
C GLU A 402 -47.73 -20.83 -45.06
N LYS A 403 -47.24 -19.73 -45.63
CA LYS A 403 -45.83 -19.38 -45.51
C LYS A 403 -45.49 -18.94 -44.09
N ARG A 404 -46.47 -18.44 -43.35
CA ARG A 404 -46.25 -18.14 -41.94
C ARG A 404 -46.13 -19.40 -41.10
N ASP A 405 -46.87 -20.45 -41.46
CA ASP A 405 -46.84 -21.67 -40.68
C ASP A 405 -45.62 -22.54 -41.02
N GLU A 406 -45.23 -22.59 -42.29
CA GLU A 406 -44.12 -23.43 -42.69
C GLU A 406 -42.77 -22.88 -42.23
N MET A 407 -42.66 -21.56 -42.06
CA MET A 407 -41.46 -21.01 -41.44
C MET A 407 -41.46 -21.20 -39.94
N ARG A 408 -42.59 -21.54 -39.36
CA ARG A 408 -42.67 -21.79 -37.93
C ARG A 408 -42.33 -23.22 -37.56
N GLU A 409 -42.74 -24.19 -38.39
CA GLU A 409 -42.45 -25.58 -38.10
C GLU A 409 -41.00 -25.96 -38.40
N VAL A 410 -40.33 -25.23 -39.29
CA VAL A 410 -38.91 -25.51 -39.51
C VAL A 410 -38.05 -24.86 -38.45
N ALA A 411 -38.59 -23.89 -37.70
CA ALA A 411 -37.89 -23.38 -36.53
C ALA A 411 -38.04 -24.31 -35.34
N ARG A 412 -39.05 -25.17 -35.34
CA ARG A 412 -39.16 -26.19 -34.30
C ARG A 412 -38.16 -27.30 -34.52
N ASP A 413 -37.91 -27.68 -35.78
CA ASP A 413 -36.99 -28.78 -36.07
C ASP A 413 -35.56 -28.43 -35.72
N TRP A 414 -35.17 -27.17 -35.86
CA TRP A 414 -33.86 -26.76 -35.35
C TRP A 414 -33.87 -26.69 -33.83
N LEU A 415 -35.01 -26.38 -33.23
CA LEU A 415 -35.07 -26.25 -31.78
C LEU A 415 -35.00 -27.62 -31.11
N ARG A 416 -35.50 -28.66 -31.77
CA ARG A 416 -35.38 -30.01 -31.22
C ARG A 416 -33.95 -30.50 -31.28
N VAL A 417 -33.20 -30.10 -32.31
CA VAL A 417 -31.79 -30.47 -32.42
C VAL A 417 -30.96 -29.79 -31.33
N GLY A 418 -31.28 -28.54 -31.02
CA GLY A 418 -30.51 -27.81 -30.03
C GLY A 418 -30.78 -28.20 -28.60
N TYR A 419 -31.72 -29.13 -28.36
CA TYR A 419 -31.96 -29.57 -26.99
C TYR A 419 -31.46 -30.97 -26.72
N VAL A 420 -31.46 -31.84 -27.74
CA VAL A 420 -30.80 -33.13 -27.59
C VAL A 420 -29.30 -32.93 -27.50
N LEU A 421 -28.76 -32.00 -28.29
CA LEU A 421 -27.35 -31.69 -28.27
C LEU A 421 -26.94 -30.86 -27.05
N ASP A 422 -27.88 -30.24 -26.36
CA ASP A 422 -27.54 -29.48 -25.17
C ASP A 422 -27.35 -30.39 -23.96
N ARG A 423 -28.27 -31.32 -23.73
CA ARG A 423 -28.11 -32.25 -22.62
C ARG A 423 -26.99 -33.24 -22.88
N LEU A 424 -26.57 -33.43 -24.12
CA LEU A 424 -25.39 -34.23 -24.41
C LEU A 424 -24.13 -33.52 -23.94
N LEU A 425 -24.00 -32.24 -24.27
CA LEU A 425 -22.81 -31.51 -23.88
C LEU A 425 -22.84 -31.05 -22.42
N PHE A 426 -24.01 -31.10 -21.78
CA PHE A 426 -24.07 -30.85 -20.35
C PHE A 426 -23.54 -32.03 -19.56
N ARG A 427 -23.71 -33.25 -20.07
CA ARG A 427 -23.22 -34.41 -19.34
C ARG A 427 -21.75 -34.70 -19.61
N ILE A 428 -21.24 -34.27 -20.76
CA ILE A 428 -19.81 -34.41 -21.03
C ILE A 428 -19.03 -33.41 -20.20
N TYR A 429 -19.56 -32.19 -20.06
CA TYR A 429 -18.89 -31.18 -19.24
C TYR A 429 -18.94 -31.53 -17.77
N LEU A 430 -20.05 -32.10 -17.31
CA LEU A 430 -20.16 -32.50 -15.91
C LEU A 430 -19.32 -33.73 -15.61
N LEU A 431 -18.99 -34.53 -16.63
CA LEU A 431 -18.09 -35.66 -16.41
C LEU A 431 -16.64 -35.22 -16.31
N ALA A 432 -16.26 -34.16 -17.02
CA ALA A 432 -14.88 -33.68 -16.96
C ALA A 432 -14.59 -32.92 -15.68
N VAL A 433 -15.56 -32.16 -15.18
CA VAL A 433 -15.35 -31.41 -13.94
C VAL A 433 -15.44 -32.28 -12.71
N LEU A 434 -15.89 -33.53 -12.85
CA LEU A 434 -15.86 -34.47 -11.74
C LEU A 434 -14.63 -35.36 -11.79
N ALA A 435 -14.13 -35.66 -12.99
CA ALA A 435 -12.91 -36.45 -13.11
C ALA A 435 -11.69 -35.64 -12.71
N TYR A 436 -11.71 -34.33 -12.98
CA TYR A 436 -10.60 -33.48 -12.56
C TYR A 436 -10.68 -33.13 -11.09
N SER A 437 -11.87 -33.08 -10.52
CA SER A 437 -12.01 -32.73 -9.11
C SER A 437 -11.56 -33.87 -8.21
N ILE A 438 -11.85 -35.12 -8.58
CA ILE A 438 -11.39 -36.23 -7.75
C ILE A 438 -9.93 -36.55 -7.99
N THR A 439 -9.36 -36.10 -9.12
CA THR A 439 -7.93 -36.20 -9.31
C THR A 439 -7.19 -35.23 -8.40
N LEU A 440 -7.78 -34.05 -8.17
CA LEU A 440 -7.14 -33.04 -7.35
C LEU A 440 -7.16 -33.41 -5.87
N VAL A 441 -8.13 -34.22 -5.44
CA VAL A 441 -8.18 -34.68 -4.07
C VAL A 441 -7.43 -36.01 -3.91
N THR A 442 -7.17 -36.72 -5.01
CA THR A 442 -6.35 -37.93 -4.93
C THR A 442 -4.89 -37.59 -4.70
N LEU A 443 -4.40 -36.57 -5.39
CA LEU A 443 -3.01 -36.12 -5.21
C LEU A 443 -2.79 -35.51 -3.84
N TRP A 444 -3.83 -34.92 -3.25
CA TRP A 444 -3.71 -34.36 -1.91
C TRP A 444 -3.71 -35.43 -0.83
N SER A 445 -4.51 -36.48 -1.00
CA SER A 445 -4.63 -37.51 0.01
C SER A 445 -3.42 -38.42 0.09
N ILE A 446 -2.68 -38.59 -1.01
CA ILE A 446 -1.45 -39.36 -0.92
C ILE A 446 -0.32 -38.55 -0.31
N TRP A 447 -0.43 -37.22 -0.30
CA TRP A 447 0.53 -36.38 0.39
C TRP A 447 0.31 -36.40 1.89
N HIS A 448 -0.95 -36.42 2.33
CA HIS A 448 -1.30 -36.21 3.73
C HIS A 448 -0.91 -37.39 4.60
N TYR A 449 -0.86 -38.59 4.02
CA TYR A 449 -0.49 -39.78 4.78
C TYR A 449 1.01 -39.78 5.05
N SER A 450 1.36 -39.78 6.33
CA SER A 450 2.74 -39.70 6.85
C SER A 450 3.51 -38.50 6.30
N THR B 2 38.38 21.85 55.79
CA THR B 2 37.78 22.86 54.92
C THR B 2 36.31 22.56 54.66
N GLN B 3 35.54 23.58 54.30
CA GLN B 3 34.14 23.42 53.94
C GLN B 3 33.85 24.22 52.67
N PRO B 4 34.24 23.69 51.49
CA PRO B 4 33.95 24.42 50.25
C PRO B 4 32.48 24.42 49.86
N ALA B 5 31.88 23.24 49.76
CA ALA B 5 30.52 23.03 49.28
C ALA B 5 30.13 21.61 49.68
N LEU B 6 29.08 21.08 49.07
CA LEU B 6 28.78 19.66 49.22
C LEU B 6 28.95 18.90 47.91
N LEU B 7 29.94 19.32 47.13
CA LEU B 7 30.59 18.46 46.16
C LEU B 7 31.72 17.67 46.79
N ARG B 8 32.03 17.92 48.06
CA ARG B 8 32.97 17.10 48.79
C ARG B 8 32.37 15.77 49.22
N LEU B 9 31.07 15.59 49.10
CA LEU B 9 30.48 14.28 49.29
C LEU B 9 30.75 13.39 48.09
N SER B 10 30.60 13.94 46.88
CA SER B 10 30.63 13.10 45.70
C SER B 10 32.04 12.62 45.36
N ASP B 11 33.07 13.40 45.68
CA ASP B 11 34.42 12.90 45.42
C ASP B 11 34.91 12.00 46.55
N HIS B 12 34.36 12.16 47.76
CA HIS B 12 34.57 11.17 48.79
C HIS B 12 33.93 9.84 48.43
N LEU B 13 32.85 9.89 47.69
CA LEU B 13 32.06 8.72 47.39
C LEU B 13 32.50 8.04 46.11
N LEU B 14 33.25 8.73 45.26
CA LEU B 14 33.69 8.23 43.96
C LEU B 14 35.16 8.48 43.72
N ALA B 15 35.97 8.53 44.79
CA ALA B 15 37.41 8.66 44.62
C ALA B 15 38.00 7.38 44.05
N ASN B 16 37.89 6.30 44.80
CA ASN B 16 38.29 4.97 44.35
C ASN B 16 37.04 4.11 44.32
N TYR B 17 36.30 4.21 43.21
CA TYR B 17 35.11 3.43 42.98
C TYR B 17 35.27 2.73 41.64
N LYS B 18 34.98 1.43 41.61
CA LYS B 18 35.16 0.61 40.42
C LYS B 18 33.80 0.12 39.98
N LYS B 19 33.34 0.59 38.83
CA LYS B 19 32.00 0.33 38.34
C LYS B 19 31.85 -1.00 37.64
N GLY B 20 32.85 -1.88 37.71
CA GLY B 20 32.72 -3.17 37.09
C GLY B 20 32.51 -4.28 38.09
N VAL B 21 32.64 -3.96 39.35
CA VAL B 21 32.56 -4.96 40.42
C VAL B 21 31.15 -4.96 40.97
N ARG B 22 30.56 -6.14 41.11
CA ARG B 22 29.25 -6.26 41.73
C ARG B 22 29.38 -5.91 43.20
N PRO B 23 28.65 -4.93 43.69
CA PRO B 23 28.96 -4.28 44.98
C PRO B 23 28.51 -5.00 46.24
N VAL B 24 29.28 -5.99 46.66
CA VAL B 24 29.05 -6.69 47.93
C VAL B 24 30.37 -6.79 48.67
N ARG B 25 30.28 -6.78 50.01
CA ARG B 25 31.45 -7.06 50.83
C ARG B 25 31.77 -8.55 50.81
N ASP B 26 30.75 -9.38 50.99
CA ASP B 26 30.88 -10.82 50.93
C ASP B 26 30.30 -11.30 49.61
N TRP B 27 31.10 -12.03 48.84
CA TRP B 27 30.70 -12.44 47.51
C TRP B 27 29.65 -13.54 47.50
N ARG B 28 29.32 -14.11 48.65
CA ARG B 28 28.36 -15.20 48.74
C ARG B 28 26.92 -14.71 48.80
N LYS B 29 26.69 -13.42 48.96
CA LYS B 29 25.34 -12.93 49.10
C LYS B 29 24.87 -12.28 47.81
N PRO B 30 23.66 -12.55 47.35
CA PRO B 30 23.21 -11.98 46.09
C PRO B 30 22.77 -10.53 46.23
N THR B 31 22.68 -9.86 45.10
CA THR B 31 22.13 -8.52 45.00
C THR B 31 20.66 -8.62 44.62
N THR B 32 19.79 -8.02 45.42
CA THR B 32 18.35 -8.15 45.25
C THR B 32 17.80 -6.89 44.61
N VAL B 33 17.14 -7.05 43.46
CA VAL B 33 16.63 -5.94 42.66
C VAL B 33 15.11 -5.97 42.75
N SER B 34 14.51 -4.84 43.15
CA SER B 34 13.08 -4.72 43.35
C SER B 34 12.50 -3.85 42.25
N ILE B 35 11.64 -4.41 41.42
CA ILE B 35 11.15 -3.73 40.22
C ILE B 35 9.68 -3.38 40.37
N ASP B 36 9.17 -2.59 39.42
CA ASP B 36 7.79 -2.09 39.41
C ASP B 36 7.47 -1.55 38.03
N VAL B 37 6.21 -1.66 37.61
CA VAL B 37 5.78 -1.37 36.23
C VAL B 37 4.42 -0.66 36.26
N ILE B 38 4.25 0.38 35.44
CA ILE B 38 2.95 0.89 35.05
C ILE B 38 2.85 0.90 33.53
N MET B 39 1.80 0.28 32.99
CA MET B 39 1.54 0.34 31.56
C MET B 39 1.01 1.70 31.16
N TYR B 40 1.53 2.26 30.08
CA TYR B 40 1.12 3.58 29.62
C TYR B 40 0.33 3.56 28.31
N ALA B 41 0.74 2.78 27.33
CA ALA B 41 0.02 2.76 26.06
C ALA B 41 0.23 1.43 25.36
N ILE B 42 -0.80 1.00 24.64
CA ILE B 42 -0.69 -0.13 23.73
C ILE B 42 -0.52 0.46 22.34
N LEU B 43 0.69 0.36 21.79
CA LEU B 43 0.96 1.06 20.54
C LEU B 43 0.50 0.27 19.33
N ASN B 44 0.73 -1.03 19.31
CA ASN B 44 0.45 -1.81 18.12
C ASN B 44 0.25 -3.26 18.52
N VAL B 45 -0.73 -3.91 17.91
CA VAL B 45 -0.94 -5.35 18.06
C VAL B 45 -0.95 -5.93 16.65
N ASP B 46 0.07 -6.72 16.32
CA ASP B 46 0.26 -7.25 14.98
C ASP B 46 -0.19 -8.70 14.97
N GLU B 47 -1.34 -8.98 14.37
CA GLU B 47 -1.88 -10.33 14.41
C GLU B 47 -1.17 -11.26 13.44
N LYS B 48 -0.64 -10.73 12.34
CA LYS B 48 0.01 -11.57 11.36
C LYS B 48 1.39 -12.02 11.82
N ASN B 49 2.18 -11.11 12.37
CA ASN B 49 3.54 -11.40 12.77
C ASN B 49 3.67 -11.82 14.23
N GLN B 50 2.56 -11.80 14.98
CA GLN B 50 2.49 -12.20 16.39
C GLN B 50 3.39 -11.33 17.28
N VAL B 51 3.32 -10.01 17.08
CA VAL B 51 4.22 -9.06 17.73
C VAL B 51 3.39 -7.99 18.44
N LEU B 52 3.70 -7.75 19.71
CA LEU B 52 3.05 -6.73 20.52
C LEU B 52 4.03 -5.58 20.78
N THR B 53 3.53 -4.34 20.69
CA THR B 53 4.34 -3.16 20.93
C THR B 53 3.66 -2.27 21.96
N THR B 54 4.29 -2.10 23.12
CA THR B 54 3.72 -1.33 24.21
C THR B 54 4.71 -0.23 24.62
N TYR B 55 4.37 0.48 25.70
CA TYR B 55 5.23 1.54 26.22
C TYR B 55 4.93 1.63 27.71
N ILE B 56 5.92 1.35 28.56
CA ILE B 56 5.71 1.28 29.99
C ILE B 56 6.55 2.34 30.69
N TRP B 57 6.27 2.52 31.98
CA TRP B 57 7.13 3.28 32.88
C TRP B 57 7.71 2.32 33.90
N TYR B 58 9.02 2.33 34.04
CA TYR B 58 9.74 1.31 34.79
C TYR B 58 10.55 1.95 35.90
N ARG B 59 10.70 1.25 37.02
CA ARG B 59 11.56 1.71 38.10
C ARG B 59 12.09 0.50 38.85
N GLN B 60 13.24 0.69 39.51
CA GLN B 60 13.92 -0.42 40.19
C GLN B 60 14.87 0.14 41.23
N TYR B 61 15.13 -0.62 42.28
CA TYR B 61 16.20 -0.24 43.20
C TYR B 61 16.96 -1.47 43.66
N TRP B 62 18.16 -1.22 44.16
CA TRP B 62 19.02 -2.26 44.72
C TRP B 62 19.89 -1.61 45.78
N THR B 63 20.70 -2.42 46.46
CA THR B 63 21.53 -1.94 47.56
C THR B 63 22.99 -1.99 47.13
N ASP B 64 23.69 -0.87 47.30
CA ASP B 64 25.10 -0.74 46.97
C ASP B 64 25.88 -0.59 48.27
N GLU B 65 26.74 -1.58 48.54
CA GLU B 65 27.48 -1.62 49.80
C GLU B 65 28.55 -0.54 49.89
N PHE B 66 28.97 0.01 48.76
CA PHE B 66 30.10 0.91 48.71
C PHE B 66 29.71 2.38 48.71
N LEU B 67 28.45 2.69 48.43
CA LEU B 67 27.98 4.07 48.44
C LEU B 67 27.23 4.34 49.75
N GLN B 68 28.00 4.46 50.83
CA GLN B 68 27.42 4.70 52.15
C GLN B 68 28.17 5.82 52.84
N TRP B 69 27.44 6.64 53.59
CA TRP B 69 28.06 7.73 54.33
C TRP B 69 27.19 8.05 55.53
N THR B 70 27.81 8.64 56.53
CA THR B 70 27.01 9.22 57.59
C THR B 70 26.54 10.61 57.17
N PRO B 71 25.30 10.98 57.47
CA PRO B 71 24.80 12.28 57.01
C PRO B 71 25.40 13.45 57.75
N GLU B 72 25.81 13.26 59.00
CA GLU B 72 26.67 14.25 59.63
C GLU B 72 28.06 14.19 59.01
N ASP B 73 28.80 15.28 59.21
CA ASP B 73 30.05 15.64 58.51
C ASP B 73 29.85 15.87 57.02
N PHE B 74 28.61 15.94 56.55
CA PHE B 74 28.29 16.35 55.19
C PHE B 74 27.04 17.23 55.18
N ASP B 75 26.82 17.97 56.27
CA ASP B 75 25.77 19.00 56.39
C ASP B 75 24.38 18.39 56.22
N ASN B 76 24.17 17.23 56.84
CA ASN B 76 22.88 16.53 56.89
C ASN B 76 22.32 16.18 55.52
N VAL B 77 23.17 15.86 54.55
CA VAL B 77 22.68 15.41 53.25
C VAL B 77 22.28 13.94 53.37
N THR B 78 21.03 13.64 53.06
CA THR B 78 20.54 12.27 53.14
C THR B 78 20.39 11.59 51.79
N LYS B 79 20.29 12.33 50.70
CA LYS B 79 20.36 11.73 49.37
C LYS B 79 20.89 12.75 48.37
N LEU B 80 21.38 12.24 47.25
CA LEU B 80 21.89 13.09 46.18
C LEU B 80 21.78 12.32 44.88
N SER B 81 21.97 13.05 43.78
CA SER B 81 21.87 12.47 42.45
C SER B 81 23.26 12.29 41.85
N ILE B 82 23.47 11.16 41.19
CA ILE B 82 24.74 10.73 40.63
C ILE B 82 24.49 10.33 39.19
N PRO B 83 25.42 10.59 38.24
CA PRO B 83 25.23 10.09 36.88
C PRO B 83 25.17 8.57 36.81
N THR B 84 24.45 8.08 35.80
CA THR B 84 24.16 6.65 35.71
C THR B 84 25.40 5.87 35.30
N ASP B 85 26.25 6.45 34.45
CA ASP B 85 27.41 5.75 33.91
C ASP B 85 28.61 5.84 34.83
N SER B 86 28.41 6.10 36.12
CA SER B 86 29.50 6.11 37.08
C SER B 86 29.42 4.98 38.08
N ILE B 87 28.33 4.20 38.10
CA ILE B 87 28.10 3.17 39.09
C ILE B 87 27.75 1.86 38.41
N TRP B 88 27.67 0.82 39.21
CA TRP B 88 27.27 -0.51 38.73
C TRP B 88 25.77 -0.52 38.47
N VAL B 89 25.36 -1.05 37.33
CA VAL B 89 23.95 -1.18 36.98
C VAL B 89 23.67 -2.62 36.57
N PRO B 90 22.64 -3.27 37.09
CA PRO B 90 22.34 -4.65 36.68
C PRO B 90 21.77 -4.71 35.28
N ASP B 91 21.80 -5.91 34.71
CA ASP B 91 21.38 -6.14 33.33
C ASP B 91 20.04 -6.88 33.31
N ILE B 92 18.95 -6.12 33.39
CA ILE B 92 17.61 -6.68 33.42
C ILE B 92 17.02 -6.56 32.03
N LEU B 93 16.75 -7.71 31.41
CA LEU B 93 16.18 -7.75 30.07
C LEU B 93 14.84 -8.47 30.08
N ILE B 94 14.31 -8.70 28.89
CA ILE B 94 13.06 -9.41 28.70
C ILE B 94 13.33 -10.64 27.84
N ASN B 95 12.72 -11.77 28.20
CA ASN B 95 12.84 -12.95 27.36
C ASN B 95 12.18 -12.78 26.02
N GLU B 96 11.09 -12.02 25.94
CA GLU B 96 10.29 -11.99 24.73
C GLU B 96 10.71 -10.94 23.73
N PHE B 97 11.91 -10.37 23.84
CA PHE B 97 12.39 -9.42 22.85
C PHE B 97 12.54 -10.04 21.47
N VAL B 98 12.09 -9.30 20.46
CA VAL B 98 12.41 -9.60 19.07
C VAL B 98 12.98 -8.40 18.34
N ASP B 99 13.15 -7.27 19.02
CA ASP B 99 13.60 -6.03 18.41
C ASP B 99 14.11 -5.15 19.53
N VAL B 100 14.57 -3.95 19.20
CA VAL B 100 14.98 -2.95 20.17
C VAL B 100 14.16 -1.69 19.92
N GLY B 101 13.37 -1.30 20.91
CA GLY B 101 12.64 -0.06 20.79
C GLY B 101 13.48 1.14 21.16
N LYS B 102 13.03 2.30 20.69
CA LYS B 102 13.73 3.55 20.95
C LYS B 102 13.13 4.22 22.18
N SER B 103 13.94 4.37 23.22
CA SER B 103 13.52 4.94 24.49
C SER B 103 14.41 6.11 24.83
N PRO B 104 13.88 7.11 25.54
CA PRO B 104 14.72 8.23 25.99
C PRO B 104 15.72 7.79 27.03
N ASN B 105 16.85 8.49 27.07
CA ASN B 105 17.91 8.19 28.01
C ASN B 105 17.72 9.03 29.27
N ILE B 106 17.86 8.40 30.43
CA ILE B 106 17.77 9.08 31.71
C ILE B 106 19.17 9.03 32.35
N PRO B 107 19.87 10.16 32.45
CA PRO B 107 21.28 10.12 32.86
C PRO B 107 21.54 10.23 34.36
N TYR B 108 20.56 10.13 35.23
CA TYR B 108 20.82 10.31 36.66
C TYR B 108 20.08 9.25 37.47
N VAL B 109 20.62 8.95 38.66
CA VAL B 109 19.98 8.09 39.64
C VAL B 109 20.05 8.76 41.01
N TYR B 110 19.19 8.32 41.92
CA TYR B 110 19.22 8.70 43.32
C TYR B 110 20.05 7.72 44.14
N VAL B 111 20.70 8.22 45.18
CA VAL B 111 21.46 7.39 46.11
C VAL B 111 21.15 7.87 47.52
N HIS B 112 20.59 6.99 48.34
CA HIS B 112 20.34 7.32 49.74
C HIS B 112 21.55 6.96 50.58
N HIS B 113 21.52 7.35 51.86
CA HIS B 113 22.74 7.27 52.65
C HIS B 113 22.97 5.90 53.26
N ARG B 114 22.10 4.93 53.00
CA ARG B 114 22.36 3.55 53.36
C ARG B 114 22.79 2.69 52.18
N GLY B 115 22.82 3.26 50.99
CA GLY B 115 23.26 2.54 49.81
C GLY B 115 22.16 2.22 48.83
N GLU B 116 20.93 2.59 49.11
CA GLU B 116 19.82 2.29 48.22
C GLU B 116 19.89 3.19 46.99
N VAL B 117 19.97 2.57 45.81
CA VAL B 117 20.14 3.29 44.55
C VAL B 117 18.86 3.12 43.75
N GLN B 118 18.19 4.22 43.44
CA GLN B 118 16.89 4.19 42.76
C GLN B 118 17.03 4.66 41.32
N ASN B 119 16.40 3.94 40.40
CA ASN B 119 16.55 4.18 38.97
C ASN B 119 15.17 4.26 38.34
N TYR B 120 14.90 5.33 37.62
CA TYR B 120 13.63 5.57 36.94
C TYR B 120 13.89 5.71 35.44
N LYS B 121 13.17 4.96 34.62
CA LYS B 121 13.34 5.09 33.18
C LYS B 121 12.10 4.61 32.44
N PRO B 122 11.75 5.24 31.32
CA PRO B 122 10.68 4.71 30.47
C PRO B 122 11.23 3.79 29.39
N LEU B 123 10.38 2.85 28.95
CA LEU B 123 10.81 1.82 28.02
C LEU B 123 9.76 1.58 26.97
N GLN B 124 10.20 1.44 25.72
CA GLN B 124 9.36 0.95 24.63
C GLN B 124 9.72 -0.49 24.34
N LEU B 125 8.72 -1.36 24.33
CA LEU B 125 8.95 -2.80 24.29
C LEU B 125 8.34 -3.38 23.02
N VAL B 126 9.13 -4.13 22.27
CA VAL B 126 8.65 -4.82 21.08
C VAL B 126 8.81 -6.30 21.36
N THR B 127 7.74 -6.94 21.83
CA THR B 127 7.81 -8.32 22.26
C THR B 127 7.01 -9.22 21.33
N ALA B 128 7.05 -10.52 21.60
CA ALA B 128 6.39 -11.52 20.79
C ALA B 128 5.48 -12.35 21.69
N CYS B 129 4.17 -12.26 21.46
CA CYS B 129 3.22 -13.08 22.19
C CYS B 129 2.27 -13.75 21.22
N SER B 130 1.71 -14.88 21.64
CA SER B 130 0.80 -15.65 20.81
C SER B 130 -0.60 -15.05 20.87
N LEU B 131 -1.21 -14.86 19.70
CA LEU B 131 -2.48 -14.17 19.58
C LEU B 131 -3.48 -15.10 18.89
N ASP B 132 -4.51 -15.52 19.62
CA ASP B 132 -5.59 -16.29 19.04
C ASP B 132 -6.80 -15.39 18.78
N ILE B 133 -7.34 -15.48 17.56
CA ILE B 133 -8.36 -14.55 17.12
C ILE B 133 -9.62 -15.30 16.74
N TYR B 134 -9.90 -16.39 17.45
CA TYR B 134 -10.99 -17.31 17.10
C TYR B 134 -12.36 -16.64 17.11
N ASN B 135 -12.57 -15.67 18.00
CA ASN B 135 -13.77 -14.84 18.00
C ASN B 135 -13.30 -13.39 17.82
N PHE B 136 -13.29 -12.94 16.55
CA PHE B 136 -12.34 -11.90 16.14
C PHE B 136 -12.59 -10.52 16.74
N PRO B 137 -13.82 -9.95 16.77
CA PRO B 137 -13.91 -8.64 17.42
C PRO B 137 -14.09 -8.76 18.92
N PHE B 138 -14.63 -9.88 19.41
CA PHE B 138 -14.93 -10.03 20.83
C PHE B 138 -13.85 -10.88 21.50
N ASP B 139 -12.60 -10.48 21.35
CA ASP B 139 -11.48 -11.31 21.81
C ASP B 139 -10.69 -10.64 22.92
N VAL B 140 -10.22 -11.47 23.86
CA VAL B 140 -9.42 -11.04 25.00
C VAL B 140 -8.06 -11.70 24.87
N GLN B 141 -7.01 -10.90 24.82
CA GLN B 141 -5.66 -11.42 24.64
C GLN B 141 -4.93 -11.47 25.98
N ASN B 142 -3.91 -12.32 26.04
CA ASN B 142 -3.16 -12.59 27.27
C ASN B 142 -1.69 -12.75 26.87
N CYS B 143 -0.96 -11.64 26.91
CA CYS B 143 0.44 -11.62 26.55
C CYS B 143 1.29 -11.38 27.79
N SER B 144 2.58 -11.70 27.68
CA SER B 144 3.45 -11.81 28.84
C SER B 144 4.67 -10.92 28.71
N LEU B 145 5.18 -10.46 29.85
CA LEU B 145 6.44 -9.74 29.96
C LEU B 145 7.24 -10.38 31.07
N THR B 146 8.44 -10.84 30.76
CA THR B 146 9.25 -11.61 31.72
C THR B 146 10.57 -10.90 31.94
N PHE B 147 10.72 -10.25 33.09
CA PHE B 147 11.94 -9.53 33.40
C PHE B 147 12.93 -10.48 34.06
N THR B 148 14.14 -10.53 33.53
CA THR B 148 15.13 -11.46 34.03
C THR B 148 16.52 -10.86 33.87
N SER B 149 17.48 -11.42 34.59
CA SER B 149 18.88 -11.06 34.40
C SER B 149 19.49 -11.98 33.37
N TRP B 150 20.19 -11.42 32.40
CA TRP B 150 20.59 -12.24 31.27
C TRP B 150 21.85 -13.04 31.54
N LEU B 151 22.82 -12.49 32.25
CA LEU B 151 24.05 -13.22 32.54
C LEU B 151 24.03 -13.86 33.92
N HIS B 152 23.75 -13.08 34.95
CA HIS B 152 23.94 -13.55 36.32
C HIS B 152 22.88 -14.56 36.72
N THR B 153 23.28 -15.54 37.52
CA THR B 153 22.40 -16.60 37.94
C THR B 153 21.71 -16.22 39.24
N ILE B 154 21.01 -17.18 39.86
CA ILE B 154 20.23 -16.93 41.06
C ILE B 154 21.11 -16.67 42.28
N GLN B 155 22.38 -17.07 42.23
CA GLN B 155 23.29 -16.79 43.32
C GLN B 155 23.93 -15.41 43.23
N ASP B 156 23.61 -14.64 42.20
CA ASP B 156 24.15 -13.28 42.07
C ASP B 156 23.06 -12.23 42.08
N ILE B 157 22.01 -12.40 41.30
CA ILE B 157 20.93 -11.41 41.20
C ILE B 157 19.61 -12.13 41.38
N ASN B 158 18.81 -11.68 42.35
CA ASN B 158 17.45 -12.14 42.54
C ASN B 158 16.51 -10.95 42.36
N ILE B 159 15.32 -11.22 41.83
CA ILE B 159 14.35 -10.19 41.46
C ILE B 159 13.14 -10.29 42.37
N THR B 160 12.72 -9.16 42.95
CA THR B 160 11.56 -9.09 43.82
C THR B 160 10.69 -7.95 43.30
N LEU B 161 9.51 -7.76 43.89
CA LEU B 161 8.66 -6.61 43.63
C LEU B 161 8.93 -5.49 44.62
N TRP B 162 8.74 -4.26 44.14
CA TRP B 162 8.76 -3.08 45.00
C TRP B 162 7.65 -3.17 46.02
N ARG B 163 6.42 -3.14 45.55
CA ARG B 163 5.20 -3.08 46.35
C ARG B 163 4.40 -4.37 46.16
N SER B 164 3.24 -4.42 46.79
CA SER B 164 2.46 -5.65 46.85
C SER B 164 1.84 -5.96 45.49
N PRO B 165 1.60 -7.25 45.19
CA PRO B 165 0.99 -7.59 43.88
C PRO B 165 -0.47 -7.21 43.76
N GLU B 166 -1.12 -6.76 44.82
CA GLU B 166 -2.50 -6.28 44.69
C GLU B 166 -2.53 -4.82 44.27
N GLU B 167 -1.52 -4.05 44.64
CA GLU B 167 -1.43 -2.66 44.18
C GLU B 167 -1.01 -2.57 42.73
N VAL B 168 -0.26 -3.56 42.24
CA VAL B 168 0.14 -3.55 40.85
C VAL B 168 -1.03 -3.96 39.96
N ARG B 169 -1.89 -4.85 40.45
CA ARG B 169 -2.95 -5.41 39.61
C ARG B 169 -4.06 -4.41 39.35
N SER B 170 -4.32 -3.51 40.29
CA SER B 170 -5.44 -2.58 40.22
C SER B 170 -5.00 -1.17 39.84
N ASP B 171 -4.02 -1.04 38.95
CA ASP B 171 -3.46 0.25 38.59
C ASP B 171 -3.74 0.51 37.12
N LYS B 172 -4.73 1.37 36.85
CA LYS B 172 -5.07 1.83 35.50
C LYS B 172 -5.20 3.35 35.50
N SER B 173 -4.25 4.02 36.14
CA SER B 173 -4.41 5.45 36.41
C SER B 173 -4.06 6.31 35.21
N ILE B 174 -3.03 5.94 34.46
CA ILE B 174 -2.48 6.79 33.42
C ILE B 174 -2.68 6.24 32.04
N PHE B 175 -3.41 5.14 31.89
CA PHE B 175 -3.49 4.44 30.62
C PHE B 175 -4.26 5.26 29.59
N ILE B 176 -3.63 5.48 28.44
CA ILE B 176 -4.21 6.29 27.36
C ILE B 176 -5.33 5.46 26.70
N ASN B 177 -6.57 5.91 26.87
CA ASN B 177 -7.72 5.20 26.34
C ASN B 177 -8.06 5.72 24.93
N GLN B 178 -9.28 5.37 24.47
CA GLN B 178 -9.84 5.73 23.16
C GLN B 178 -9.00 5.23 22.01
N GLY B 179 -8.28 4.14 22.20
CA GLY B 179 -7.32 3.69 21.22
C GLY B 179 -7.39 2.22 20.89
N GLU B 180 -8.63 1.70 20.76
CA GLU B 180 -8.96 0.44 20.10
C GLU B 180 -8.63 -0.79 20.93
N TRP B 181 -7.86 -0.64 22.00
CA TRP B 181 -7.58 -1.71 22.95
C TRP B 181 -7.83 -1.20 24.36
N GLU B 182 -8.25 -2.10 25.23
CA GLU B 182 -8.65 -1.76 26.59
C GLU B 182 -7.87 -2.62 27.57
N LEU B 183 -7.14 -1.95 28.47
CA LEU B 183 -6.36 -2.66 29.47
C LEU B 183 -7.25 -3.15 30.60
N LEU B 184 -7.21 -4.44 30.90
CA LEU B 184 -7.99 -5.00 31.99
C LEU B 184 -7.18 -5.10 33.29
N GLU B 185 -6.08 -5.83 33.27
CA GLU B 185 -5.24 -5.95 34.46
C GLU B 185 -3.81 -6.29 34.07
N VAL B 186 -2.91 -6.11 35.04
CA VAL B 186 -1.50 -6.47 34.91
C VAL B 186 -1.15 -7.27 36.17
N PHE B 187 -0.88 -8.56 36.02
CA PHE B 187 -0.72 -9.44 37.16
C PHE B 187 0.69 -9.99 37.25
N PRO B 188 1.40 -9.78 38.36
CA PRO B 188 2.78 -10.29 38.50
C PRO B 188 2.87 -11.67 39.13
N GLN B 189 3.97 -12.35 38.82
CA GLN B 189 4.18 -13.73 39.26
C GLN B 189 5.67 -14.06 39.21
N PHE B 190 6.20 -14.61 40.30
CA PHE B 190 7.61 -14.98 40.39
C PHE B 190 7.82 -16.43 40.00
N LYS B 191 8.80 -16.69 39.13
CA LYS B 191 9.18 -18.03 38.75
C LYS B 191 10.71 -18.12 38.75
N GLU B 192 11.21 -19.30 38.38
CA GLU B 192 12.64 -19.55 38.34
C GLU B 192 12.95 -20.37 37.09
N PHE B 193 13.76 -19.80 36.20
CA PHE B 193 13.98 -20.32 34.87
C PHE B 193 15.19 -21.25 34.87
N SER B 194 15.10 -22.33 34.09
CA SER B 194 16.19 -23.30 33.98
C SER B 194 16.00 -24.10 32.72
N ILE B 195 17.04 -24.16 31.88
CA ILE B 195 17.05 -25.09 30.74
C ILE B 195 17.90 -26.31 31.05
N ASP B 196 19.16 -26.10 31.42
CA ASP B 196 20.03 -27.18 31.84
C ASP B 196 20.15 -27.20 33.35
N ILE B 197 20.92 -28.17 33.85
CA ILE B 197 21.13 -28.28 35.28
C ILE B 197 22.19 -27.27 35.72
N SER B 198 22.18 -26.99 37.03
CA SER B 198 23.12 -26.14 37.77
C SER B 198 23.12 -24.67 37.35
N ASN B 199 22.17 -24.21 36.54
CA ASN B 199 22.05 -22.81 36.19
C ASN B 199 20.58 -22.41 36.28
N SER B 200 20.24 -21.63 37.29
CA SER B 200 18.90 -21.13 37.48
C SER B 200 18.92 -19.62 37.40
N TYR B 201 17.88 -19.04 36.83
CA TYR B 201 17.79 -17.60 36.63
C TYR B 201 16.49 -17.10 37.23
N ALA B 202 16.57 -16.01 37.98
CA ALA B 202 15.37 -15.40 38.53
C ALA B 202 14.61 -14.70 37.44
N GLU B 203 13.28 -14.83 37.46
CA GLU B 203 12.46 -14.10 36.52
C GLU B 203 11.19 -13.64 37.21
N MET B 204 10.47 -12.73 36.58
CA MET B 204 9.28 -12.11 37.15
C MET B 204 8.31 -11.84 36.01
N LYS B 205 7.32 -12.71 35.85
CA LYS B 205 6.36 -12.57 34.77
C LYS B 205 5.26 -11.58 35.14
N PHE B 206 4.99 -10.65 34.24
CA PHE B 206 3.82 -9.79 34.28
C PHE B 206 2.88 -10.23 33.19
N TYR B 207 1.65 -10.59 33.53
CA TYR B 207 0.66 -10.96 32.55
C TYR B 207 -0.20 -9.75 32.22
N VAL B 208 -0.23 -9.37 30.95
CA VAL B 208 -0.97 -8.20 30.49
C VAL B 208 -2.20 -8.69 29.74
N ILE B 209 -3.38 -8.39 30.26
CA ILE B 209 -4.64 -8.84 29.68
C ILE B 209 -5.35 -7.64 29.07
N ILE B 210 -5.57 -7.69 27.76
CA ILE B 210 -6.19 -6.60 27.01
C ILE B 210 -7.40 -7.13 26.26
N ARG B 211 -8.29 -6.20 25.89
CA ARG B 211 -9.55 -6.56 25.24
C ARG B 211 -9.88 -5.56 24.15
N ARG B 212 -10.28 -6.06 23.00
CA ARG B 212 -10.58 -5.22 21.85
C ARG B 212 -11.94 -4.56 22.01
N ARG B 213 -12.06 -3.30 21.54
CA ARG B 213 -13.34 -2.61 21.52
C ARG B 213 -14.06 -2.92 20.23
N PRO B 214 -15.11 -3.75 20.23
CA PRO B 214 -15.66 -4.33 19.00
C PRO B 214 -16.76 -3.50 18.35
N LEU B 215 -16.60 -2.18 18.35
CA LEU B 215 -17.70 -1.35 17.87
C LEU B 215 -17.60 -1.11 16.38
N PHE B 216 -16.50 -0.53 15.93
CA PHE B 216 -16.38 -0.13 14.55
C PHE B 216 -16.07 -1.29 13.61
N TYR B 217 -15.68 -2.45 14.14
CA TYR B 217 -15.65 -3.64 13.30
C TYR B 217 -17.06 -4.18 13.09
N ALA B 218 -17.96 -3.93 14.04
CA ALA B 218 -19.32 -4.47 13.93
C ALA B 218 -20.17 -3.68 12.95
N VAL B 219 -19.91 -2.39 12.77
CA VAL B 219 -20.70 -1.61 11.82
C VAL B 219 -20.05 -1.63 10.44
N SER B 220 -18.74 -1.86 10.37
CA SER B 220 -18.10 -1.95 9.07
C SER B 220 -18.12 -3.36 8.50
N LEU B 221 -18.87 -4.27 9.09
CA LEU B 221 -19.04 -5.60 8.56
C LEU B 221 -20.50 -6.05 8.51
N LEU B 222 -21.39 -5.44 9.26
CA LEU B 222 -22.82 -5.74 9.16
C LEU B 222 -23.55 -4.81 8.21
N LEU B 223 -23.19 -3.53 8.20
CA LEU B 223 -23.91 -2.57 7.38
C LEU B 223 -23.80 -2.81 5.87
N PRO B 224 -22.72 -3.37 5.32
CA PRO B 224 -22.85 -3.93 3.96
C PRO B 224 -23.47 -5.32 3.91
N SER B 225 -23.44 -6.08 4.99
CA SER B 225 -24.00 -7.43 4.92
C SER B 225 -25.52 -7.41 5.03
N ILE B 226 -26.06 -6.53 5.88
CA ILE B 226 -27.51 -6.38 5.96
C ILE B 226 -28.04 -5.71 4.70
N PHE B 227 -27.28 -4.78 4.12
CA PHE B 227 -27.74 -4.00 2.98
C PHE B 227 -27.93 -4.86 1.74
N LEU B 228 -26.97 -5.73 1.42
CA LEU B 228 -27.11 -6.57 0.25
C LEU B 228 -28.08 -7.72 0.45
N MET B 229 -28.56 -7.95 1.67
CA MET B 229 -29.69 -8.85 1.87
C MET B 229 -31.02 -8.17 1.62
N VAL B 230 -31.10 -6.87 1.91
CA VAL B 230 -32.35 -6.13 1.69
C VAL B 230 -32.61 -5.95 0.21
N VAL B 231 -31.55 -5.67 -0.57
CA VAL B 231 -31.66 -5.51 -2.01
C VAL B 231 -32.08 -6.83 -2.68
N ASP B 232 -31.70 -7.96 -2.11
CA ASP B 232 -32.08 -9.24 -2.67
C ASP B 232 -33.56 -9.55 -2.42
N ILE B 233 -34.12 -9.04 -1.32
CA ILE B 233 -35.53 -9.27 -1.03
C ILE B 233 -36.41 -8.47 -1.99
N VAL B 234 -35.99 -7.24 -2.31
CA VAL B 234 -36.74 -6.39 -3.23
C VAL B 234 -36.72 -6.97 -4.64
N GLY B 235 -35.67 -7.70 -5.00
CA GLY B 235 -35.58 -8.24 -6.34
C GLY B 235 -36.47 -9.43 -6.65
N PHE B 236 -37.10 -10.03 -5.64
CA PHE B 236 -38.08 -11.07 -5.93
C PHE B 236 -39.37 -10.51 -6.49
N CYS B 237 -39.66 -9.24 -6.27
CA CYS B 237 -40.91 -8.67 -6.75
C CYS B 237 -40.91 -8.41 -8.25
N LEU B 238 -39.78 -8.58 -8.92
CA LEU B 238 -39.77 -8.57 -10.38
C LEU B 238 -40.50 -9.81 -10.89
N PRO B 239 -41.28 -9.69 -11.97
CA PRO B 239 -41.92 -10.86 -12.54
C PRO B 239 -40.91 -11.72 -13.26
N PRO B 240 -41.02 -13.06 -13.13
CA PRO B 240 -39.96 -13.92 -13.68
C PRO B 240 -39.96 -14.03 -15.19
N ASP B 241 -41.09 -13.86 -15.86
CA ASP B 241 -41.08 -13.84 -17.32
C ASP B 241 -40.92 -12.43 -17.86
N SER B 242 -39.92 -11.72 -17.34
CA SER B 242 -39.58 -10.39 -17.81
C SER B 242 -38.15 -10.27 -18.30
N GLY B 243 -37.32 -11.28 -18.11
CA GLY B 243 -35.96 -11.26 -18.62
C GLY B 243 -35.00 -10.36 -17.88
N GLU B 244 -35.31 -9.97 -16.64
CA GLU B 244 -34.47 -9.07 -15.88
C GLU B 244 -34.12 -9.60 -14.50
N ARG B 245 -34.87 -10.59 -14.00
CA ARG B 245 -34.59 -11.11 -12.67
C ARG B 245 -33.27 -11.86 -12.63
N VAL B 246 -32.93 -12.57 -13.72
CA VAL B 246 -31.66 -13.29 -13.77
C VAL B 246 -30.49 -12.31 -13.81
N SER B 247 -30.61 -11.24 -14.60
CA SER B 247 -29.58 -10.21 -14.66
C SER B 247 -29.49 -9.41 -13.38
N PHE B 248 -30.59 -9.34 -12.61
CA PHE B 248 -30.54 -8.72 -11.29
C PHE B 248 -29.70 -9.55 -10.33
N LYS B 249 -29.93 -10.86 -10.30
CA LYS B 249 -29.32 -11.69 -9.26
C LYS B 249 -27.85 -11.91 -9.50
N ILE B 250 -27.39 -11.90 -10.74
CA ILE B 250 -25.98 -12.18 -10.99
C ILE B 250 -25.14 -10.92 -10.82
N THR B 251 -25.73 -9.74 -11.03
CA THR B 251 -25.03 -8.50 -10.75
C THR B 251 -24.85 -8.31 -9.25
N LEU B 252 -25.89 -8.61 -8.48
CA LEU B 252 -25.82 -8.45 -7.03
C LEU B 252 -24.92 -9.51 -6.40
N LEU B 253 -24.88 -10.71 -6.96
CA LEU B 253 -23.94 -11.72 -6.50
C LEU B 253 -22.52 -11.38 -6.91
N LEU B 254 -22.36 -10.69 -8.04
CA LEU B 254 -21.05 -10.17 -8.43
C LEU B 254 -20.56 -9.12 -7.44
N GLY B 255 -21.43 -8.16 -7.09
CA GLY B 255 -21.05 -7.10 -6.17
C GLY B 255 -20.82 -7.57 -4.75
N TYR B 256 -21.32 -8.75 -4.39
CA TYR B 256 -21.09 -9.26 -3.05
C TYR B 256 -19.74 -9.96 -2.95
N SER B 257 -19.32 -10.64 -4.01
CA SER B 257 -18.00 -11.29 -4.01
C SER B 257 -16.87 -10.28 -4.11
N VAL B 258 -17.14 -9.11 -4.69
CA VAL B 258 -16.19 -8.01 -4.69
C VAL B 258 -16.00 -7.49 -3.27
N PHE B 259 -17.04 -7.57 -2.44
CA PHE B 259 -16.96 -7.05 -1.08
C PHE B 259 -16.09 -7.90 -0.16
N LEU B 260 -16.06 -9.22 -0.35
CA LEU B 260 -15.34 -10.06 0.60
C LEU B 260 -13.83 -9.94 0.43
N ILE B 261 -13.36 -9.59 -0.76
CA ILE B 261 -11.92 -9.49 -0.96
C ILE B 261 -11.37 -8.20 -0.40
N ILE B 262 -12.24 -7.23 -0.10
CA ILE B 262 -11.85 -6.06 0.70
C ILE B 262 -11.85 -6.39 2.18
N VAL B 263 -12.74 -7.29 2.62
CA VAL B 263 -12.80 -7.72 4.01
C VAL B 263 -11.55 -8.49 4.40
N SER B 264 -11.11 -9.42 3.54
CA SER B 264 -9.90 -10.18 3.83
C SER B 264 -8.64 -9.33 3.71
N ASP B 265 -8.71 -8.19 3.03
CA ASP B 265 -7.56 -7.31 2.92
C ASP B 265 -7.30 -6.57 4.22
N THR B 266 -8.36 -6.27 4.99
CA THR B 266 -8.22 -5.51 6.22
C THR B 266 -8.31 -6.37 7.47
N LEU B 267 -8.67 -7.64 7.34
CA LEU B 267 -8.84 -8.51 8.51
C LEU B 267 -7.93 -9.71 8.37
N PRO B 268 -6.90 -9.86 9.19
CA PRO B 268 -5.95 -10.97 9.02
C PRO B 268 -6.44 -12.24 9.70
N ALA B 269 -5.71 -13.33 9.44
CA ALA B 269 -5.96 -14.62 10.03
C ALA B 269 -4.64 -15.29 10.36
N THR B 270 -4.63 -16.08 11.42
CA THR B 270 -3.43 -16.73 11.89
C THR B 270 -3.31 -18.11 11.24
N ALA B 271 -2.39 -18.95 11.76
CA ALA B 271 -2.13 -20.24 11.16
C ALA B 271 -3.24 -21.26 11.40
N ILE B 272 -4.14 -21.01 12.34
CA ILE B 272 -5.25 -21.93 12.55
C ILE B 272 -6.39 -21.67 11.57
N GLY B 273 -6.35 -20.57 10.82
CA GLY B 273 -7.38 -20.28 9.85
C GLY B 273 -8.24 -19.08 10.21
N THR B 274 -9.44 -19.04 9.64
CA THR B 274 -10.34 -17.91 9.81
C THR B 274 -11.00 -17.95 11.19
N PRO B 275 -11.46 -16.79 11.68
CA PRO B 275 -12.26 -16.79 12.91
C PRO B 275 -13.67 -17.35 12.75
N LEU B 276 -14.46 -17.24 13.80
CA LEU B 276 -15.81 -17.80 13.79
C LEU B 276 -16.77 -16.98 12.93
N ILE B 277 -16.49 -15.69 12.73
CA ILE B 277 -17.36 -14.89 11.87
C ILE B 277 -17.11 -15.13 10.39
N GLY B 278 -16.03 -15.85 10.04
CA GLY B 278 -15.86 -16.30 8.67
C GLY B 278 -16.84 -17.39 8.29
N VAL B 279 -17.39 -18.11 9.28
CA VAL B 279 -18.47 -19.04 9.01
C VAL B 279 -19.75 -18.29 8.68
N TYR B 280 -20.00 -17.18 9.37
CA TYR B 280 -21.24 -16.44 9.18
C TYR B 280 -21.25 -15.61 7.91
N PHE B 281 -20.13 -15.51 7.20
CA PHE B 281 -20.14 -14.88 5.88
C PHE B 281 -20.48 -15.88 4.78
N VAL B 282 -20.02 -17.12 4.89
CA VAL B 282 -20.33 -18.09 3.85
C VAL B 282 -21.73 -18.67 4.01
N VAL B 283 -22.37 -18.46 5.15
CA VAL B 283 -23.78 -18.79 5.27
C VAL B 283 -24.62 -17.75 4.54
N CYS B 284 -24.27 -16.47 4.68
CA CYS B 284 -24.92 -15.45 3.88
C CYS B 284 -24.52 -15.51 2.41
N MET B 285 -23.40 -16.16 2.09
CA MET B 285 -23.04 -16.36 0.69
C MET B 285 -23.93 -17.41 0.04
N ALA B 286 -24.04 -18.58 0.66
CA ALA B 286 -24.83 -19.65 0.09
C ALA B 286 -26.32 -19.38 0.16
N LEU B 287 -26.75 -18.41 0.96
CA LEU B 287 -28.15 -18.03 0.98
C LEU B 287 -28.53 -17.19 -0.23
N LEU B 288 -27.56 -16.62 -0.94
CA LEU B 288 -27.82 -15.95 -2.20
C LEU B 288 -27.79 -16.90 -3.39
N VAL B 289 -27.06 -18.01 -3.30
CA VAL B 289 -27.03 -18.97 -4.39
C VAL B 289 -28.34 -19.75 -4.45
N ILE B 290 -29.00 -19.93 -3.30
CA ILE B 290 -30.32 -20.54 -3.29
C ILE B 290 -31.34 -19.65 -3.97
N SER B 291 -31.24 -18.33 -3.77
CA SER B 291 -32.13 -17.41 -4.47
C SER B 291 -31.78 -17.32 -5.95
N LEU B 292 -30.53 -17.58 -6.31
CA LEU B 292 -30.17 -17.63 -7.73
C LEU B 292 -30.68 -18.90 -8.38
N ALA B 293 -30.57 -20.04 -7.68
CA ALA B 293 -31.05 -21.29 -8.23
C ALA B 293 -32.57 -21.37 -8.24
N GLU B 294 -33.25 -20.61 -7.38
CA GLU B 294 -34.70 -20.55 -7.44
C GLU B 294 -35.17 -19.76 -8.64
N THR B 295 -34.41 -18.74 -9.06
CA THR B 295 -34.78 -17.96 -10.23
C THR B 295 -34.58 -18.76 -11.51
N ILE B 296 -33.44 -19.44 -11.65
CA ILE B 296 -33.13 -20.21 -12.84
C ILE B 296 -34.05 -21.41 -12.98
N PHE B 297 -34.51 -21.97 -11.85
CA PHE B 297 -35.47 -23.06 -11.91
C PHE B 297 -36.83 -22.60 -12.42
N ILE B 298 -37.21 -21.36 -12.14
CA ILE B 298 -38.54 -20.92 -12.49
C ILE B 298 -38.58 -20.20 -13.84
N VAL B 299 -37.45 -19.67 -14.32
CA VAL B 299 -37.38 -19.12 -15.67
C VAL B 299 -37.43 -20.25 -16.69
N ARG B 300 -36.83 -21.39 -16.35
CA ARG B 300 -36.93 -22.59 -17.18
C ARG B 300 -38.36 -23.10 -17.26
N LEU B 301 -39.16 -22.84 -16.24
CA LEU B 301 -40.52 -23.35 -16.20
C LEU B 301 -41.46 -22.53 -17.10
N VAL B 302 -41.53 -21.21 -16.88
CA VAL B 302 -42.45 -20.36 -17.63
C VAL B 302 -41.69 -19.78 -18.82
N HIS B 303 -41.61 -20.57 -19.89
CA HIS B 303 -40.93 -20.10 -21.08
C HIS B 303 -41.44 -20.93 -22.24
N LYS B 304 -41.50 -20.32 -23.42
CA LYS B 304 -42.32 -20.83 -24.51
C LYS B 304 -41.47 -21.70 -25.43
N GLN B 305 -41.42 -23.00 -25.12
CA GLN B 305 -40.74 -23.97 -25.98
C GLN B 305 -41.69 -25.11 -26.29
N ASP B 306 -42.38 -24.99 -27.44
CA ASP B 306 -43.23 -25.98 -28.15
C ASP B 306 -43.99 -26.90 -27.19
N LEU B 307 -44.62 -26.29 -26.19
CA LEU B 307 -44.94 -26.93 -24.94
C LEU B 307 -46.08 -27.93 -25.08
N GLN B 308 -46.21 -28.77 -24.07
CA GLN B 308 -47.35 -29.67 -23.88
C GLN B 308 -48.14 -29.24 -22.66
N ARG B 309 -49.32 -29.81 -22.49
CA ARG B 309 -50.09 -29.52 -21.30
C ARG B 309 -49.45 -30.26 -20.12
N PRO B 310 -49.39 -29.65 -18.94
CA PRO B 310 -48.70 -30.29 -17.82
C PRO B 310 -49.43 -31.52 -17.29
N VAL B 311 -48.79 -32.21 -16.36
CA VAL B 311 -49.33 -33.44 -15.80
C VAL B 311 -50.58 -33.10 -14.97
N PRO B 312 -51.70 -33.81 -15.16
CA PRO B 312 -52.89 -33.53 -14.33
C PRO B 312 -52.69 -33.88 -12.87
N ASP B 313 -51.79 -34.81 -12.56
CA ASP B 313 -51.41 -35.02 -11.16
C ASP B 313 -50.61 -33.84 -10.63
N TRP B 314 -49.70 -33.31 -11.44
CA TRP B 314 -48.83 -32.23 -10.98
C TRP B 314 -49.46 -30.86 -11.14
N LEU B 315 -50.67 -30.80 -11.67
CA LEU B 315 -51.47 -29.58 -11.66
C LEU B 315 -52.48 -29.59 -10.50
N ARG B 316 -52.93 -30.77 -10.09
CA ARG B 316 -54.00 -30.85 -9.10
C ARG B 316 -53.50 -30.52 -7.71
N HIS B 317 -52.35 -31.07 -7.31
CA HIS B 317 -51.82 -30.73 -6.00
C HIS B 317 -50.97 -29.48 -6.02
N LEU B 318 -50.99 -28.70 -7.11
CA LEU B 318 -50.34 -27.40 -7.13
C LEU B 318 -51.37 -26.29 -7.18
N VAL B 319 -52.30 -26.35 -8.14
CA VAL B 319 -53.26 -25.27 -8.31
C VAL B 319 -54.33 -25.33 -7.23
N LEU B 320 -54.79 -26.53 -6.89
CA LEU B 320 -55.88 -26.66 -5.93
C LEU B 320 -55.40 -26.73 -4.49
N ASP B 321 -54.40 -27.56 -4.20
CA ASP B 321 -54.00 -27.82 -2.81
C ASP B 321 -53.11 -26.73 -2.24
N ARG B 322 -52.11 -26.25 -2.99
CA ARG B 322 -51.15 -25.31 -2.44
C ARG B 322 -51.73 -23.91 -2.22
N ILE B 323 -52.89 -23.61 -2.82
CA ILE B 323 -53.52 -22.33 -2.55
C ILE B 323 -54.50 -22.43 -1.39
N ALA B 324 -54.88 -23.65 -1.00
CA ALA B 324 -55.85 -23.82 0.07
C ALA B 324 -55.17 -24.09 1.42
N TRP B 325 -54.09 -24.88 1.41
CA TRP B 325 -53.41 -25.24 2.65
C TRP B 325 -52.41 -24.18 3.10
N ILE B 326 -51.91 -23.36 2.19
CA ILE B 326 -50.87 -22.38 2.50
C ILE B 326 -51.31 -20.96 2.14
N LEU B 327 -51.72 -20.76 0.88
CA LEU B 327 -52.03 -19.43 0.39
C LEU B 327 -53.48 -19.09 0.70
N CYS B 328 -53.98 -18.03 0.08
CA CYS B 328 -55.37 -17.64 0.23
C CYS B 328 -56.02 -17.39 -1.12
N LEU B 385 -69.88 -26.50 -57.47
CA LEU B 385 -68.45 -26.82 -57.36
C LEU B 385 -67.67 -25.61 -56.86
N ALA B 386 -68.13 -24.42 -57.25
CA ALA B 386 -67.50 -23.19 -56.77
C ALA B 386 -67.93 -22.86 -55.36
N VAL B 387 -69.13 -23.30 -54.95
CA VAL B 387 -69.61 -23.03 -53.60
C VAL B 387 -68.93 -23.95 -52.60
N ARG B 388 -68.83 -25.24 -52.93
CA ARG B 388 -68.17 -26.19 -52.03
C ARG B 388 -66.66 -26.02 -52.03
N GLY B 389 -66.09 -25.31 -53.00
CA GLY B 389 -64.67 -24.98 -52.96
C GLY B 389 -64.33 -23.83 -52.04
N LEU B 390 -65.35 -23.12 -51.53
CA LEU B 390 -65.12 -22.00 -50.64
C LEU B 390 -64.79 -22.47 -49.21
N LEU B 391 -65.72 -23.19 -48.59
CA LEU B 391 -65.60 -23.54 -47.18
C LEU B 391 -64.52 -24.58 -46.91
N GLN B 392 -64.03 -25.28 -47.94
CA GLN B 392 -62.86 -26.13 -47.74
C GLN B 392 -61.61 -25.29 -47.51
N GLU B 393 -61.55 -24.10 -48.12
CA GLU B 393 -60.46 -23.18 -47.87
C GLU B 393 -60.65 -22.43 -46.55
N LEU B 394 -61.90 -22.12 -46.20
CA LEU B 394 -62.17 -21.43 -44.95
C LEU B 394 -61.93 -22.32 -43.75
N SER B 395 -62.11 -23.63 -43.89
CA SER B 395 -61.78 -24.55 -42.82
C SER B 395 -60.27 -24.64 -42.61
N SER B 396 -59.49 -24.41 -43.67
CA SER B 396 -58.04 -24.36 -43.52
C SER B 396 -57.62 -23.08 -42.80
N ILE B 397 -58.28 -21.96 -43.10
CA ILE B 397 -57.98 -20.70 -42.42
C ILE B 397 -58.41 -20.78 -40.96
N ARG B 398 -59.49 -21.51 -40.67
CA ARG B 398 -59.86 -21.80 -39.29
C ARG B 398 -58.82 -22.67 -38.62
N HIS B 399 -58.15 -23.53 -39.38
CA HIS B 399 -57.19 -24.46 -38.79
C HIS B 399 -55.90 -23.76 -38.37
N PHE B 400 -55.43 -22.79 -39.16
CA PHE B 400 -54.19 -22.11 -38.80
C PHE B 400 -54.38 -21.18 -37.62
N LEU B 401 -55.58 -20.61 -37.46
CA LEU B 401 -55.85 -19.81 -36.27
C LEU B 401 -56.12 -20.67 -35.05
N GLU B 402 -56.55 -21.92 -35.24
CA GLU B 402 -56.81 -22.79 -34.09
C GLU B 402 -55.52 -23.28 -33.46
N LYS B 403 -54.52 -23.63 -34.29
CA LYS B 403 -53.23 -24.04 -33.75
C LYS B 403 -52.48 -22.88 -33.13
N ARG B 404 -52.77 -21.66 -33.57
CA ARG B 404 -52.20 -20.48 -32.93
C ARG B 404 -52.82 -20.24 -31.56
N ASP B 405 -54.10 -20.53 -31.39
CA ASP B 405 -54.75 -20.29 -30.12
C ASP B 405 -54.47 -21.39 -29.11
N GLU B 406 -54.41 -22.65 -29.55
CA GLU B 406 -54.18 -23.75 -28.62
C GLU B 406 -52.75 -23.78 -28.09
N MET B 407 -51.78 -23.28 -28.84
CA MET B 407 -50.44 -23.12 -28.31
C MET B 407 -50.33 -21.93 -27.38
N ARG B 408 -51.33 -21.03 -27.40
CA ARG B 408 -51.33 -19.88 -26.51
C ARG B 408 -51.96 -20.20 -25.16
N GLU B 409 -53.01 -21.00 -25.14
CA GLU B 409 -53.66 -21.34 -23.88
C GLU B 409 -52.88 -22.36 -23.07
N VAL B 410 -52.04 -23.18 -23.70
CA VAL B 410 -51.20 -24.07 -22.92
C VAL B 410 -49.98 -23.36 -22.37
N ALA B 411 -49.64 -22.18 -22.91
CA ALA B 411 -48.62 -21.36 -22.29
C ALA B 411 -49.15 -20.59 -21.10
N ARG B 412 -50.47 -20.42 -21.01
CA ARG B 412 -51.06 -19.82 -19.83
C ARG B 412 -51.08 -20.81 -18.67
N ASP B 413 -51.32 -22.09 -18.95
CA ASP B 413 -51.40 -23.09 -17.89
C ASP B 413 -50.05 -23.34 -17.23
N TRP B 414 -48.96 -23.22 -17.98
CA TRP B 414 -47.65 -23.25 -17.33
C TRP B 414 -47.39 -21.96 -16.58
N LEU B 415 -47.95 -20.84 -17.05
CA LEU B 415 -47.70 -19.56 -16.40
C LEU B 415 -48.44 -19.45 -15.07
N ARG B 416 -49.58 -20.12 -14.95
CA ARG B 416 -50.29 -20.15 -13.68
C ARG B 416 -49.56 -21.00 -12.65
N VAL B 417 -48.89 -22.07 -13.10
CA VAL B 417 -48.10 -22.91 -12.21
C VAL B 417 -46.89 -22.15 -11.69
N GLY B 418 -46.26 -21.35 -12.55
CA GLY B 418 -45.06 -20.63 -12.14
C GLY B 418 -45.31 -19.43 -11.25
N TYR B 419 -46.57 -19.11 -10.95
CA TYR B 419 -46.84 -17.99 -10.05
C TYR B 419 -47.35 -18.44 -8.69
N VAL B 420 -48.06 -19.57 -8.63
CA VAL B 420 -48.39 -20.16 -7.34
C VAL B 420 -47.13 -20.69 -6.67
N LEU B 421 -46.24 -21.29 -7.46
CA LEU B 421 -44.99 -21.81 -6.95
C LEU B 421 -43.97 -20.71 -6.69
N ASP B 422 -44.16 -19.50 -7.21
CA ASP B 422 -43.23 -18.42 -6.93
C ASP B 422 -43.50 -17.78 -5.58
N ARG B 423 -44.77 -17.47 -5.27
CA ARG B 423 -45.10 -16.92 -3.96
C ARG B 423 -44.94 -17.95 -2.86
N LEU B 424 -44.95 -19.23 -3.19
CA LEU B 424 -44.62 -20.26 -2.20
C LEU B 424 -43.16 -20.21 -1.81
N LEU B 425 -42.27 -20.13 -2.79
CA LEU B 425 -40.84 -20.10 -2.51
C LEU B 425 -40.37 -18.72 -2.06
N PHE B 426 -41.17 -17.68 -2.28
CA PHE B 426 -40.83 -16.38 -1.72
C PHE B 426 -41.09 -16.32 -0.23
N ARG B 427 -42.09 -17.06 0.27
CA ARG B 427 -42.38 -17.05 1.69
C ARG B 427 -41.51 -18.01 2.47
N ILE B 428 -41.03 -19.08 1.83
CA ILE B 428 -40.10 -19.98 2.49
C ILE B 428 -38.74 -19.31 2.63
N TYR B 429 -38.31 -18.57 1.61
CA TYR B 429 -37.04 -17.87 1.67
C TYR B 429 -37.09 -16.72 2.68
N LEU B 430 -38.22 -16.02 2.75
CA LEU B 430 -38.36 -14.94 3.71
C LEU B 430 -38.49 -15.45 5.14
N LEU B 431 -38.91 -16.70 5.31
CA LEU B 431 -38.96 -17.28 6.64
C LEU B 431 -37.58 -17.70 7.12
N ALA B 432 -36.70 -18.12 6.21
CA ALA B 432 -35.36 -18.55 6.60
C ALA B 432 -34.46 -17.36 6.90
N VAL B 433 -34.60 -16.27 6.15
CA VAL B 433 -33.78 -15.09 6.40
C VAL B 433 -34.24 -14.29 7.61
N LEU B 434 -35.40 -14.61 8.16
CA LEU B 434 -35.84 -14.00 9.42
C LEU B 434 -35.51 -14.86 10.61
N ALA B 435 -35.51 -16.19 10.44
CA ALA B 435 -35.13 -17.08 11.52
C ALA B 435 -33.64 -17.04 11.78
N TYR B 436 -32.84 -16.83 10.74
CA TYR B 436 -31.40 -16.71 10.92
C TYR B 436 -31.01 -15.33 11.42
N SER B 437 -31.78 -14.31 11.09
CA SER B 437 -31.45 -12.96 11.53
C SER B 437 -31.73 -12.75 13.01
N ILE B 438 -32.81 -13.34 13.52
CA ILE B 438 -33.08 -13.21 14.96
C ILE B 438 -32.22 -14.17 15.78
N THR B 439 -31.68 -15.21 15.15
CA THR B 439 -30.70 -16.06 15.84
C THR B 439 -29.39 -15.30 16.02
N LEU B 440 -29.02 -14.48 15.04
CA LEU B 440 -27.77 -13.75 15.09
C LEU B 440 -27.81 -12.63 16.13
N VAL B 441 -29.00 -12.10 16.42
CA VAL B 441 -29.13 -11.07 17.44
C VAL B 441 -29.42 -11.69 18.81
N THR B 442 -29.85 -12.96 18.86
CA THR B 442 -30.03 -13.64 20.13
C THR B 442 -28.68 -13.99 20.75
N LEU B 443 -27.74 -14.46 19.93
CA LEU B 443 -26.40 -14.79 20.41
C LEU B 443 -25.63 -13.54 20.81
N TRP B 444 -25.94 -12.40 20.21
CA TRP B 444 -25.29 -11.15 20.58
C TRP B 444 -25.82 -10.60 21.90
N SER B 445 -27.13 -10.72 22.12
CA SER B 445 -27.74 -10.14 23.32
C SER B 445 -27.43 -10.92 24.58
N ILE B 446 -27.15 -12.22 24.48
CA ILE B 446 -26.72 -12.94 25.68
C ILE B 446 -25.26 -12.66 26.01
N TRP B 447 -24.48 -12.19 25.04
CA TRP B 447 -23.12 -11.77 25.31
C TRP B 447 -23.07 -10.42 26.01
N HIS B 448 -23.96 -9.51 25.61
CA HIS B 448 -23.86 -8.11 26.04
C HIS B 448 -24.22 -7.93 27.51
N TYR B 449 -25.05 -8.83 28.05
CA TYR B 449 -25.44 -8.73 29.46
C TYR B 449 -24.29 -9.17 30.34
N SER B 450 -23.83 -8.25 31.20
CA SER B 450 -22.69 -8.42 32.10
C SER B 450 -21.41 -8.83 31.38
N THR C 2 50.77 36.56 33.90
CA THR C 2 50.85 36.42 32.46
C THR C 2 49.53 36.76 31.79
N GLN C 3 49.57 37.13 30.52
CA GLN C 3 48.38 37.40 29.73
C GLN C 3 48.50 36.72 28.37
N PRO C 4 48.28 35.39 28.31
CA PRO C 4 48.36 34.72 27.01
C PRO C 4 47.21 35.05 26.06
N ALA C 5 45.97 34.84 26.52
CA ALA C 5 44.76 34.99 25.73
C ALA C 5 43.60 35.04 26.72
N LEU C 6 42.38 34.82 26.24
CA LEU C 6 41.25 34.62 27.14
C LEU C 6 40.71 33.20 27.05
N LEU C 7 41.60 32.24 26.85
CA LEU C 7 41.38 30.86 27.25
C LEU C 7 41.80 30.64 28.69
N ARG C 8 42.36 31.65 29.34
CA ARG C 8 42.64 31.58 30.77
C ARG C 8 41.39 31.77 31.61
N LEU C 9 40.28 32.21 31.01
CA LEU C 9 39.01 32.20 31.72
C LEU C 9 38.47 30.79 31.83
N SER C 10 38.54 30.02 30.74
CA SER C 10 37.85 28.74 30.70
C SER C 10 38.54 27.69 31.56
N ASP C 11 39.86 27.74 31.71
CA ASP C 11 40.49 26.77 32.59
C ASP C 11 40.44 27.21 34.04
N HIS C 12 40.30 28.51 34.29
CA HIS C 12 39.96 28.97 35.64
C HIS C 12 38.57 28.52 36.04
N LEU C 13 37.68 28.40 35.06
CA LEU C 13 36.28 28.12 35.32
C LEU C 13 35.99 26.63 35.34
N LEU C 14 36.88 25.81 34.78
CA LEU C 14 36.68 24.37 34.66
C LEU C 14 37.92 23.60 35.11
N ALA C 15 38.70 24.16 36.03
CA ALA C 15 39.84 23.40 36.56
C ALA C 15 39.36 22.25 37.44
N ASN C 16 38.68 22.59 38.52
CA ASN C 16 38.05 21.61 39.40
C ASN C 16 36.53 21.86 39.35
N TYR C 17 35.91 21.29 38.32
CA TYR C 17 34.47 21.37 38.14
C TYR C 17 33.94 19.95 38.01
N LYS C 18 32.88 19.64 38.73
CA LYS C 18 32.31 18.30 38.75
C LYS C 18 30.90 18.39 38.17
N LYS C 19 30.71 17.77 37.01
CA LYS C 19 29.47 17.88 36.26
C LYS C 19 28.39 16.92 36.73
N GLY C 20 28.57 16.27 37.86
CA GLY C 20 27.53 15.39 38.37
C GLY C 20 26.80 15.96 39.55
N VAL C 21 27.29 17.07 40.06
CA VAL C 21 26.73 17.67 41.27
C VAL C 21 25.76 18.76 40.86
N ARG C 22 24.57 18.75 41.45
CA ARG C 22 23.61 19.81 41.20
C ARG C 22 24.14 21.10 41.80
N PRO C 23 24.32 22.15 41.02
CA PRO C 23 25.15 23.30 41.41
C PRO C 23 24.53 24.33 42.35
N VAL C 24 24.53 24.01 43.64
CA VAL C 24 24.08 24.95 44.67
C VAL C 24 25.09 24.96 45.80
N ARG C 25 25.23 26.12 46.45
CA ARG C 25 26.03 26.20 47.66
C ARG C 25 25.29 25.57 48.83
N ASP C 26 24.02 25.90 48.99
CA ASP C 26 23.17 25.33 50.02
C ASP C 26 22.24 24.33 49.34
N TRP C 27 22.24 23.09 49.85
CA TRP C 27 21.49 22.02 49.21
C TRP C 27 19.99 22.13 49.45
N ARG C 28 19.54 23.05 50.28
CA ARG C 28 18.12 23.20 50.59
C ARG C 28 17.37 24.05 49.58
N LYS C 29 18.07 24.70 48.66
CA LYS C 29 17.41 25.58 47.72
C LYS C 29 17.31 24.92 46.36
N PRO C 30 16.15 24.98 45.69
CA PRO C 30 16.01 24.31 44.41
C PRO C 30 16.65 25.09 43.28
N THR C 31 16.86 24.39 42.16
CA THR C 31 17.31 24.98 40.92
C THR C 31 16.09 25.29 40.06
N THR C 32 15.96 26.53 39.63
CA THR C 32 14.78 26.99 38.91
C THR C 32 15.10 27.10 37.43
N VAL C 33 14.34 26.37 36.60
CA VAL C 33 14.56 26.30 35.17
C VAL C 33 13.44 27.04 34.47
N SER C 34 13.78 27.99 33.62
CA SER C 34 12.81 28.83 32.92
C SER C 34 12.80 28.46 31.45
N ILE C 35 11.67 27.96 30.96
CA ILE C 35 11.58 27.39 29.63
C ILE C 35 10.74 28.29 28.73
N ASP C 36 10.74 27.96 27.42
CA ASP C 36 10.03 28.73 26.39
C ASP C 36 9.95 27.89 25.12
N VAL C 37 8.88 28.07 24.35
CA VAL C 37 8.56 27.20 23.21
C VAL C 37 8.01 28.05 22.06
N ILE C 38 8.45 27.76 20.83
CA ILE C 38 7.75 28.20 19.62
C ILE C 38 7.46 26.96 18.76
N MET C 39 6.21 26.79 18.37
CA MET C 39 5.84 25.72 17.45
C MET C 39 6.28 26.06 16.03
N TYR C 40 6.88 25.09 15.34
CA TYR C 40 7.37 25.32 13.99
C TYR C 40 6.59 24.57 12.92
N ALA C 41 6.23 23.31 13.13
CA ALA C 41 5.51 22.57 12.11
C ALA C 41 4.70 21.46 12.77
N ILE C 42 3.55 21.17 12.18
CA ILE C 42 2.75 20.00 12.51
C ILE C 42 3.07 18.95 11.47
N LEU C 43 3.82 17.93 11.84
CA LEU C 43 4.30 16.99 10.84
C LEU C 43 3.27 15.92 10.51
N ASN C 44 2.58 15.39 11.51
CA ASN C 44 1.70 14.27 11.28
C ASN C 44 0.66 14.22 12.38
N VAL C 45 -0.58 13.94 12.02
CA VAL C 45 -1.65 13.68 12.98
C VAL C 45 -2.24 12.33 12.62
N ASP C 46 -2.05 11.36 13.50
CA ASP C 46 -2.45 9.98 13.24
C ASP C 46 -3.73 9.70 14.02
N GLU C 47 -4.86 9.63 13.32
CA GLU C 47 -6.13 9.46 13.99
C GLU C 47 -6.35 8.03 14.47
N LYS C 48 -5.76 7.05 13.79
CA LYS C 48 -5.97 5.66 14.17
C LYS C 48 -5.18 5.30 15.42
N ASN C 49 -3.91 5.70 15.48
CA ASN C 49 -3.03 5.33 16.58
C ASN C 49 -3.00 6.37 17.69
N GLN C 50 -3.70 7.50 17.53
CA GLN C 50 -3.82 8.58 18.52
C GLN C 50 -2.44 9.20 18.83
N VAL C 51 -1.67 9.48 17.79
CA VAL C 51 -0.28 9.93 17.93
C VAL C 51 -0.10 11.24 17.15
N LEU C 52 0.46 12.24 17.82
CA LEU C 52 0.78 13.54 17.23
C LEU C 52 2.28 13.70 17.06
N THR C 53 2.70 14.24 15.92
CA THR C 53 4.12 14.45 15.64
C THR C 53 4.33 15.90 15.22
N THR C 54 5.08 16.65 16.03
CA THR C 54 5.33 18.06 15.80
C THR C 54 6.83 18.33 15.76
N TYR C 55 7.19 19.60 15.67
CA TYR C 55 8.59 20.01 15.65
C TYR C 55 8.65 21.40 16.23
N ILE C 56 9.34 21.58 17.35
CA ILE C 56 9.33 22.86 18.05
C ILE C 56 10.75 23.41 18.13
N TRP C 57 10.85 24.66 18.54
CA TRP C 57 12.11 25.29 18.92
C TRP C 57 12.05 25.57 20.41
N TYR C 58 13.06 25.12 21.14
CA TYR C 58 13.04 25.10 22.59
C TYR C 58 14.23 25.87 23.14
N ARG C 59 14.03 26.52 24.29
CA ARG C 59 15.12 27.18 24.98
C ARG C 59 14.85 27.20 26.47
N GLN C 60 15.91 27.29 27.26
CA GLN C 60 15.79 27.21 28.71
C GLN C 60 17.02 27.83 29.35
N TYR C 61 16.86 28.35 30.56
CA TYR C 61 18.04 28.76 31.32
C TYR C 61 17.87 28.42 32.80
N TRP C 62 19.01 28.39 33.49
CA TRP C 62 19.04 28.14 34.92
C TRP C 62 20.27 28.85 35.47
N THR C 63 20.44 28.81 36.79
CA THR C 63 21.53 29.50 37.46
C THR C 63 22.52 28.48 37.99
N ASP C 64 23.79 28.67 37.66
CA ASP C 64 24.88 27.82 38.11
C ASP C 64 25.74 28.60 39.08
N GLU C 65 25.78 28.14 40.33
CA GLU C 65 26.49 28.85 41.40
C GLU C 65 27.99 28.79 41.24
N PHE C 66 28.50 27.84 40.47
CA PHE C 66 29.93 27.58 40.40
C PHE C 66 30.60 28.23 39.19
N LEU C 67 29.82 28.66 38.20
CA LEU C 67 30.37 29.32 37.02
C LEU C 67 30.18 30.83 37.16
N GLN C 68 30.97 31.43 38.03
CA GLN C 68 30.90 32.86 38.27
C GLN C 68 32.29 33.47 38.24
N TRP C 69 32.39 34.69 37.71
CA TRP C 69 33.66 35.38 37.67
C TRP C 69 33.41 36.87 37.65
N THR C 70 34.40 37.62 38.08
CA THR C 70 34.32 39.05 37.84
C THR C 70 34.83 39.36 36.43
N PRO C 71 34.18 40.28 35.72
CA PRO C 71 34.59 40.53 34.33
C PRO C 71 35.91 41.26 34.22
N GLU C 72 36.28 42.07 35.21
CA GLU C 72 37.65 42.53 35.29
C GLU C 72 38.56 41.38 35.70
N ASP C 73 39.85 41.56 35.43
CA ASP C 73 40.91 40.54 35.45
C ASP C 73 40.70 39.46 34.40
N PHE C 74 39.76 39.64 33.48
CA PHE C 74 39.58 38.78 32.32
C PHE C 74 39.23 39.60 31.09
N ASP C 75 39.71 40.84 31.05
CA ASP C 75 39.62 41.73 29.89
C ASP C 75 38.17 42.02 29.51
N ASN C 76 37.33 42.26 30.53
CA ASN C 76 35.92 42.65 30.39
C ASN C 76 35.08 41.63 29.62
N VAL C 77 35.36 40.34 29.76
CA VAL C 77 34.52 39.34 29.14
C VAL C 77 33.29 39.14 30.01
N THR C 78 32.11 39.34 29.43
CA THR C 78 30.87 39.18 30.17
C THR C 78 30.11 37.90 29.84
N LYS C 79 30.37 37.27 28.69
CA LYS C 79 29.84 35.94 28.45
C LYS C 79 30.75 35.19 27.49
N LEU C 80 30.62 33.87 27.49
CA LEU C 80 31.41 33.03 26.60
C LEU C 80 30.64 31.73 26.38
N SER C 81 31.09 30.96 25.41
CA SER C 81 30.45 29.71 25.04
C SER C 81 31.28 28.53 25.53
N ILE C 82 30.60 27.52 26.07
CA ILE C 82 31.20 26.36 26.72
C ILE C 82 30.54 25.13 26.09
N PRO C 83 31.26 24.02 25.89
CA PRO C 83 30.60 22.79 25.40
C PRO C 83 29.55 22.27 26.38
N THR C 84 28.55 21.59 25.83
CA THR C 84 27.39 21.19 26.62
C THR C 84 27.73 20.04 27.55
N ASP C 85 28.63 19.15 27.14
CA ASP C 85 28.96 17.95 27.91
C ASP C 85 30.05 18.21 28.93
N SER C 86 30.24 19.46 29.34
CA SER C 86 31.20 19.78 30.38
C SER C 86 30.54 20.30 31.64
N ILE C 87 29.24 20.54 31.64
CA ILE C 87 28.54 21.15 32.76
C ILE C 87 27.32 20.31 33.13
N TRP C 88 26.69 20.68 34.24
CA TRP C 88 25.47 20.03 34.68
C TRP C 88 24.30 20.48 33.80
N VAL C 89 23.48 19.53 33.36
CA VAL C 89 22.30 19.82 32.55
C VAL C 89 21.10 19.15 33.19
N PRO C 90 19.97 19.83 33.40
CA PRO C 90 18.81 19.17 33.98
C PRO C 90 18.13 18.23 32.99
N ASP C 91 17.30 17.35 33.53
CA ASP C 91 16.62 16.31 32.74
C ASP C 91 15.15 16.66 32.57
N ILE C 92 14.84 17.44 31.54
CA ILE C 92 13.48 17.89 31.29
C ILE C 92 12.92 17.03 30.17
N LEU C 93 11.88 16.26 30.49
CA LEU C 93 11.24 15.38 29.54
C LEU C 93 9.77 15.75 29.36
N ILE C 94 9.05 14.92 28.62
CA ILE C 94 7.64 15.09 28.38
C ILE C 94 6.91 13.85 28.91
N ASN C 95 5.76 14.06 29.57
CA ASN C 95 4.97 12.93 30.00
C ASN C 95 4.41 12.15 28.83
N GLU C 96 4.08 12.80 27.73
CA GLU C 96 3.32 12.16 26.67
C GLU C 96 4.18 11.47 25.63
N PHE C 97 5.46 11.22 25.91
CA PHE C 97 6.29 10.48 24.97
C PHE C 97 5.80 9.07 24.74
N VAL C 98 5.80 8.65 23.47
CA VAL C 98 5.65 7.26 23.10
C VAL C 98 6.75 6.78 22.18
N ASP C 99 7.71 7.63 21.84
CA ASP C 99 8.77 7.32 20.89
C ASP C 99 9.88 8.32 21.15
N VAL C 100 10.95 8.22 20.37
CA VAL C 100 12.05 9.17 20.40
C VAL C 100 12.23 9.73 19.00
N GLY C 101 12.05 11.03 18.85
CA GLY C 101 12.29 11.66 17.58
C GLY C 101 13.75 11.98 17.37
N LYS C 102 14.11 12.15 16.11
CA LYS C 102 15.49 12.46 15.74
C LYS C 102 15.65 13.97 15.62
N SER C 103 16.50 14.53 16.46
CA SER C 103 16.74 15.96 16.55
C SER C 103 18.23 16.24 16.36
N PRO C 104 18.58 17.39 15.79
CA PRO C 104 19.99 17.74 15.67
C PRO C 104 20.60 18.03 17.03
N ASN C 105 21.91 17.78 17.13
CA ASN C 105 22.63 18.02 18.36
C ASN C 105 23.22 19.41 18.36
N ILE C 106 23.09 20.12 19.48
CA ILE C 106 23.64 21.45 19.65
C ILE C 106 24.73 21.35 20.71
N PRO C 107 26.02 21.48 20.34
CA PRO C 107 27.09 21.20 21.30
C PRO C 107 27.58 22.36 22.14
N TYR C 108 26.91 23.50 22.18
CA TYR C 108 27.42 24.64 22.93
C TYR C 108 26.30 25.30 23.72
N VAL C 109 26.67 25.96 24.82
CA VAL C 109 25.78 26.79 25.63
C VAL C 109 26.47 28.12 25.93
N TYR C 110 25.67 29.13 26.26
CA TYR C 110 26.15 30.40 26.77
C TYR C 110 26.23 30.40 28.28
N VAL C 111 27.19 31.14 28.82
CA VAL C 111 27.36 31.32 30.25
C VAL C 111 27.64 32.79 30.52
N HIS C 112 26.77 33.44 31.27
CA HIS C 112 27.00 34.83 31.66
C HIS C 112 27.79 34.89 32.97
N HIS C 113 28.20 36.08 33.35
CA HIS C 113 29.17 36.19 34.44
C HIS C 113 28.53 36.16 35.81
N ARG C 114 27.22 36.01 35.91
CA ARG C 114 26.56 35.76 37.18
C ARG C 114 26.15 34.31 37.35
N GLY C 115 26.37 33.47 36.35
CA GLY C 115 26.05 32.06 36.44
C GLY C 115 24.90 31.62 35.59
N GLU C 116 24.26 32.52 34.87
CA GLU C 116 23.11 32.17 34.05
C GLU C 116 23.57 31.40 32.83
N VAL C 117 23.07 30.18 32.66
CA VAL C 117 23.47 29.28 31.59
C VAL C 117 22.30 29.13 30.63
N GLN C 118 22.47 29.52 29.38
CA GLN C 118 21.38 29.52 28.40
C GLN C 118 21.59 28.41 27.39
N ASN C 119 20.51 27.68 27.08
CA ASN C 119 20.58 26.49 26.24
C ASN C 119 19.51 26.60 25.16
N TYR C 120 19.91 26.47 23.90
CA TYR C 120 19.02 26.53 22.75
C TYR C 120 19.10 25.22 21.99
N LYS C 121 17.95 24.60 21.70
CA LYS C 121 17.95 23.36 20.94
C LYS C 121 16.60 23.14 20.26
N PRO C 122 16.60 22.56 19.07
CA PRO C 122 15.34 22.15 18.44
C PRO C 122 14.99 20.71 18.78
N LEU C 123 13.69 20.42 18.76
CA LEU C 123 13.20 19.13 19.20
C LEU C 123 12.11 18.62 18.27
N GLN C 124 12.16 17.35 17.94
CA GLN C 124 11.07 16.65 17.28
C GLN C 124 10.35 15.78 18.29
N LEU C 125 9.04 15.93 18.39
CA LEU C 125 8.26 15.34 19.47
C LEU C 125 7.25 14.36 18.89
N VAL C 126 7.23 13.15 19.41
CA VAL C 126 6.26 12.14 19.01
C VAL C 126 5.44 11.82 20.25
N THR C 127 4.30 12.48 20.40
CA THR C 127 3.52 12.38 21.61
C THR C 127 2.21 11.66 21.33
N ALA C 128 1.43 11.46 22.39
CA ALA C 128 0.15 10.75 22.32
C ALA C 128 -0.93 11.64 22.91
N CYS C 129 -1.88 12.06 22.07
CA CYS C 129 -3.01 12.82 22.54
C CYS C 129 -4.29 12.21 22.02
N SER C 130 -5.38 12.45 22.74
CA SER C 130 -6.69 11.92 22.37
C SER C 130 -7.32 12.78 21.29
N LEU C 131 -7.83 12.14 20.25
CA LEU C 131 -8.34 12.81 19.06
C LEU C 131 -9.78 12.38 18.83
N ASP C 132 -10.72 13.31 18.99
CA ASP C 132 -12.11 13.06 18.67
C ASP C 132 -12.47 13.67 17.32
N ILE C 133 -13.09 12.86 16.47
CA ILE C 133 -13.31 13.24 15.08
C ILE C 133 -14.80 13.24 14.77
N TYR C 134 -15.62 13.62 15.76
CA TYR C 134 -17.07 13.51 15.65
C TYR C 134 -17.65 14.34 14.51
N ASN C 135 -17.05 15.49 14.21
CA ASN C 135 -17.39 16.29 13.04
C ASN C 135 -16.13 16.40 12.18
N PHE C 136 -16.01 15.46 11.21
CA PHE C 136 -14.68 15.04 10.76
C PHE C 136 -13.89 16.10 10.01
N PRO C 137 -14.42 16.84 9.01
CA PRO C 137 -13.55 17.86 8.41
C PRO C 137 -13.54 19.16 9.19
N PHE C 138 -14.60 19.44 9.95
CA PHE C 138 -14.72 20.71 10.66
C PHE C 138 -14.38 20.53 12.14
N ASP C 139 -13.20 19.97 12.41
CA ASP C 139 -12.85 19.60 13.77
C ASP C 139 -11.67 20.40 14.31
N VAL C 140 -11.73 20.70 15.60
CA VAL C 140 -10.68 21.43 16.31
C VAL C 140 -10.12 20.51 17.37
N GLN C 141 -8.82 20.26 17.33
CA GLN C 141 -8.18 19.35 18.26
C GLN C 141 -7.47 20.12 19.37
N ASN C 142 -7.27 19.45 20.49
CA ASN C 142 -6.72 20.06 21.70
C ASN C 142 -5.78 19.03 22.33
N CYS C 143 -4.51 19.08 21.96
CA CYS C 143 -3.50 18.17 22.45
C CYS C 143 -2.53 18.91 23.37
N SER C 144 -1.80 18.14 24.17
CA SER C 144 -1.06 18.70 25.30
C SER C 144 0.42 18.32 25.24
N LEU C 145 1.25 19.21 25.77
CA LEU C 145 2.68 18.97 25.96
C LEU C 145 3.02 19.34 27.39
N THR C 146 3.56 18.40 28.15
CA THR C 146 3.80 18.60 29.58
C THR C 146 5.28 18.42 29.88
N PHE C 147 5.98 19.53 30.11
CA PHE C 147 7.40 19.48 30.40
C PHE C 147 7.61 19.29 31.89
N THR C 148 8.41 18.29 32.24
CA THR C 148 8.61 17.96 33.64
C THR C 148 10.01 17.40 33.83
N SER C 149 10.46 17.40 35.08
CA SER C 149 11.71 16.74 35.44
C SER C 149 11.42 15.31 35.84
N TRP C 150 12.16 14.37 35.28
CA TRP C 150 11.76 12.98 35.45
C TRP C 150 12.21 12.39 36.77
N LEU C 151 13.40 12.73 37.25
CA LEU C 151 13.88 12.20 38.52
C LEU C 151 13.65 13.15 39.69
N HIS C 152 14.09 14.40 39.55
CA HIS C 152 14.12 15.31 40.69
C HIS C 152 12.73 15.79 41.07
N THR C 153 12.52 15.96 42.36
CA THR C 153 11.21 16.36 42.87
C THR C 153 11.15 17.89 42.95
N ILE C 154 10.10 18.40 43.58
CA ILE C 154 9.83 19.83 43.66
C ILE C 154 10.84 20.54 44.56
N GLN C 155 11.52 19.80 45.44
CA GLN C 155 12.54 20.40 46.29
C GLN C 155 13.90 20.49 45.62
N ASP C 156 14.02 20.03 44.38
CA ASP C 156 15.28 20.11 43.65
C ASP C 156 15.16 20.94 42.38
N ILE C 157 14.15 20.69 41.56
CA ILE C 157 13.98 21.40 40.30
C ILE C 157 12.55 21.92 40.22
N ASN C 158 12.40 23.22 40.03
CA ASN C 158 11.12 23.84 39.77
C ASN C 158 11.16 24.49 38.39
N ILE C 159 10.02 24.48 37.69
CA ILE C 159 9.93 24.94 36.31
C ILE C 159 9.08 26.21 36.25
N THR C 160 9.60 27.23 35.59
CA THR C 160 8.91 28.51 35.40
C THR C 160 8.92 28.81 33.91
N LEU C 161 8.25 29.89 33.50
CA LEU C 161 8.33 30.42 32.15
C LEU C 161 9.42 31.49 32.05
N TRP C 162 10.01 31.58 30.85
CA TRP C 162 10.92 32.66 30.50
C TRP C 162 10.18 33.98 30.55
N ARG C 163 9.21 34.13 29.66
CA ARG C 163 8.46 35.37 29.43
C ARG C 163 7.00 35.16 29.83
N SER C 164 6.19 36.18 29.60
CA SER C 164 4.82 36.18 30.09
C SER C 164 3.96 35.21 29.29
N PRO C 165 2.90 34.65 29.88
CA PRO C 165 2.04 33.73 29.12
C PRO C 165 1.17 34.39 28.07
N GLU C 166 1.13 35.72 27.99
CA GLU C 166 0.40 36.36 26.91
C GLU C 166 1.27 36.50 25.67
N GLU C 167 2.58 36.61 25.84
CA GLU C 167 3.48 36.64 24.69
C GLU C 167 3.65 35.26 24.07
N VAL C 168 3.49 34.20 24.87
CA VAL C 168 3.60 32.86 24.32
C VAL C 168 2.33 32.50 23.56
N ARG C 169 1.18 33.00 23.99
CA ARG C 169 -0.09 32.60 23.41
C ARG C 169 -0.30 33.20 22.03
N SER C 170 0.23 34.39 21.77
CA SER C 170 -0.01 35.12 20.54
C SER C 170 1.18 35.06 19.60
N ASP C 171 1.86 33.92 19.52
CA ASP C 171 3.08 33.79 18.73
C ASP C 171 2.82 32.77 17.62
N LYS C 172 2.62 33.25 16.40
CA LYS C 172 2.47 32.43 15.21
C LYS C 172 3.36 32.97 14.10
N SER C 173 4.60 33.30 14.45
CA SER C 173 5.44 34.06 13.53
C SER C 173 6.10 33.18 12.48
N ILE C 174 6.52 31.97 12.86
CA ILE C 174 7.34 31.13 12.00
C ILE C 174 6.63 29.88 11.53
N PHE C 175 5.35 29.73 11.85
CA PHE C 175 4.64 28.48 11.62
C PHE C 175 4.46 28.22 10.13
N ILE C 176 4.90 27.05 9.68
CA ILE C 176 4.84 26.67 8.27
C ILE C 176 3.38 26.34 7.93
N ASN C 177 2.77 27.18 7.09
CA ASN C 177 1.37 27.02 6.71
C ASN C 177 1.25 26.16 5.46
N GLN C 178 0.07 26.20 4.84
CA GLN C 178 -0.31 25.48 3.62
C GLN C 178 -0.18 23.96 3.77
N GLY C 179 -0.32 23.47 4.99
CA GLY C 179 -0.04 22.07 5.26
C GLY C 179 -1.11 21.36 6.05
N GLU C 180 -2.38 21.63 5.73
CA GLU C 180 -3.55 20.82 6.07
C GLU C 180 -3.98 20.97 7.52
N TRP C 181 -3.16 21.58 8.37
CA TRP C 181 -3.51 21.90 9.74
C TRP C 181 -3.16 23.35 10.02
N GLU C 182 -3.94 23.98 10.88
CA GLU C 182 -3.82 25.40 11.17
C GLU C 182 -3.65 25.61 12.66
N LEU C 183 -2.56 26.25 13.05
CA LEU C 183 -2.30 26.51 14.46
C LEU C 183 -3.11 27.69 14.93
N LEU C 184 -3.88 27.51 16.00
CA LEU C 184 -4.67 28.59 16.58
C LEU C 184 -3.95 29.28 17.73
N GLU C 185 -3.61 28.54 18.78
CA GLU C 185 -2.89 29.13 19.90
C GLU C 185 -2.09 28.07 20.64
N VAL C 186 -1.17 28.53 21.48
CA VAL C 186 -0.37 27.69 22.38
C VAL C 186 -0.46 28.32 23.76
N PHE C 187 -1.12 27.66 24.70
CA PHE C 187 -1.42 28.27 25.98
C PHE C 187 -0.71 27.54 27.13
N PRO C 188 0.12 28.22 27.92
CA PRO C 188 0.82 27.55 29.02
C PRO C 188 0.08 27.60 30.35
N GLN C 189 0.41 26.63 31.21
CA GLN C 189 -0.26 26.48 32.49
C GLN C 189 0.62 25.67 33.44
N PHE C 190 0.81 26.16 34.66
CA PHE C 190 1.63 25.49 35.66
C PHE C 190 0.77 24.60 36.55
N LYS C 191 1.22 23.36 36.76
CA LYS C 191 0.57 22.45 37.68
C LYS C 191 1.63 21.75 38.50
N GLU C 192 1.20 20.83 39.35
CA GLU C 192 2.09 20.07 40.23
C GLU C 192 1.61 18.63 40.28
N PHE C 193 2.46 17.72 39.83
CA PHE C 193 2.09 16.33 39.59
C PHE C 193 2.38 15.50 40.83
N SER C 194 1.50 14.55 41.12
CA SER C 194 1.67 13.66 42.27
C SER C 194 0.82 12.42 42.05
N ILE C 195 1.42 11.25 42.18
CA ILE C 195 0.67 9.99 42.22
C ILE C 195 0.55 9.47 43.64
N ASP C 196 1.67 9.29 44.32
CA ASP C 196 1.68 8.90 45.72
C ASP C 196 1.97 10.12 46.59
N ILE C 197 1.99 9.88 47.90
CA ILE C 197 2.28 10.95 48.84
C ILE C 197 3.78 11.17 48.91
N SER C 198 4.16 12.36 49.41
CA SER C 198 5.51 12.83 49.68
C SER C 198 6.41 12.95 48.45
N ASN C 199 5.88 12.84 47.24
CA ASN C 199 6.65 13.06 46.03
C ASN C 199 5.83 13.92 45.08
N SER C 200 6.24 15.16 44.90
CA SER C 200 5.59 16.08 43.98
C SER C 200 6.59 16.49 42.91
N TYR C 201 6.10 16.66 41.70
CA TYR C 201 6.95 16.98 40.56
C TYR C 201 6.39 18.22 39.88
N ALA C 202 7.28 19.16 39.57
CA ALA C 202 6.86 20.36 38.86
C ALA C 202 6.60 20.02 37.40
N GLU C 203 5.53 20.58 36.84
CA GLU C 203 5.26 20.39 35.44
C GLU C 203 4.70 21.68 34.85
N MET C 204 4.68 21.75 33.53
CA MET C 204 4.28 22.96 32.81
C MET C 204 3.57 22.52 31.54
N LYS C 205 2.25 22.55 31.55
CA LYS C 205 1.47 22.12 30.41
C LYS C 205 1.35 23.23 29.38
N PHE C 206 1.62 22.89 28.13
CA PHE C 206 1.33 23.73 26.98
C PHE C 206 0.17 23.08 26.23
N TYR C 207 -0.91 23.81 26.05
CA TYR C 207 -2.05 23.31 25.28
C TYR C 207 -1.93 23.80 23.85
N VAL C 208 -1.90 22.87 22.90
CA VAL C 208 -1.75 23.19 21.49
C VAL C 208 -3.09 22.95 20.81
N ILE C 209 -3.70 24.01 20.29
CA ILE C 209 -5.02 23.94 19.65
C ILE C 209 -4.84 24.12 18.16
N ILE C 210 -5.24 23.11 17.39
CA ILE C 210 -5.09 23.12 15.95
C ILE C 210 -6.44 22.86 15.30
N ARG C 211 -6.55 23.22 14.03
CA ARG C 211 -7.82 23.13 13.30
C ARG C 211 -7.56 22.70 11.87
N ARG C 212 -8.36 21.74 11.40
CA ARG C 212 -8.20 21.18 10.07
C ARG C 212 -8.75 22.14 9.01
N ARG C 213 -8.10 22.20 7.86
CA ARG C 213 -8.59 22.98 6.73
C ARG C 213 -9.52 22.11 5.89
N PRO C 214 -10.84 22.32 5.94
CA PRO C 214 -11.79 21.34 5.41
C PRO C 214 -12.18 21.55 3.95
N LEU C 215 -11.20 21.90 3.12
CA LEU C 215 -11.55 22.25 1.75
C LEU C 215 -11.52 21.04 0.85
N PHE C 216 -10.39 20.36 0.78
CA PHE C 216 -10.25 19.27 -0.18
C PHE C 216 -10.90 17.98 0.28
N TYR C 217 -11.28 17.88 1.55
CA TYR C 217 -12.17 16.78 1.93
C TYR C 217 -13.59 17.06 1.49
N ALA C 218 -13.97 18.33 1.38
CA ALA C 218 -15.34 18.67 1.01
C ALA C 218 -15.60 18.48 -0.48
N VAL C 219 -14.58 18.64 -1.33
CA VAL C 219 -14.80 18.44 -2.76
C VAL C 219 -14.54 16.99 -3.15
N SER C 220 -13.74 16.28 -2.38
CA SER C 220 -13.49 14.88 -2.68
C SER C 220 -14.50 13.95 -2.04
N LEU C 221 -15.57 14.50 -1.47
CA LEU C 221 -16.65 13.70 -0.92
C LEU C 221 -18.03 14.15 -1.36
N LEU C 222 -18.19 15.38 -1.84
CA LEU C 222 -19.46 15.82 -2.40
C LEU C 222 -19.54 15.65 -3.90
N LEU C 223 -18.44 15.89 -4.60
CA LEU C 223 -18.46 15.84 -6.06
C LEU C 223 -18.75 14.46 -6.63
N PRO C 224 -18.40 13.33 -6.00
CA PRO C 224 -19.05 12.08 -6.40
C PRO C 224 -20.43 11.85 -5.79
N SER C 225 -20.75 12.50 -4.67
CA SER C 225 -22.05 12.27 -4.06
C SER C 225 -23.15 13.03 -4.78
N ILE C 226 -22.87 14.27 -5.21
CA ILE C 226 -23.83 15.02 -5.99
C ILE C 226 -23.97 14.43 -7.39
N PHE C 227 -22.87 13.89 -7.94
CA PHE C 227 -22.87 13.39 -9.31
C PHE C 227 -23.77 12.17 -9.47
N LEU C 228 -23.66 11.21 -8.57
CA LEU C 228 -24.48 10.01 -8.68
C LEU C 228 -25.92 10.24 -8.26
N MET C 229 -26.26 11.40 -7.71
CA MET C 229 -27.65 11.77 -7.54
C MET C 229 -28.22 12.37 -8.81
N VAL C 230 -27.41 13.07 -9.59
CA VAL C 230 -27.88 13.68 -10.84
C VAL C 230 -28.17 12.61 -11.88
N VAL C 231 -27.32 11.58 -11.94
CA VAL C 231 -27.50 10.48 -12.88
C VAL C 231 -28.77 9.68 -12.54
N ASP C 232 -29.14 9.62 -11.26
CA ASP C 232 -30.34 8.91 -10.87
C ASP C 232 -31.61 9.67 -11.28
N ILE C 233 -31.53 11.00 -11.33
CA ILE C 233 -32.68 11.80 -11.72
C ILE C 233 -32.95 11.65 -13.21
N VAL C 234 -31.89 11.60 -14.02
CA VAL C 234 -32.02 11.43 -15.45
C VAL C 234 -32.59 10.05 -15.80
N GLY C 235 -32.34 9.04 -14.96
CA GLY C 235 -32.81 7.71 -15.25
C GLY C 235 -34.30 7.47 -15.05
N PHE C 236 -35.02 8.40 -14.42
CA PHE C 236 -36.46 8.26 -14.34
C PHE C 236 -37.15 8.55 -15.67
N CYS C 237 -36.49 9.26 -16.57
CA CYS C 237 -37.12 9.60 -17.84
C CYS C 237 -37.17 8.43 -18.81
N LEU C 238 -36.52 7.31 -18.49
CA LEU C 238 -36.73 6.09 -19.25
C LEU C 238 -38.16 5.59 -19.04
N PRO C 239 -38.80 5.07 -20.07
CA PRO C 239 -40.14 4.51 -19.90
C PRO C 239 -40.05 3.17 -19.18
N PRO C 240 -40.98 2.90 -18.26
CA PRO C 240 -40.84 1.69 -17.42
C PRO C 240 -41.12 0.38 -18.15
N ASP C 241 -41.96 0.39 -19.18
CA ASP C 241 -42.15 -0.83 -19.97
C ASP C 241 -41.18 -0.90 -21.14
N SER C 242 -39.90 -0.68 -20.84
CA SER C 242 -38.85 -0.79 -21.84
C SER C 242 -37.77 -1.80 -21.46
N GLY C 243 -37.77 -2.34 -20.25
CA GLY C 243 -36.84 -3.36 -19.85
C GLY C 243 -35.42 -2.88 -19.60
N GLU C 244 -35.22 -1.58 -19.37
CA GLU C 244 -33.90 -1.02 -19.17
C GLU C 244 -33.78 -0.19 -17.90
N ARG C 245 -34.91 0.24 -17.33
CA ARG C 245 -34.86 1.06 -16.13
C ARG C 245 -34.37 0.26 -14.93
N VAL C 246 -34.73 -1.03 -14.86
CA VAL C 246 -34.26 -1.86 -13.76
C VAL C 246 -32.77 -2.10 -13.86
N SER C 247 -32.27 -2.36 -15.07
CA SER C 247 -30.84 -2.54 -15.30
C SER C 247 -30.06 -1.24 -15.12
N PHE C 248 -30.72 -0.09 -15.31
CA PHE C 248 -30.09 1.18 -15.02
C PHE C 248 -29.86 1.35 -13.53
N LYS C 249 -30.89 1.05 -12.72
CA LYS C 249 -30.83 1.39 -11.31
C LYS C 249 -29.91 0.47 -10.54
N ILE C 250 -29.74 -0.78 -10.98
CA ILE C 250 -28.91 -1.70 -10.21
C ILE C 250 -27.44 -1.52 -10.55
N THR C 251 -27.15 -1.06 -11.78
CA THR C 251 -25.77 -0.74 -12.12
C THR C 251 -25.30 0.49 -11.37
N LEU C 252 -26.16 1.51 -11.29
CA LEU C 252 -25.80 2.74 -10.58
C LEU C 252 -25.71 2.53 -9.09
N LEU C 253 -26.56 1.65 -8.53
CA LEU C 253 -26.45 1.30 -7.13
C LEU C 253 -25.23 0.44 -6.87
N LEU C 254 -24.82 -0.36 -7.86
CA LEU C 254 -23.56 -1.10 -7.77
C LEU C 254 -22.38 -0.15 -7.72
N GLY C 255 -22.35 0.83 -8.62
CA GLY C 255 -21.25 1.78 -8.68
C GLY C 255 -21.17 2.72 -7.49
N TYR C 256 -22.26 2.85 -6.74
CA TYR C 256 -22.24 3.71 -5.56
C TYR C 256 -21.66 2.98 -4.36
N SER C 257 -21.95 1.69 -4.24
CA SER C 257 -21.39 0.90 -3.14
C SER C 257 -19.91 0.63 -3.32
N VAL C 258 -19.43 0.64 -4.58
CA VAL C 258 -18.00 0.57 -4.83
C VAL C 258 -17.33 1.84 -4.36
N PHE C 259 -18.03 2.97 -4.39
CA PHE C 259 -17.43 4.24 -3.98
C PHE C 259 -17.21 4.34 -2.48
N LEU C 260 -18.08 3.76 -1.66
CA LEU C 260 -17.95 3.96 -0.21
C LEU C 260 -16.77 3.19 0.37
N ILE C 261 -16.36 2.09 -0.27
CA ILE C 261 -15.26 1.31 0.28
C ILE C 261 -13.92 1.96 -0.04
N ILE C 262 -13.89 2.91 -0.97
CA ILE C 262 -12.74 3.78 -1.17
C ILE C 262 -12.73 4.92 -0.16
N VAL C 263 -13.91 5.38 0.25
CA VAL C 263 -14.04 6.44 1.25
C VAL C 263 -13.56 5.96 2.61
N SER C 264 -13.96 4.75 3.02
CA SER C 264 -13.52 4.22 4.29
C SER C 264 -12.05 3.83 4.27
N ASP C 265 -11.45 3.66 3.10
CA ASP C 265 -10.04 3.33 3.01
C ASP C 265 -9.17 4.55 3.32
N THR C 266 -9.65 5.75 2.99
CA THR C 266 -8.89 6.97 3.19
C THR C 266 -9.33 7.77 4.40
N LEU C 267 -10.45 7.43 5.02
CA LEU C 267 -10.96 8.19 6.15
C LEU C 267 -11.09 7.28 7.36
N PRO C 268 -10.30 7.46 8.41
CA PRO C 268 -10.36 6.55 9.55
C PRO C 268 -11.44 6.93 10.55
N ALA C 269 -11.64 6.03 11.50
CA ALA C 269 -12.60 6.22 12.58
C ALA C 269 -11.99 5.69 13.87
N THR C 270 -12.36 6.33 14.98
CA THR C 270 -11.82 5.98 16.29
C THR C 270 -12.72 4.94 16.95
N ALA C 271 -12.52 4.70 18.25
CA ALA C 271 -13.25 3.66 18.95
C ALA C 271 -14.71 4.03 19.22
N ILE C 272 -15.07 5.30 19.10
CA ILE C 272 -16.48 5.67 19.28
C ILE C 272 -17.30 5.44 18.02
N GLY C 273 -16.65 5.16 16.89
CA GLY C 273 -17.37 4.89 15.66
C GLY C 273 -17.17 5.95 14.60
N THR C 274 -18.13 6.02 13.67
CA THR C 274 -18.03 6.92 12.53
C THR C 274 -18.35 8.36 12.96
N PRO C 275 -17.86 9.35 12.20
CA PRO C 275 -18.29 10.73 12.45
C PRO C 275 -19.71 11.04 12.03
N LEU C 276 -20.09 12.31 12.14
CA LEU C 276 -21.45 12.73 11.83
C LEU C 276 -21.76 12.69 10.34
N ILE C 277 -20.74 12.82 9.48
CA ILE C 277 -20.99 12.73 8.04
C ILE C 277 -21.17 11.30 7.56
N GLY C 278 -20.88 10.31 8.40
CA GLY C 278 -21.26 8.95 8.07
C GLY C 278 -22.75 8.71 8.12
N VAL C 279 -23.48 9.54 8.87
CA VAL C 279 -24.93 9.50 8.82
C VAL C 279 -25.44 10.04 7.49
N TYR C 280 -24.80 11.08 6.98
CA TYR C 280 -25.26 11.71 5.75
C TYR C 280 -24.92 10.91 4.50
N PHE C 281 -24.12 9.86 4.62
CA PHE C 281 -23.91 8.96 3.48
C PHE C 281 -24.96 7.87 3.41
N VAL C 282 -25.43 7.36 4.55
CA VAL C 282 -26.43 6.30 4.52
C VAL C 282 -27.83 6.88 4.30
N VAL C 283 -28.01 8.19 4.44
CA VAL C 283 -29.26 8.80 4.02
C VAL C 283 -29.31 8.90 2.51
N CYS C 284 -28.19 9.27 1.88
CA CYS C 284 -28.13 9.22 0.43
C CYS C 284 -28.07 7.79 -0.10
N MET C 285 -27.70 6.82 0.73
CA MET C 285 -27.77 5.43 0.30
C MET C 285 -29.21 4.94 0.23
N ALA C 286 -29.97 5.14 1.31
CA ALA C 286 -31.34 4.65 1.35
C ALA C 286 -32.27 5.47 0.45
N LEU C 287 -31.84 6.64 0.00
CA LEU C 287 -32.62 7.40 -0.95
C LEU C 287 -32.54 6.82 -2.36
N LEU C 288 -31.54 5.99 -2.64
CA LEU C 288 -31.49 5.26 -3.90
C LEU C 288 -32.24 3.94 -3.86
N VAL C 289 -32.42 3.35 -2.68
CA VAL C 289 -33.18 2.11 -2.59
C VAL C 289 -34.67 2.38 -2.74
N ILE C 290 -35.11 3.59 -2.34
CA ILE C 290 -36.49 3.98 -2.57
C ILE C 290 -36.77 4.15 -4.06
N SER C 291 -35.80 4.70 -4.80
CA SER C 291 -35.97 4.80 -6.25
C SER C 291 -35.86 3.44 -6.92
N LEU C 292 -35.15 2.50 -6.31
CA LEU C 292 -35.12 1.14 -6.84
C LEU C 292 -36.43 0.41 -6.56
N ALA C 293 -36.99 0.58 -5.36
CA ALA C 293 -38.24 -0.07 -5.03
C ALA C 293 -39.42 0.57 -5.74
N GLU C 294 -39.30 1.83 -6.15
CA GLU C 294 -40.35 2.46 -6.94
C GLU C 294 -40.36 1.90 -8.37
N THR C 295 -39.20 1.55 -8.89
CA THR C 295 -39.13 0.98 -10.24
C THR C 295 -39.69 -0.44 -10.26
N ILE C 296 -39.29 -1.27 -9.29
CA ILE C 296 -39.73 -2.66 -9.24
C ILE C 296 -41.23 -2.74 -8.96
N PHE C 297 -41.77 -1.78 -8.21
CA PHE C 297 -43.21 -1.76 -7.97
C PHE C 297 -43.99 -1.43 -9.22
N ILE C 298 -43.42 -0.63 -10.13
CA ILE C 298 -44.18 -0.19 -11.29
C ILE C 298 -43.93 -1.07 -12.51
N VAL C 299 -42.81 -1.80 -12.56
CA VAL C 299 -42.61 -2.79 -13.62
C VAL C 299 -43.52 -3.98 -13.40
N ARG C 300 -43.77 -4.33 -12.13
CA ARG C 300 -44.74 -5.37 -11.81
C ARG C 300 -46.16 -4.96 -12.22
N LEU C 301 -46.43 -3.66 -12.26
CA LEU C 301 -47.77 -3.20 -12.57
C LEU C 301 -48.05 -3.27 -14.06
N VAL C 302 -47.23 -2.64 -14.89
CA VAL C 302 -47.46 -2.58 -16.33
C VAL C 302 -46.69 -3.73 -16.99
N HIS C 303 -47.29 -4.91 -16.97
CA HIS C 303 -46.65 -6.06 -17.57
C HIS C 303 -47.75 -7.07 -17.88
N LYS C 304 -47.55 -7.83 -18.96
CA LYS C 304 -48.66 -8.54 -19.58
C LYS C 304 -48.73 -9.97 -19.05
N GLN C 305 -49.48 -10.15 -17.97
CA GLN C 305 -49.75 -11.48 -17.42
C GLN C 305 -51.24 -11.68 -17.28
N ASP C 306 -51.85 -12.31 -18.31
CA ASP C 306 -53.21 -12.83 -18.43
C ASP C 306 -54.25 -12.00 -17.67
N LEU C 307 -54.18 -10.68 -17.88
CA LEU C 307 -54.66 -9.69 -16.94
C LEU C 307 -56.17 -9.63 -16.90
N GLN C 308 -56.68 -9.00 -15.85
CA GLN C 308 -58.08 -8.63 -15.70
C GLN C 308 -58.20 -7.12 -15.75
N ARG C 309 -59.43 -6.64 -15.86
CA ARG C 309 -59.65 -5.20 -15.81
C ARG C 309 -59.49 -4.74 -14.36
N PRO C 310 -58.87 -3.58 -14.12
CA PRO C 310 -58.61 -3.16 -12.74
C PRO C 310 -59.89 -2.78 -12.00
N VAL C 311 -59.72 -2.52 -10.71
CA VAL C 311 -60.86 -2.19 -9.84
C VAL C 311 -61.44 -0.84 -10.25
N PRO C 312 -62.76 -0.73 -10.44
CA PRO C 312 -63.35 0.58 -10.77
C PRO C 312 -63.22 1.60 -9.66
N ASP C 313 -63.10 1.17 -8.41
CA ASP C 313 -62.77 2.10 -7.35
C ASP C 313 -61.33 2.56 -7.47
N TRP C 314 -60.41 1.65 -7.81
CA TRP C 314 -59.00 1.99 -7.86
C TRP C 314 -58.60 2.59 -9.20
N LEU C 315 -59.53 2.70 -10.14
CA LEU C 315 -59.33 3.47 -11.36
C LEU C 315 -59.92 4.87 -11.26
N ARG C 316 -60.97 5.03 -10.45
CA ARG C 316 -61.67 6.32 -10.41
C ARG C 316 -60.88 7.37 -9.64
N HIS C 317 -60.34 7.01 -8.48
CA HIS C 317 -59.53 7.98 -7.76
C HIS C 317 -58.07 7.98 -8.20
N LEU C 318 -57.74 7.33 -9.32
CA LEU C 318 -56.41 7.44 -9.90
C LEU C 318 -56.46 8.22 -11.21
N VAL C 319 -57.33 7.81 -12.14
CA VAL C 319 -57.37 8.43 -13.45
C VAL C 319 -58.05 9.80 -13.36
N LEU C 320 -59.12 9.90 -12.60
CA LEU C 320 -59.88 11.15 -12.54
C LEU C 320 -59.35 12.12 -11.49
N ASP C 321 -59.12 11.65 -10.27
CA ASP C 321 -58.79 12.55 -9.17
C ASP C 321 -57.33 12.98 -9.16
N ARG C 322 -56.39 12.06 -9.39
CA ARG C 322 -54.97 12.40 -9.26
C ARG C 322 -54.47 13.28 -10.40
N ILE C 323 -55.21 13.39 -11.49
CA ILE C 323 -54.82 14.31 -12.56
C ILE C 323 -55.44 15.68 -12.36
N ALA C 324 -56.46 15.79 -11.50
CA ALA C 324 -57.14 17.06 -11.30
C ALA C 324 -56.62 17.80 -10.06
N TRP C 325 -56.33 17.06 -8.99
CA TRP C 325 -55.88 17.69 -7.76
C TRP C 325 -54.39 17.96 -7.74
N ILE C 326 -53.60 17.24 -8.54
CA ILE C 326 -52.14 17.35 -8.53
C ILE C 326 -51.60 17.69 -9.91
N LEU C 327 -51.96 16.90 -10.91
CA LEU C 327 -51.38 17.05 -12.24
C LEU C 327 -52.20 18.05 -13.04
N CYS C 328 -51.98 18.10 -14.35
CA CYS C 328 -52.73 18.98 -15.22
C CYS C 328 -53.25 18.22 -16.44
N LEU C 385 -77.60 -25.72 -46.89
CA LEU C 385 -76.73 -26.36 -45.90
C LEU C 385 -75.29 -25.90 -46.07
N ALA C 386 -74.91 -25.65 -47.34
CA ALA C 386 -73.58 -25.13 -47.60
C ALA C 386 -73.48 -23.64 -47.30
N VAL C 387 -74.59 -22.92 -47.38
CA VAL C 387 -74.58 -21.49 -47.10
C VAL C 387 -74.54 -21.24 -45.59
N ARG C 388 -75.34 -21.98 -44.82
CA ARG C 388 -75.34 -21.84 -43.38
C ARG C 388 -74.10 -22.44 -42.73
N GLY C 389 -73.36 -23.29 -43.45
CA GLY C 389 -72.08 -23.77 -42.95
C GLY C 389 -70.95 -22.78 -43.08
N LEU C 390 -71.17 -21.68 -43.80
CA LEU C 390 -70.13 -20.67 -43.99
C LEU C 390 -70.00 -19.77 -42.76
N LEU C 391 -71.08 -19.08 -42.39
CA LEU C 391 -71.00 -18.06 -41.35
C LEU C 391 -70.83 -18.64 -39.95
N GLN C 392 -71.08 -19.94 -39.76
CA GLN C 392 -70.73 -20.57 -38.50
C GLN C 392 -69.22 -20.67 -38.34
N GLU C 393 -68.49 -20.82 -39.44
CA GLU C 393 -67.04 -20.79 -39.38
C GLU C 393 -66.51 -19.37 -39.30
N LEU C 394 -67.19 -18.43 -39.95
CA LEU C 394 -66.75 -17.04 -39.90
C LEU C 394 -66.98 -16.42 -38.53
N SER C 395 -67.99 -16.89 -37.79
CA SER C 395 -68.19 -16.43 -36.43
C SER C 395 -67.10 -16.96 -35.51
N SER C 396 -66.52 -18.11 -35.84
CA SER C 396 -65.39 -18.61 -35.07
C SER C 396 -64.14 -17.79 -35.35
N ILE C 397 -63.94 -17.38 -36.61
CA ILE C 397 -62.81 -16.54 -36.96
C ILE C 397 -62.96 -15.15 -36.36
N ARG C 398 -64.20 -14.67 -36.24
CA ARG C 398 -64.46 -13.44 -35.50
C ARG C 398 -64.17 -13.61 -34.02
N HIS C 399 -64.32 -14.83 -33.50
CA HIS C 399 -64.14 -15.06 -32.08
C HIS C 399 -62.67 -15.07 -31.69
N PHE C 400 -61.79 -15.62 -32.53
CA PHE C 400 -60.38 -15.65 -32.18
C PHE C 400 -59.74 -14.27 -32.30
N LEU C 401 -60.23 -13.43 -33.21
CA LEU C 401 -59.75 -12.05 -33.26
C LEU C 401 -60.34 -11.18 -32.17
N GLU C 402 -61.49 -11.55 -31.62
CA GLU C 402 -62.08 -10.76 -30.55
C GLU C 402 -61.36 -10.97 -29.22
N LYS C 403 -60.96 -12.21 -28.93
CA LYS C 403 -60.20 -12.47 -27.72
C LYS C 403 -58.79 -11.91 -27.81
N ARG C 404 -58.27 -11.76 -29.02
CA ARG C 404 -56.99 -11.09 -29.22
C ARG C 404 -57.08 -9.59 -28.96
N ASP C 405 -58.21 -8.98 -29.31
CA ASP C 405 -58.37 -7.55 -29.14
C ASP C 405 -58.73 -7.18 -27.70
N GLU C 406 -59.56 -7.99 -27.04
CA GLU C 406 -59.98 -7.66 -25.68
C GLU C 406 -58.86 -7.85 -24.66
N MET C 407 -57.92 -8.76 -24.93
CA MET C 407 -56.74 -8.85 -24.08
C MET C 407 -55.75 -7.74 -24.35
N ARG C 408 -55.90 -7.03 -25.47
CA ARG C 408 -55.03 -5.91 -25.80
C ARG C 408 -55.51 -4.61 -25.19
N GLU C 409 -56.82 -4.38 -25.15
CA GLU C 409 -57.34 -3.15 -24.58
C GLU C 409 -57.31 -3.14 -23.06
N VAL C 410 -57.30 -4.31 -22.41
CA VAL C 410 -57.15 -4.32 -20.96
C VAL C 410 -55.70 -4.17 -20.55
N ALA C 411 -54.76 -4.39 -21.46
CA ALA C 411 -53.37 -4.06 -21.19
C ALA C 411 -53.09 -2.58 -21.36
N ARG C 412 -53.95 -1.87 -22.10
CA ARG C 412 -53.84 -0.42 -22.17
C ARG C 412 -54.32 0.24 -20.89
N ASP C 413 -55.37 -0.31 -20.28
CA ASP C 413 -55.94 0.29 -19.07
C ASP C 413 -55.00 0.18 -17.89
N TRP C 414 -54.21 -0.91 -17.81
CA TRP C 414 -53.17 -0.96 -16.80
C TRP C 414 -52.02 -0.03 -17.16
N LEU C 415 -51.78 0.19 -18.45
CA LEU C 415 -50.66 1.03 -18.86
C LEU C 415 -50.96 2.51 -18.59
N ARG C 416 -52.22 2.90 -18.65
CA ARG C 416 -52.59 4.27 -18.32
C ARG C 416 -52.45 4.54 -16.82
N VAL C 417 -52.71 3.52 -15.99
CA VAL C 417 -52.54 3.65 -14.54
C VAL C 417 -51.08 3.79 -14.19
N GLY C 418 -50.20 3.05 -14.87
CA GLY C 418 -48.79 3.09 -14.56
C GLY C 418 -48.06 4.33 -15.03
N TYR C 419 -48.74 5.25 -15.72
CA TYR C 419 -48.10 6.48 -16.14
C TYR C 419 -48.57 7.70 -15.38
N VAL C 420 -49.82 7.70 -14.92
CA VAL C 420 -50.27 8.73 -14.01
C VAL C 420 -49.58 8.56 -12.66
N LEU C 421 -49.42 7.32 -12.22
CA LEU C 421 -48.76 7.01 -10.98
C LEU C 421 -47.24 7.14 -11.06
N ASP C 422 -46.68 7.17 -12.27
CA ASP C 422 -45.24 7.34 -12.40
C ASP C 422 -44.82 8.80 -12.26
N ARG C 423 -45.52 9.71 -12.94
CA ARG C 423 -45.22 11.12 -12.80
C ARG C 423 -45.61 11.66 -11.44
N LEU C 424 -46.51 10.97 -10.72
CA LEU C 424 -46.80 11.33 -9.34
C LEU C 424 -45.61 11.02 -8.43
N LEU C 425 -45.04 9.83 -8.56
CA LEU C 425 -43.92 9.45 -7.72
C LEU C 425 -42.60 10.04 -8.19
N PHE C 426 -42.55 10.56 -9.41
CA PHE C 426 -41.38 11.29 -9.85
C PHE C 426 -41.32 12.68 -9.23
N ARG C 427 -42.47 13.29 -8.96
CA ARG C 427 -42.47 14.63 -8.37
C ARG C 427 -42.34 14.58 -6.86
N ILE C 428 -42.77 13.48 -6.22
CA ILE C 428 -42.57 13.33 -4.79
C ILE C 428 -41.10 13.06 -4.48
N TYR C 429 -40.45 12.26 -5.32
CA TYR C 429 -39.03 11.97 -5.15
C TYR C 429 -38.18 13.21 -5.42
N LEU C 430 -38.55 13.99 -6.42
CA LEU C 430 -37.81 15.20 -6.73
C LEU C 430 -38.03 16.29 -5.69
N LEU C 431 -39.15 16.22 -4.95
CA LEU C 431 -39.37 17.17 -3.87
C LEU C 431 -38.53 16.83 -2.64
N ALA C 432 -38.30 15.53 -2.40
CA ALA C 432 -37.53 15.13 -1.23
C ALA C 432 -36.03 15.36 -1.44
N VAL C 433 -35.54 15.16 -2.66
CA VAL C 433 -34.11 15.38 -2.92
C VAL C 433 -33.76 16.84 -3.05
N LEU C 434 -34.76 17.73 -3.13
CA LEU C 434 -34.50 19.16 -3.11
C LEU C 434 -34.65 19.74 -1.71
N ALA C 435 -35.54 19.16 -0.90
CA ALA C 435 -35.68 19.62 0.48
C ALA C 435 -34.51 19.19 1.34
N TYR C 436 -33.93 18.03 1.04
CA TYR C 436 -32.76 17.57 1.77
C TYR C 436 -31.49 18.27 1.28
N SER C 437 -31.44 18.67 0.01
CA SER C 437 -30.26 19.32 -0.52
C SER C 437 -30.12 20.74 0.00
N ILE C 438 -31.23 21.47 0.12
CA ILE C 438 -31.14 22.83 0.66
C ILE C 438 -31.02 22.83 2.18
N THR C 439 -31.38 21.73 2.84
CA THR C 439 -31.10 21.60 4.26
C THR C 439 -29.61 21.41 4.51
N LEU C 440 -28.94 20.69 3.61
CA LEU C 440 -27.52 20.41 3.75
C LEU C 440 -26.67 21.66 3.52
N VAL C 441 -27.17 22.59 2.71
CA VAL C 441 -26.45 23.85 2.49
C VAL C 441 -26.87 24.92 3.49
N THR C 442 -28.01 24.73 4.16
CA THR C 442 -28.41 25.67 5.22
C THR C 442 -27.54 25.47 6.47
N LEU C 443 -27.27 24.21 6.82
CA LEU C 443 -26.42 23.92 7.96
C LEU C 443 -24.97 24.32 7.71
N TRP C 444 -24.55 24.31 6.45
CA TRP C 444 -23.19 24.74 6.12
C TRP C 444 -23.04 26.25 6.16
N SER C 445 -24.06 26.99 5.72
CA SER C 445 -23.96 28.44 5.65
C SER C 445 -24.06 29.11 7.00
N ILE C 446 -24.71 28.49 7.98
CA ILE C 446 -24.69 29.07 9.33
C ILE C 446 -23.38 28.78 10.04
N TRP C 447 -22.62 27.77 9.58
CA TRP C 447 -21.29 27.54 10.13
C TRP C 447 -20.28 28.53 9.59
N HIS C 448 -20.40 28.90 8.32
CA HIS C 448 -19.36 29.65 7.63
C HIS C 448 -19.31 31.10 8.10
N TYR C 449 -20.42 31.64 8.59
CA TYR C 449 -20.45 33.01 9.06
C TYR C 449 -19.75 33.11 10.42
N SER C 450 -18.69 33.91 10.47
CA SER C 450 -17.81 34.10 11.63
C SER C 450 -17.25 32.80 12.17
N THR D 2 66.56 17.90 17.93
CA THR D 2 66.34 16.62 17.27
C THR D 2 65.46 16.80 16.04
N GLN D 3 65.58 15.85 15.10
CA GLN D 3 64.73 15.83 13.90
C GLN D 3 64.20 14.42 13.68
N PRO D 4 63.18 13.99 14.45
CA PRO D 4 62.62 12.64 14.23
C PRO D 4 61.84 12.50 12.94
N ALA D 5 60.85 13.35 12.72
CA ALA D 5 59.92 13.30 11.61
C ALA D 5 59.20 14.64 11.56
N LEU D 6 58.08 14.72 10.86
CA LEU D 6 57.22 15.89 10.94
C LEU D 6 55.88 15.57 11.60
N LEU D 7 55.91 14.67 12.57
CA LEU D 7 54.91 14.62 13.63
C LEU D 7 55.28 15.54 14.77
N ARG D 8 56.45 16.17 14.72
CA ARG D 8 56.80 17.20 15.68
C ARG D 8 56.09 18.52 15.40
N LEU D 9 55.46 18.67 14.25
CA LEU D 9 54.59 19.82 14.04
C LEU D 9 53.29 19.66 14.79
N SER D 10 52.70 18.46 14.75
CA SER D 10 51.36 18.29 15.27
C SER D 10 51.31 18.33 16.78
N ASP D 11 52.37 17.88 17.47
CA ASP D 11 52.33 17.98 18.92
C ASP D 11 52.78 19.35 19.40
N HIS D 12 53.54 20.08 18.58
CA HIS D 12 53.77 21.50 18.85
C HIS D 12 52.47 22.28 18.70
N LEU D 13 51.60 21.84 17.82
CA LEU D 13 50.41 22.58 17.47
C LEU D 13 49.22 22.19 18.36
N LEU D 14 49.29 21.05 19.04
CA LEU D 14 48.21 20.55 19.86
C LEU D 14 48.70 20.10 21.23
N ALA D 15 49.77 20.69 21.74
CA ALA D 15 50.22 20.37 23.09
C ALA D 15 49.24 20.90 24.13
N ASN D 16 49.08 22.22 24.17
CA ASN D 16 48.10 22.88 25.01
C ASN D 16 47.12 23.60 24.08
N TYR D 17 46.14 22.83 23.60
CA TYR D 17 45.08 23.36 22.76
C TYR D 17 43.75 22.97 23.39
N LYS D 18 42.84 23.94 23.49
CA LYS D 18 41.56 23.75 24.13
C LYS D 18 40.48 23.93 23.08
N LYS D 19 39.79 22.85 22.77
CA LYS D 19 38.81 22.81 21.69
C LYS D 19 37.45 23.35 22.08
N GLY D 20 37.31 23.97 23.24
CA GLY D 20 36.03 24.53 23.62
C GLY D 20 36.01 26.03 23.52
N VAL D 21 37.16 26.63 23.28
CA VAL D 21 37.29 28.08 23.27
C VAL D 21 37.20 28.55 21.83
N ARG D 22 36.38 29.56 21.59
CA ARG D 22 36.30 30.17 20.26
C ARG D 22 37.61 30.88 19.97
N PRO D 23 38.31 30.52 18.91
CA PRO D 23 39.74 30.87 18.75
C PRO D 23 40.05 32.28 18.26
N VAL D 24 40.02 33.24 19.18
CA VAL D 24 40.42 34.61 18.89
C VAL D 24 41.35 35.10 19.99
N ARG D 25 42.29 35.97 19.63
CA ARG D 25 43.10 36.64 20.63
C ARG D 25 42.30 37.71 21.34
N ASP D 26 41.58 38.53 20.59
CA ASP D 26 40.71 39.55 21.13
C ASP D 26 39.27 39.07 21.00
N TRP D 27 38.54 39.05 22.11
CA TRP D 27 37.20 38.49 22.14
C TRP D 27 36.17 39.38 21.47
N ARG D 28 36.54 40.60 21.08
CA ARG D 28 35.61 41.53 20.47
C ARG D 28 35.46 41.33 18.97
N LYS D 29 36.28 40.49 18.36
CA LYS D 29 36.22 40.32 16.91
C LYS D 29 35.52 39.01 16.57
N PRO D 30 34.61 39.00 15.61
CA PRO D 30 33.89 37.76 15.29
C PRO D 30 34.73 36.82 14.44
N THR D 31 34.27 35.57 14.42
CA THR D 31 34.83 34.55 13.55
C THR D 31 34.00 34.49 12.27
N THR D 32 34.64 34.62 11.13
CA THR D 32 33.95 34.72 9.85
C THR D 32 34.05 33.40 9.11
N VAL D 33 32.91 32.80 8.79
CA VAL D 33 32.83 31.49 8.15
C VAL D 33 32.36 31.68 6.72
N SER D 34 33.12 31.15 5.77
CA SER D 34 32.84 31.31 4.35
C SER D 34 32.39 29.97 3.78
N ILE D 35 31.15 29.89 3.31
CA ILE D 35 30.53 28.63 2.92
C ILE D 35 30.36 28.58 1.41
N ASP D 36 29.97 27.40 0.91
CA ASP D 36 29.80 27.13 -0.51
C ASP D 36 29.02 25.83 -0.67
N VAL D 37 28.22 25.73 -1.74
CA VAL D 37 27.26 24.63 -1.93
C VAL D 37 27.23 24.22 -3.41
N ILE D 38 27.22 22.92 -3.68
CA ILE D 38 26.81 22.37 -4.97
C ILE D 38 25.69 21.36 -4.75
N MET D 39 24.57 21.54 -5.45
CA MET D 39 23.48 20.58 -5.40
C MET D 39 23.84 19.33 -6.20
N TYR D 40 23.58 18.16 -5.64
CA TYR D 40 23.91 16.89 -6.29
C TYR D 40 22.70 16.11 -6.75
N ALA D 41 21.65 16.00 -5.94
CA ALA D 41 20.49 15.22 -6.34
C ALA D 41 19.25 15.73 -5.63
N ILE D 42 18.12 15.66 -6.32
CA ILE D 42 16.82 15.89 -5.71
C ILE D 42 16.23 14.51 -5.41
N LEU D 43 16.19 14.13 -4.14
CA LEU D 43 15.82 12.76 -3.83
C LEU D 43 14.31 12.57 -3.78
N ASN D 44 13.58 13.52 -3.19
CA ASN D 44 12.16 13.33 -2.99
C ASN D 44 11.50 14.69 -2.85
N VAL D 45 10.33 14.84 -3.46
CA VAL D 45 9.49 16.02 -3.28
C VAL D 45 8.13 15.52 -2.83
N ASP D 46 7.77 15.82 -1.59
CA ASP D 46 6.55 15.30 -0.97
C ASP D 46 5.51 16.41 -0.99
N GLU D 47 4.52 16.31 -1.86
CA GLU D 47 3.54 17.38 -1.99
C GLU D 47 2.53 17.37 -0.86
N LYS D 48 2.25 16.20 -0.28
CA LYS D 48 1.25 16.12 0.78
C LYS D 48 1.78 16.67 2.09
N ASN D 49 3.00 16.30 2.46
CA ASN D 49 3.58 16.69 3.74
C ASN D 49 4.42 17.95 3.66
N GLN D 50 4.59 18.52 2.46
CA GLN D 50 5.34 19.76 2.22
C GLN D 50 6.80 19.63 2.63
N VAL D 51 7.44 18.52 2.23
CA VAL D 51 8.79 18.18 2.67
C VAL D 51 9.66 17.91 1.45
N LEU D 52 10.82 18.56 1.40
CA LEU D 52 11.81 18.39 0.34
C LEU D 52 13.02 17.63 0.87
N THR D 53 13.53 16.69 0.07
CA THR D 53 14.70 15.91 0.45
C THR D 53 15.74 15.98 -0.65
N THR D 54 16.89 16.57 -0.36
CA THR D 54 17.95 16.77 -1.34
C THR D 54 19.25 16.15 -0.81
N TYR D 55 20.33 16.36 -1.55
CA TYR D 55 21.65 15.87 -1.17
C TYR D 55 22.67 16.81 -1.77
N ILE D 56 23.45 17.49 -0.95
CA ILE D 56 24.36 18.51 -1.43
C ILE D 56 25.79 18.13 -1.09
N TRP D 57 26.73 18.87 -1.67
CA TRP D 57 28.14 18.84 -1.28
C TRP D 57 28.48 20.19 -0.68
N TYR D 58 29.05 20.18 0.52
CA TYR D 58 29.21 21.38 1.32
C TYR D 58 30.67 21.58 1.67
N ARG D 59 31.10 22.84 1.77
CA ARG D 59 32.44 23.15 2.22
C ARG D 59 32.44 24.51 2.90
N GLN D 60 33.42 24.73 3.78
CA GLN D 60 33.47 25.94 4.58
C GLN D 60 34.89 26.14 5.10
N TYR D 61 35.27 27.39 5.33
CA TYR D 61 36.52 27.63 6.04
C TYR D 61 36.37 28.80 7.00
N TRP D 62 37.29 28.87 7.95
CA TRP D 62 37.36 29.94 8.93
C TRP D 62 38.81 30.10 9.34
N THR D 63 39.09 31.08 10.17
CA THR D 63 40.45 31.40 10.59
C THR D 63 40.62 31.03 12.06
N ASP D 64 41.66 30.27 12.36
CA ASP D 64 41.98 29.84 13.72
C ASP D 64 43.26 30.55 14.13
N GLU D 65 43.17 31.40 15.15
CA GLU D 65 44.30 32.21 15.59
C GLU D 65 45.38 31.39 16.28
N PHE D 66 45.05 30.19 16.75
CA PHE D 66 45.95 29.40 17.57
C PHE D 66 46.71 28.35 16.79
N LEU D 67 46.26 28.01 15.58
CA LEU D 67 46.94 27.04 14.74
C LEU D 67 47.79 27.75 13.70
N GLN D 68 48.90 28.34 14.15
CA GLN D 68 49.79 29.07 13.27
C GLN D 68 51.22 28.64 13.51
N TRP D 69 52.00 28.58 12.44
CA TRP D 69 53.41 28.21 12.55
C TRP D 69 54.17 28.84 11.41
N THR D 70 55.46 29.02 11.61
CA THR D 70 56.29 29.35 10.47
C THR D 70 56.68 28.07 9.72
N PRO D 71 56.69 28.08 8.39
CA PRO D 71 56.97 26.84 7.66
C PRO D 71 58.42 26.43 7.73
N GLU D 72 59.35 27.37 7.90
CA GLU D 72 60.68 26.98 8.29
C GLU D 72 60.69 26.51 9.74
N ASP D 73 61.74 25.78 10.10
CA ASP D 73 61.89 24.96 11.30
C ASP D 73 60.89 23.82 11.37
N PHE D 74 60.17 23.54 10.28
CA PHE D 74 59.33 22.36 10.16
C PHE D 74 59.42 21.80 8.75
N ASP D 75 60.58 21.98 8.11
CA ASP D 75 60.93 21.37 6.81
C ASP D 75 59.97 21.81 5.71
N ASN D 76 59.63 23.10 5.71
CA ASN D 76 58.80 23.75 4.68
C ASN D 76 57.41 23.14 4.54
N VAL D 77 56.82 22.68 5.64
CA VAL D 77 55.44 22.19 5.58
C VAL D 77 54.50 23.39 5.60
N THR D 78 53.67 23.51 4.57
CA THR D 78 52.72 24.61 4.49
C THR D 78 51.29 24.23 4.82
N LYS D 79 50.93 22.95 4.75
CA LYS D 79 49.64 22.52 5.27
C LYS D 79 49.72 21.07 5.68
N LEU D 80 48.77 20.66 6.52
CA LEU D 80 48.70 19.28 6.99
C LEU D 80 47.26 18.98 7.36
N SER D 81 46.97 17.71 7.58
CA SER D 81 45.63 17.26 7.93
C SER D 81 45.57 16.88 9.40
N ILE D 82 44.49 17.28 10.05
CA ILE D 82 44.26 17.14 11.49
C ILE D 82 42.89 16.48 11.67
N PRO D 83 42.70 15.61 12.66
CA PRO D 83 41.35 15.08 12.92
C PRO D 83 40.36 16.17 13.30
N THR D 84 39.09 15.93 12.98
CA THR D 84 38.06 16.94 13.13
C THR D 84 37.71 17.16 14.59
N ASP D 85 37.75 16.10 15.40
CA ASP D 85 37.34 16.18 16.80
C ASP D 85 38.47 16.63 17.71
N SER D 86 39.48 17.30 17.18
CA SER D 86 40.54 17.86 17.99
C SER D 86 40.56 19.37 18.02
N ILE D 87 39.72 20.04 17.22
CA ILE D 87 39.74 21.48 17.09
C ILE D 87 38.33 22.02 17.26
N TRP D 88 38.24 23.35 17.32
CA TRP D 88 36.96 24.04 17.42
C TRP D 88 36.25 24.00 16.06
N VAL D 89 34.97 23.66 16.07
CA VAL D 89 34.16 23.63 14.86
C VAL D 89 32.89 24.45 15.10
N PRO D 90 32.51 25.36 14.20
CA PRO D 90 31.29 26.13 14.40
C PRO D 90 30.05 25.29 14.18
N ASP D 91 28.92 25.80 14.68
CA ASP D 91 27.64 25.09 14.63
C ASP D 91 26.73 25.73 13.58
N ILE D 92 26.86 25.29 12.34
CA ILE D 92 26.09 25.84 11.23
C ILE D 92 24.96 24.88 10.94
N LEU D 93 23.73 25.32 11.13
CA LEU D 93 22.55 24.51 10.90
C LEU D 93 21.66 25.15 9.84
N ILE D 94 20.48 24.58 9.66
CA ILE D 94 19.49 25.07 8.72
C ILE D 94 18.22 25.40 9.50
N ASN D 95 17.57 26.52 9.18
CA ASN D 95 16.31 26.84 9.81
C ASN D 95 15.22 25.85 9.42
N GLU D 96 15.25 25.31 8.21
CA GLU D 96 14.12 24.56 7.70
C GLU D 96 14.18 23.07 8.01
N PHE D 97 15.02 22.64 8.95
CA PHE D 97 15.06 21.24 9.33
C PHE D 97 13.74 20.77 9.94
N VAL D 98 13.30 19.59 9.53
CA VAL D 98 12.23 18.86 10.20
C VAL D 98 12.64 17.44 10.55
N ASP D 99 13.86 17.04 10.25
CA ASP D 99 14.33 15.68 10.45
C ASP D 99 15.85 15.73 10.44
N VAL D 100 16.49 14.58 10.61
CA VAL D 100 17.94 14.46 10.51
C VAL D 100 18.24 13.42 9.44
N GLY D 101 18.91 13.83 8.38
CA GLY D 101 19.33 12.89 7.36
C GLY D 101 20.61 12.18 7.74
N LYS D 102 20.83 11.04 7.10
CA LYS D 102 22.01 10.23 7.35
C LYS D 102 23.09 10.59 6.33
N SER D 103 24.21 11.10 6.83
CA SER D 103 25.31 11.56 6.01
C SER D 103 26.59 10.85 6.44
N PRO D 104 27.52 10.63 5.51
CA PRO D 104 28.79 10.02 5.89
C PRO D 104 29.62 10.96 6.73
N ASN D 105 30.46 10.38 7.58
CA ASN D 105 31.32 11.16 8.46
C ASN D 105 32.66 11.38 7.79
N ILE D 106 33.16 12.60 7.85
CA ILE D 106 34.47 12.97 7.31
C ILE D 106 35.38 13.32 8.48
N PRO D 107 36.37 12.50 8.81
CA PRO D 107 37.13 12.69 10.05
C PRO D 107 38.36 13.58 9.95
N TYR D 108 38.60 14.31 8.88
CA TYR D 108 39.81 15.10 8.76
C TYR D 108 39.50 16.48 8.20
N VAL D 109 40.35 17.46 8.55
CA VAL D 109 40.31 18.81 7.98
C VAL D 109 41.72 19.21 7.58
N TYR D 110 41.81 20.20 6.70
CA TYR D 110 43.07 20.85 6.33
C TYR D 110 43.34 22.05 7.20
N VAL D 111 44.62 22.32 7.45
CA VAL D 111 45.04 23.50 8.21
C VAL D 111 46.24 24.10 7.48
N HIS D 112 46.11 25.33 7.03
CA HIS D 112 47.22 26.05 6.42
C HIS D 112 48.02 26.79 7.47
N HIS D 113 49.16 27.34 7.06
CA HIS D 113 50.10 27.84 8.06
C HIS D 113 49.79 29.25 8.53
N ARG D 114 48.71 29.86 8.05
CA ARG D 114 48.23 31.11 8.60
C ARG D 114 47.01 30.93 9.49
N GLY D 115 46.50 29.71 9.62
CA GLY D 115 45.38 29.44 10.47
C GLY D 115 44.10 29.10 9.74
N GLU D 116 44.10 29.11 8.42
CA GLU D 116 42.90 28.81 7.66
C GLU D 116 42.58 27.33 7.73
N VAL D 117 41.39 26.99 8.23
CA VAL D 117 40.98 25.61 8.45
C VAL D 117 39.87 25.30 7.47
N GLN D 118 40.08 24.33 6.59
CA GLN D 118 39.13 24.00 5.53
C GLN D 118 38.43 22.68 5.83
N ASN D 119 37.12 22.66 5.64
CA ASN D 119 36.29 21.52 6.01
C ASN D 119 35.40 21.14 4.83
N TYR D 120 35.45 19.88 4.43
CA TYR D 120 34.66 19.35 3.32
C TYR D 120 33.77 18.24 3.83
N LYS D 121 32.48 18.29 3.54
CA LYS D 121 31.58 17.23 3.97
C LYS D 121 30.33 17.20 3.10
N PRO D 122 29.79 16.01 2.83
CA PRO D 122 28.49 15.91 2.17
C PRO D 122 27.34 15.84 3.16
N LEU D 123 26.17 16.31 2.72
CA LEU D 123 25.03 16.43 3.61
C LEU D 123 23.77 15.99 2.91
N GLN D 124 22.93 15.23 3.63
CA GLN D 124 21.58 14.93 3.21
C GLN D 124 20.62 15.79 4.02
N LEU D 125 19.73 16.51 3.33
CA LEU D 125 18.91 17.53 3.95
C LEU D 125 17.45 17.16 3.81
N VAL D 126 16.72 17.17 4.92
CA VAL D 126 15.28 16.92 4.92
C VAL D 126 14.63 18.20 5.43
N THR D 127 14.22 19.06 4.51
CA THR D 127 13.72 20.38 4.87
C THR D 127 12.23 20.47 4.57
N ALA D 128 11.66 21.63 4.91
CA ALA D 128 10.24 21.88 4.74
C ALA D 128 10.07 23.17 3.94
N CYS D 129 9.51 23.04 2.74
CA CYS D 129 9.21 24.20 1.92
C CYS D 129 7.77 24.13 1.44
N SER D 130 7.21 25.29 1.14
CA SER D 130 5.83 25.38 0.67
C SER D 130 5.75 25.08 -0.82
N LEU D 131 4.83 24.21 -1.20
CA LEU D 131 4.72 23.71 -2.56
C LEU D 131 3.32 24.01 -3.09
N ASP D 132 3.23 24.89 -4.08
CA ASP D 132 1.97 25.15 -4.76
C ASP D 132 1.91 24.41 -6.08
N ILE D 133 0.81 23.70 -6.31
CA ILE D 133 0.70 22.79 -7.43
C ILE D 133 -0.46 23.20 -8.32
N TYR D 134 -0.70 24.51 -8.43
CA TYR D 134 -1.88 25.03 -9.12
C TYR D 134 -1.94 24.64 -10.59
N ASN D 135 -0.79 24.53 -11.24
CA ASN D 135 -0.69 24.00 -12.60
C ASN D 135 0.21 22.76 -12.54
N PHE D 136 -0.42 21.59 -12.38
CA PHE D 136 0.24 20.47 -11.70
C PHE D 136 1.42 19.87 -12.45
N PRO D 137 1.36 19.54 -13.77
CA PRO D 137 2.59 19.02 -14.37
C PRO D 137 3.54 20.12 -14.81
N PHE D 138 3.02 21.30 -15.10
CA PHE D 138 3.84 22.39 -15.64
C PHE D 138 4.18 23.39 -14.53
N ASP D 139 4.75 22.89 -13.44
CA ASP D 139 4.95 23.73 -12.26
C ASP D 139 6.44 23.92 -11.95
N VAL D 140 6.76 25.12 -11.46
CA VAL D 140 8.12 25.50 -11.08
C VAL D 140 8.09 25.80 -9.59
N GLN D 141 8.90 25.10 -8.82
CA GLN D 141 8.93 25.27 -7.37
C GLN D 141 10.10 26.13 -6.95
N ASN D 142 9.98 26.73 -5.77
CA ASN D 142 10.95 27.70 -5.26
C ASN D 142 11.08 27.44 -3.75
N CYS D 143 12.03 26.58 -3.39
CA CYS D 143 12.27 26.22 -2.00
C CYS D 143 13.60 26.80 -1.54
N SER D 144 13.76 26.87 -0.22
CA SER D 144 14.82 27.66 0.38
C SER D 144 15.69 26.82 1.31
N LEU D 145 16.96 27.20 1.41
CA LEU D 145 17.91 26.64 2.36
C LEU D 145 18.60 27.80 3.06
N THR D 146 18.51 27.85 4.38
CA THR D 146 19.01 28.99 5.14
C THR D 146 20.05 28.52 6.14
N PHE D 147 21.32 28.78 5.85
CA PHE D 147 22.40 28.37 6.73
C PHE D 147 22.64 29.44 7.78
N THR D 148 22.64 29.03 9.04
CA THR D 148 22.78 29.97 10.13
C THR D 148 23.50 29.32 11.29
N SER D 149 24.01 30.14 12.20
CA SER D 149 24.58 29.65 13.44
C SER D 149 23.49 29.60 14.49
N TRP D 150 23.37 28.49 15.19
CA TRP D 150 22.20 28.32 16.03
C TRP D 150 22.34 28.99 17.39
N LEU D 151 23.52 28.99 17.99
CA LEU D 151 23.70 29.63 19.29
C LEU D 151 24.30 31.03 19.16
N HIS D 152 25.42 31.16 18.46
CA HIS D 152 26.18 32.39 18.47
C HIS D 152 25.49 33.49 17.69
N THR D 153 25.61 34.72 18.17
CA THR D 153 24.97 35.86 17.55
C THR D 153 25.90 36.49 16.52
N ILE D 154 25.52 37.66 16.01
CA ILE D 154 26.25 38.34 14.96
C ILE D 154 27.59 38.89 15.45
N GLN D 155 27.75 39.05 16.76
CA GLN D 155 29.02 39.50 17.32
C GLN D 155 30.01 38.37 17.54
N ASP D 156 29.63 37.13 17.24
CA ASP D 156 30.53 36.00 17.39
C ASP D 156 30.81 35.30 16.07
N ILE D 157 29.79 34.99 15.30
CA ILE D 157 29.95 34.27 14.03
C ILE D 157 29.19 35.02 12.95
N ASN D 158 29.88 35.39 11.89
CA ASN D 158 29.27 35.96 10.70
C ASN D 158 29.53 35.03 9.52
N ILE D 159 28.58 34.96 8.60
CA ILE D 159 28.62 34.02 7.48
C ILE D 159 28.78 34.80 6.17
N THR D 160 29.74 34.38 5.35
CA THR D 160 30.02 34.97 4.06
C THR D 160 30.02 33.84 3.02
N LEU D 161 30.15 34.19 1.75
CA LEU D 161 30.38 33.22 0.68
C LEU D 161 31.86 33.02 0.42
N TRP D 162 32.20 31.80 -0.01
CA TRP D 162 33.54 31.50 -0.50
C TRP D 162 33.84 32.32 -1.74
N ARG D 163 33.09 32.08 -2.80
CA ARG D 163 33.28 32.65 -4.12
C ARG D 163 32.09 33.55 -4.46
N SER D 164 32.11 34.10 -5.68
CA SER D 164 31.15 35.11 -6.07
C SER D 164 29.77 34.48 -6.27
N PRO D 165 28.69 35.25 -6.08
CA PRO D 165 27.34 34.69 -6.28
C PRO D 165 26.96 34.44 -7.72
N GLU D 166 27.79 34.86 -8.69
CA GLU D 166 27.51 34.51 -10.07
C GLU D 166 28.07 33.15 -10.44
N GLU D 167 29.16 32.74 -9.78
CA GLU D 167 29.70 31.41 -10.00
C GLU D 167 28.87 30.34 -9.31
N VAL D 168 28.16 30.69 -8.24
CA VAL D 168 27.31 29.73 -7.57
C VAL D 168 26.02 29.53 -8.35
N ARG D 169 25.54 30.59 -9.02
CA ARG D 169 24.24 30.53 -9.68
C ARG D 169 24.27 29.70 -10.94
N SER D 170 25.41 29.67 -11.64
CA SER D 170 25.54 29.01 -12.94
C SER D 170 26.27 27.68 -12.84
N ASP D 171 26.03 26.92 -11.77
CA ASP D 171 26.75 25.68 -11.53
C ASP D 171 25.76 24.52 -11.57
N LYS D 172 25.75 23.79 -12.67
CA LYS D 172 24.95 22.57 -12.84
C LYS D 172 25.81 21.45 -13.38
N SER D 173 27.01 21.30 -12.82
CA SER D 173 28.02 20.44 -13.44
C SER D 173 27.80 18.97 -13.09
N ILE D 174 27.39 18.68 -11.86
CA ILE D 174 27.36 17.31 -11.36
C ILE D 174 25.95 16.80 -11.11
N PHE D 175 24.93 17.59 -11.45
CA PHE D 175 23.57 17.27 -11.06
C PHE D 175 23.07 16.03 -11.80
N ILE D 176 22.58 15.05 -11.03
CA ILE D 176 22.10 13.79 -11.58
C ILE D 176 20.75 14.05 -12.25
N ASN D 177 20.71 13.92 -13.57
CA ASN D 177 19.50 14.17 -14.35
C ASN D 177 18.69 12.88 -14.50
N GLN D 178 17.73 12.93 -15.45
CA GLN D 178 16.82 11.83 -15.81
C GLN D 178 15.97 11.37 -14.63
N GLY D 179 15.70 12.26 -13.69
CA GLY D 179 15.05 11.87 -12.46
C GLY D 179 13.91 12.76 -12.05
N GLU D 180 13.07 13.14 -13.03
CA GLU D 180 11.72 13.67 -12.86
C GLU D 180 11.68 15.11 -12.37
N TRP D 181 12.81 15.65 -11.91
CA TRP D 181 12.94 17.06 -11.55
C TRP D 181 14.17 17.63 -12.22
N GLU D 182 14.11 18.91 -12.55
CA GLU D 182 15.14 19.59 -13.30
C GLU D 182 15.61 20.82 -12.55
N LEU D 183 16.89 20.88 -12.23
CA LEU D 183 17.45 22.00 -11.51
C LEU D 183 17.66 23.18 -12.45
N LEU D 184 17.11 24.34 -12.11
CA LEU D 184 17.29 25.54 -12.91
C LEU D 184 18.43 26.41 -12.40
N GLU D 185 18.36 26.87 -11.15
CA GLU D 185 19.43 27.68 -10.58
C GLU D 185 19.43 27.56 -9.07
N VAL D 186 20.54 28.00 -8.48
CA VAL D 186 20.72 28.10 -7.03
C VAL D 186 21.26 29.49 -6.74
N PHE D 187 20.46 30.32 -6.09
CA PHE D 187 20.80 31.74 -5.94
C PHE D 187 21.03 32.10 -4.49
N PRO D 188 22.19 32.63 -4.11
CA PRO D 188 22.45 32.99 -2.71
C PRO D 188 22.10 34.43 -2.37
N GLN D 189 21.84 34.65 -1.08
CA GLN D 189 21.40 35.95 -0.58
C GLN D 189 21.68 36.06 0.91
N PHE D 190 22.30 37.16 1.33
CA PHE D 190 22.62 37.38 2.73
C PHE D 190 21.52 38.19 3.42
N LYS D 191 21.10 37.72 4.60
CA LYS D 191 20.14 38.45 5.42
C LYS D 191 20.61 38.40 6.86
N GLU D 192 19.81 38.99 7.75
CA GLU D 192 20.11 39.04 9.17
C GLU D 192 18.83 38.80 9.95
N PHE D 193 18.81 37.73 10.73
CA PHE D 193 17.61 37.22 11.37
C PHE D 193 17.46 37.81 12.75
N SER D 194 16.23 38.11 13.14
CA SER D 194 15.94 38.67 14.46
C SER D 194 14.47 38.44 14.77
N ILE D 195 14.19 37.86 15.94
CA ILE D 195 12.82 37.79 16.46
C ILE D 195 12.59 38.84 17.53
N ASP D 196 13.42 38.84 18.57
CA ASP D 196 13.36 39.85 19.61
C ASP D 196 14.48 40.86 19.40
N ILE D 197 14.52 41.85 20.29
CA ILE D 197 15.55 42.88 20.21
C ILE D 197 16.84 42.35 20.83
N SER D 198 17.94 43.00 20.47
CA SER D 198 19.31 42.78 20.95
C SER D 198 19.90 41.41 20.63
N ASN D 199 19.26 40.60 19.78
CA ASN D 199 19.82 39.34 19.33
C ASN D 199 19.62 39.22 17.84
N SER D 200 20.71 39.32 17.09
CA SER D 200 20.68 39.18 15.65
C SER D 200 21.56 38.00 15.26
N TYR D 201 21.14 37.27 14.24
CA TYR D 201 21.83 36.07 13.80
C TYR D 201 22.11 36.20 12.31
N ALA D 202 23.34 35.88 11.93
CA ALA D 202 23.71 35.88 10.51
C ALA D 202 23.09 34.69 9.82
N GLU D 203 22.56 34.90 8.62
CA GLU D 203 22.05 33.79 7.84
C GLU D 203 22.38 34.01 6.37
N MET D 204 22.24 32.95 5.59
CA MET D 204 22.61 32.96 4.18
C MET D 204 21.62 32.08 3.44
N LYS D 205 20.64 32.69 2.78
CA LYS D 205 19.63 31.95 2.06
C LYS D 205 20.11 31.54 0.69
N PHE D 206 19.93 30.27 0.37
CA PHE D 206 20.09 29.74 -0.98
C PHE D 206 18.70 29.41 -1.51
N TYR D 207 18.32 30.00 -2.63
CA TYR D 207 17.04 29.70 -3.25
C TYR D 207 17.25 28.64 -4.33
N VAL D 208 16.55 27.52 -4.20
CA VAL D 208 16.68 26.40 -5.12
C VAL D 208 15.43 26.35 -5.97
N ILE D 209 15.57 26.57 -7.27
CA ILE D 209 14.46 26.61 -8.21
C ILE D 209 14.50 25.36 -9.07
N ILE D 210 13.45 24.55 -9.00
CA ILE D 210 13.37 23.29 -9.72
C ILE D 210 12.09 23.27 -10.55
N ARG D 211 12.07 22.40 -11.56
CA ARG D 211 10.97 22.34 -12.51
C ARG D 211 10.68 20.89 -12.88
N ARG D 212 9.41 20.52 -12.86
CA ARG D 212 8.99 19.16 -13.14
C ARG D 212 9.03 18.88 -14.63
N ARG D 213 9.42 17.64 -15.00
CA ARG D 213 9.39 17.21 -16.39
C ARG D 213 8.02 16.63 -16.71
N PRO D 214 7.16 17.33 -17.46
CA PRO D 214 5.74 16.98 -17.55
C PRO D 214 5.39 16.02 -18.67
N LEU D 215 6.25 15.03 -18.89
CA LEU D 215 6.03 14.18 -20.06
C LEU D 215 5.14 12.99 -19.71
N PHE D 216 5.55 12.19 -18.75
CA PHE D 216 4.83 10.96 -18.46
C PHE D 216 3.57 11.18 -17.65
N TYR D 217 3.38 12.36 -17.06
CA TYR D 217 2.06 12.69 -16.53
C TYR D 217 1.11 13.04 -17.65
N ALA D 218 1.63 13.57 -18.77
CA ALA D 218 0.76 13.99 -19.86
C ALA D 218 0.24 12.82 -20.67
N VAL D 219 0.99 11.72 -20.75
CA VAL D 219 0.51 10.57 -21.51
C VAL D 219 -0.28 9.63 -20.61
N SER D 220 -0.02 9.65 -19.31
CA SER D 220 -0.79 8.80 -18.41
C SER D 220 -2.05 9.46 -17.91
N LEU D 221 -2.44 10.59 -18.48
CA LEU D 221 -3.69 11.25 -18.15
C LEU D 221 -4.49 11.66 -19.37
N LEU D 222 -3.89 11.77 -20.55
CA LEU D 222 -4.64 12.03 -21.77
C LEU D 222 -5.01 10.77 -22.53
N LEU D 223 -4.12 9.78 -22.54
CA LEU D 223 -4.37 8.57 -23.32
C LEU D 223 -5.56 7.74 -22.83
N PRO D 224 -5.93 7.71 -21.54
CA PRO D 224 -7.28 7.25 -21.22
C PRO D 224 -8.37 8.28 -21.40
N SER D 225 -8.05 9.57 -21.38
CA SER D 225 -9.11 10.57 -21.52
C SER D 225 -9.54 10.74 -22.96
N ILE D 226 -8.59 10.68 -23.90
CA ILE D 226 -8.94 10.73 -25.32
C ILE D 226 -9.61 9.44 -25.74
N PHE D 227 -9.20 8.31 -25.16
CA PHE D 227 -9.71 7.00 -25.57
C PHE D 227 -11.19 6.84 -25.25
N LEU D 228 -11.61 7.20 -24.04
CA LEU D 228 -13.01 7.05 -23.68
C LEU D 228 -13.89 8.12 -24.31
N MET D 229 -13.32 9.13 -24.96
CA MET D 229 -14.12 10.02 -25.79
C MET D 229 -14.34 9.44 -27.18
N VAL D 230 -13.37 8.68 -27.69
CA VAL D 230 -13.51 8.08 -29.01
C VAL D 230 -14.56 6.98 -29.00
N VAL D 231 -14.58 6.18 -27.92
CA VAL D 231 -15.56 5.11 -27.78
C VAL D 231 -16.98 5.66 -27.65
N ASP D 232 -17.11 6.87 -27.08
CA ASP D 232 -18.43 7.47 -26.97
C ASP D 232 -18.95 7.97 -28.32
N ILE D 233 -18.04 8.37 -29.22
CA ILE D 233 -18.46 8.84 -30.53
C ILE D 233 -18.96 7.67 -31.39
N VAL D 234 -18.30 6.51 -31.28
CA VAL D 234 -18.71 5.33 -32.02
C VAL D 234 -20.06 4.81 -31.55
N GLY D 235 -20.41 5.04 -30.28
CA GLY D 235 -21.66 4.55 -29.75
C GLY D 235 -22.91 5.30 -30.19
N PHE D 236 -22.76 6.46 -30.83
CA PHE D 236 -23.93 7.13 -31.39
C PHE D 236 -24.45 6.43 -32.64
N CYS D 237 -23.62 5.64 -33.31
CA CYS D 237 -24.04 4.99 -34.53
C CYS D 237 -24.96 3.81 -34.30
N LEU D 238 -25.16 3.40 -33.05
CA LEU D 238 -26.20 2.43 -32.73
C LEU D 238 -27.57 3.06 -32.97
N PRO D 239 -28.53 2.31 -33.50
CA PRO D 239 -29.87 2.85 -33.66
C PRO D 239 -30.57 2.95 -32.31
N PRO D 240 -31.32 4.02 -32.06
CA PRO D 240 -31.88 4.23 -30.72
C PRO D 240 -33.02 3.30 -30.36
N ASP D 241 -33.79 2.82 -31.34
CA ASP D 241 -34.83 1.84 -31.02
C ASP D 241 -34.29 0.42 -31.15
N SER D 242 -33.15 0.16 -30.52
CA SER D 242 -32.57 -1.16 -30.48
C SER D 242 -32.35 -1.70 -29.08
N GLY D 243 -32.53 -0.87 -28.04
CA GLY D 243 -32.43 -1.32 -26.67
C GLY D 243 -31.02 -1.58 -26.19
N GLU D 244 -30.01 -1.02 -26.85
CA GLU D 244 -28.62 -1.25 -26.47
C GLU D 244 -27.83 0.03 -26.29
N ARG D 245 -28.32 1.16 -26.81
CA ARG D 245 -27.60 2.41 -26.68
C ARG D 245 -27.58 2.90 -25.25
N VAL D 246 -28.66 2.67 -24.50
CA VAL D 246 -28.70 3.08 -23.10
C VAL D 246 -27.74 2.23 -22.28
N SER D 247 -27.70 0.93 -22.52
CA SER D 247 -26.76 0.05 -21.83
C SER D 247 -25.32 0.30 -22.26
N PHE D 248 -25.10 0.83 -23.45
CA PHE D 248 -23.77 1.24 -23.86
C PHE D 248 -23.30 2.43 -23.04
N LYS D 249 -24.14 3.45 -22.89
CA LYS D 249 -23.69 4.71 -22.32
C LYS D 249 -23.48 4.61 -20.82
N ILE D 250 -24.23 3.74 -20.13
CA ILE D 250 -24.09 3.68 -18.68
C ILE D 250 -22.91 2.79 -18.29
N THR D 251 -22.55 1.83 -19.13
CA THR D 251 -21.35 1.04 -18.87
C THR D 251 -20.10 1.88 -19.08
N LEU D 252 -20.09 2.68 -20.14
CA LEU D 252 -18.93 3.53 -20.42
C LEU D 252 -18.80 4.65 -19.40
N LEU D 253 -19.93 5.18 -18.91
CA LEU D 253 -19.88 6.17 -17.85
C LEU D 253 -19.48 5.53 -16.52
N LEU D 254 -19.82 4.26 -16.33
CA LEU D 254 -19.33 3.52 -15.17
C LEU D 254 -17.82 3.35 -15.22
N GLY D 255 -17.29 2.95 -16.37
CA GLY D 255 -15.86 2.74 -16.51
C GLY D 255 -15.04 4.01 -16.47
N TYR D 256 -15.68 5.17 -16.67
CA TYR D 256 -14.94 6.42 -16.59
C TYR D 256 -14.82 6.90 -15.16
N SER D 257 -15.85 6.67 -14.35
CA SER D 257 -15.79 7.06 -12.94
C SER D 257 -14.87 6.16 -12.14
N VAL D 258 -14.68 4.92 -12.60
CA VAL D 258 -13.67 4.04 -12.02
C VAL D 258 -12.27 4.58 -12.29
N PHE D 259 -12.09 5.26 -13.41
CA PHE D 259 -10.77 5.77 -13.77
C PHE D 259 -10.32 6.94 -12.91
N LEU D 260 -11.25 7.80 -12.47
CA LEU D 260 -10.83 9.01 -11.76
C LEU D 260 -10.36 8.70 -10.34
N ILE D 261 -10.85 7.61 -9.74
CA ILE D 261 -10.43 7.30 -8.39
C ILE D 261 -9.04 6.66 -8.36
N ILE D 262 -8.54 6.21 -9.50
CA ILE D 262 -7.14 5.84 -9.63
C ILE D 262 -6.27 7.06 -9.86
N VAL D 263 -6.81 8.09 -10.53
CA VAL D 263 -6.09 9.34 -10.76
C VAL D 263 -5.85 10.08 -9.45
N SER D 264 -6.88 10.17 -8.59
CA SER D 264 -6.71 10.83 -7.31
C SER D 264 -5.85 10.03 -6.35
N ASP D 265 -5.67 8.74 -6.60
CA ASP D 265 -4.83 7.92 -5.73
C ASP D 265 -3.35 8.22 -5.98
N THR D 266 -2.99 8.58 -7.21
CA THR D 266 -1.60 8.83 -7.55
C THR D 266 -1.25 10.30 -7.66
N LEU D 267 -2.24 11.19 -7.62
CA LEU D 267 -1.98 12.62 -7.78
C LEU D 267 -2.49 13.35 -6.54
N PRO D 268 -1.65 13.93 -5.71
CA PRO D 268 -2.11 14.58 -4.49
C PRO D 268 -2.56 16.02 -4.73
N ALA D 269 -3.16 16.59 -3.68
CA ALA D 269 -3.60 17.97 -3.68
C ALA D 269 -3.31 18.57 -2.32
N THR D 270 -3.03 19.88 -2.31
CA THR D 270 -2.67 20.59 -1.11
C THR D 270 -3.94 21.16 -0.46
N ALA D 271 -3.76 22.06 0.52
CA ALA D 271 -4.89 22.62 1.26
C ALA D 271 -5.71 23.61 0.45
N ILE D 272 -5.19 24.12 -0.66
CA ILE D 272 -5.98 25.02 -1.49
C ILE D 272 -6.92 24.27 -2.42
N GLY D 273 -6.77 22.95 -2.53
CA GLY D 273 -7.65 22.16 -3.38
C GLY D 273 -6.97 21.57 -4.60
N THR D 274 -7.76 21.25 -5.61
CA THR D 274 -7.26 20.59 -6.80
C THR D 274 -6.52 21.58 -7.70
N PRO D 275 -5.62 21.08 -8.57
CA PRO D 275 -5.01 21.96 -9.57
C PRO D 275 -5.95 22.37 -10.70
N LEU D 276 -5.41 23.06 -11.69
CA LEU D 276 -6.21 23.56 -12.79
C LEU D 276 -6.67 22.45 -13.73
N ILE D 277 -5.93 21.34 -13.81
CA ILE D 277 -6.37 20.23 -14.67
C ILE D 277 -7.48 19.42 -14.04
N GLY D 278 -7.79 19.63 -12.76
CA GLY D 278 -9.00 19.05 -12.19
C GLY D 278 -10.26 19.68 -12.72
N VAL D 279 -10.19 20.91 -13.23
CA VAL D 279 -11.31 21.51 -13.93
C VAL D 279 -11.52 20.82 -15.27
N TYR D 280 -10.45 20.48 -15.97
CA TYR D 280 -10.56 19.89 -17.29
C TYR D 280 -10.98 18.43 -17.27
N PHE D 281 -11.04 17.80 -16.09
CA PHE D 281 -11.62 16.46 -16.01
C PHE D 281 -13.12 16.48 -15.81
N VAL D 282 -13.64 17.46 -15.06
CA VAL D 282 -15.09 17.51 -14.85
C VAL D 282 -15.79 18.16 -16.03
N VAL D 283 -15.07 18.80 -16.93
CA VAL D 283 -15.67 19.23 -18.18
C VAL D 283 -15.86 18.04 -19.11
N CYS D 284 -14.86 17.15 -19.16
CA CYS D 284 -15.03 15.91 -19.90
C CYS D 284 -15.98 14.95 -19.19
N MET D 285 -16.22 15.14 -17.89
CA MET D 285 -17.22 14.32 -17.22
C MET D 285 -18.63 14.74 -17.61
N ALA D 286 -18.94 16.04 -17.52
CA ALA D 286 -20.27 16.51 -17.84
C ALA D 286 -20.56 16.46 -19.32
N LEU D 287 -19.55 16.31 -20.16
CA LEU D 287 -19.78 16.14 -21.59
C LEU D 287 -20.27 14.74 -21.92
N LEU D 288 -20.11 13.77 -21.03
CA LEU D 288 -20.70 12.45 -21.19
C LEU D 288 -22.12 12.37 -20.64
N VAL D 289 -22.47 13.21 -19.67
CA VAL D 289 -23.82 13.19 -19.14
C VAL D 289 -24.79 13.83 -20.14
N ILE D 290 -24.30 14.77 -20.95
CA ILE D 290 -25.12 15.34 -22.01
C ILE D 290 -25.41 14.29 -23.08
N SER D 291 -24.44 13.44 -23.39
CA SER D 291 -24.69 12.36 -24.33
C SER D 291 -25.58 11.28 -23.73
N LEU D 292 -25.57 11.13 -22.40
CA LEU D 292 -26.48 10.21 -21.75
C LEU D 292 -27.90 10.77 -21.74
N ALA D 293 -28.05 12.06 -21.46
CA ALA D 293 -29.37 12.67 -21.45
C ALA D 293 -29.95 12.84 -22.84
N GLU D 294 -29.10 12.88 -23.87
CA GLU D 294 -29.61 12.91 -25.23
C GLU D 294 -30.15 11.56 -25.65
N THR D 295 -29.58 10.48 -25.14
CA THR D 295 -30.07 9.14 -25.45
C THR D 295 -31.40 8.87 -24.77
N ILE D 296 -31.51 9.21 -23.49
CA ILE D 296 -32.73 8.96 -22.72
C ILE D 296 -33.88 9.83 -23.22
N PHE D 297 -33.56 11.02 -23.73
CA PHE D 297 -34.60 11.87 -24.30
C PHE D 297 -35.15 11.30 -25.60
N ILE D 298 -34.33 10.59 -26.37
CA ILE D 298 -34.77 10.12 -27.66
C ILE D 298 -35.31 8.69 -27.62
N VAL D 299 -34.95 7.89 -26.61
CA VAL D 299 -35.56 6.59 -26.42
C VAL D 299 -37.00 6.76 -25.93
N ARG D 300 -37.24 7.79 -25.12
CA ARG D 300 -38.60 8.13 -24.69
C ARG D 300 -39.45 8.56 -25.88
N LEU D 301 -38.83 9.11 -26.92
CA LEU D 301 -39.59 9.61 -28.05
C LEU D 301 -40.06 8.48 -28.97
N VAL D 302 -39.13 7.65 -29.45
CA VAL D 302 -39.47 6.58 -30.40
C VAL D 302 -39.71 5.30 -29.60
N HIS D 303 -40.91 5.17 -29.07
CA HIS D 303 -41.27 3.99 -28.32
C HIS D 303 -42.78 3.87 -28.32
N LYS D 304 -43.26 2.64 -28.31
CA LYS D 304 -44.64 2.36 -28.70
C LYS D 304 -45.54 2.33 -27.46
N GLN D 305 -46.08 3.50 -27.11
CA GLN D 305 -47.05 3.60 -26.02
C GLN D 305 -48.29 4.31 -26.53
N ASP D 306 -49.29 3.51 -26.97
CA ASP D 306 -50.68 3.85 -27.34
C ASP D 306 -50.82 5.22 -27.99
N LEU D 307 -49.95 5.47 -28.96
CA LEU D 307 -49.54 6.81 -29.34
C LEU D 307 -50.64 7.54 -30.10
N GLN D 308 -50.47 8.85 -30.20
CA GLN D 308 -51.27 9.72 -31.04
C GLN D 308 -50.40 10.27 -32.17
N ARG D 309 -51.04 10.89 -33.14
CA ARG D 309 -50.27 11.53 -34.20
C ARG D 309 -49.65 12.81 -33.63
N PRO D 310 -48.42 13.15 -34.01
CA PRO D 310 -47.76 14.32 -33.41
C PRO D 310 -48.38 15.63 -33.87
N VAL D 311 -47.91 16.71 -33.25
CA VAL D 311 -48.44 18.05 -33.55
C VAL D 311 -48.06 18.44 -34.98
N PRO D 312 -49.01 18.91 -35.80
CA PRO D 312 -48.67 19.35 -37.15
C PRO D 312 -47.76 20.57 -37.18
N ASP D 313 -47.78 21.40 -36.14
CA ASP D 313 -46.78 22.45 -36.03
C ASP D 313 -45.42 21.87 -35.72
N TRP D 314 -45.36 20.86 -34.84
CA TRP D 314 -44.08 20.32 -34.42
C TRP D 314 -43.58 19.23 -35.37
N LEU D 315 -44.34 18.91 -36.42
CA LEU D 315 -43.87 18.09 -37.51
C LEU D 315 -43.39 18.92 -38.68
N ARG D 316 -43.96 20.12 -38.87
CA ARG D 316 -43.67 20.90 -40.06
C ARG D 316 -42.29 21.56 -39.97
N HIS D 317 -41.96 22.15 -38.82
CA HIS D 317 -40.62 22.72 -38.70
C HIS D 317 -39.59 21.71 -38.25
N LEU D 318 -39.90 20.41 -38.26
CA LEU D 318 -38.91 19.38 -38.01
C LEU D 318 -38.62 18.60 -39.28
N VAL D 319 -39.67 18.08 -39.93
CA VAL D 319 -39.47 17.23 -41.10
C VAL D 319 -39.10 18.08 -42.31
N LEU D 320 -39.74 19.23 -42.48
CA LEU D 320 -39.50 20.04 -43.66
C LEU D 320 -38.34 21.02 -43.50
N ASP D 321 -38.30 21.75 -42.39
CA ASP D 321 -37.32 22.82 -42.24
C ASP D 321 -35.94 22.34 -41.83
N ARG D 322 -35.85 21.40 -40.87
CA ARG D 322 -34.55 21.01 -40.35
C ARG D 322 -33.75 20.16 -41.32
N ILE D 323 -34.40 19.62 -42.37
CA ILE D 323 -33.64 18.88 -43.39
C ILE D 323 -33.21 19.81 -44.52
N ALA D 324 -33.79 21.00 -44.61
CA ALA D 324 -33.46 21.91 -45.69
C ALA D 324 -32.43 22.95 -45.26
N TRP D 325 -32.54 23.45 -44.03
CA TRP D 325 -31.63 24.49 -43.57
C TRP D 325 -30.32 23.94 -43.02
N ILE D 326 -30.31 22.68 -42.58
CA ILE D 326 -29.14 22.07 -41.96
C ILE D 326 -28.70 20.81 -42.68
N LEU D 327 -29.61 19.87 -42.86
CA LEU D 327 -29.26 18.57 -43.42
C LEU D 327 -29.34 18.62 -44.95
N CYS D 328 -29.30 17.46 -45.58
CA CYS D 328 -29.44 17.38 -47.02
C CYS D 328 -30.48 16.35 -47.43
N LEU D 385 -81.19 -13.26 -45.96
CA LEU D 385 -80.82 -13.06 -44.56
C LEU D 385 -79.46 -13.68 -44.28
N ALA D 386 -79.18 -14.80 -44.95
CA ALA D 386 -77.88 -15.43 -44.81
C ALA D 386 -76.81 -14.70 -45.61
N VAL D 387 -77.19 -14.02 -46.69
CA VAL D 387 -76.22 -13.30 -47.50
C VAL D 387 -75.83 -11.99 -46.82
N ARG D 388 -76.81 -11.25 -46.29
CA ARG D 388 -76.52 -10.01 -45.59
C ARG D 388 -75.88 -10.24 -44.23
N GLY D 389 -75.96 -11.46 -43.68
CA GLY D 389 -75.25 -11.78 -42.47
C GLY D 389 -73.77 -12.06 -42.67
N LEU D 390 -73.32 -12.16 -43.92
CA LEU D 390 -71.93 -12.42 -44.21
C LEU D 390 -71.08 -11.16 -44.07
N LEU D 391 -71.40 -10.13 -44.86
CA LEU D 391 -70.55 -8.94 -44.95
C LEU D 391 -70.61 -8.08 -43.71
N GLN D 392 -71.61 -8.27 -42.84
CA GLN D 392 -71.58 -7.60 -41.54
C GLN D 392 -70.48 -8.17 -40.66
N GLU D 393 -70.17 -9.46 -40.81
CA GLU D 393 -69.05 -10.05 -40.10
C GLU D 393 -67.73 -9.73 -40.76
N LEU D 394 -67.72 -9.63 -42.10
CA LEU D 394 -66.49 -9.30 -42.81
C LEU D 394 -66.09 -7.85 -42.58
N SER D 395 -67.05 -6.96 -42.35
CA SER D 395 -66.71 -5.58 -42.01
C SER D 395 -66.10 -5.49 -40.62
N SER D 396 -66.46 -6.43 -39.73
CA SER D 396 -65.81 -6.48 -38.42
C SER D 396 -64.39 -6.97 -38.53
N ILE D 397 -64.15 -7.96 -39.40
CA ILE D 397 -62.80 -8.46 -39.62
C ILE D 397 -61.94 -7.41 -40.32
N ARG D 398 -62.55 -6.59 -41.18
CA ARG D 398 -61.85 -5.44 -41.73
C ARG D 398 -61.54 -4.41 -40.66
N HIS D 399 -62.38 -4.33 -39.62
CA HIS D 399 -62.19 -3.32 -38.60
C HIS D 399 -61.03 -3.65 -37.66
N PHE D 400 -60.84 -4.94 -37.34
CA PHE D 400 -59.74 -5.29 -36.44
C PHE D 400 -58.40 -5.19 -37.13
N LEU D 401 -58.35 -5.42 -38.44
CA LEU D 401 -57.11 -5.21 -39.17
C LEU D 401 -56.84 -3.73 -39.45
N GLU D 402 -57.88 -2.90 -39.46
CA GLU D 402 -57.67 -1.47 -39.69
C GLU D 402 -57.09 -0.78 -38.48
N LYS D 403 -57.54 -1.14 -37.27
CA LYS D 403 -56.97 -0.57 -36.06
C LYS D 403 -55.56 -1.09 -35.82
N ARG D 404 -55.23 -2.27 -36.33
CA ARG D 404 -53.87 -2.76 -36.27
C ARG D 404 -52.94 -1.98 -37.20
N ASP D 405 -53.44 -1.56 -38.36
CA ASP D 405 -52.61 -0.84 -39.31
C ASP D 405 -52.46 0.63 -38.95
N GLU D 406 -53.51 1.26 -38.44
CA GLU D 406 -53.43 2.68 -38.11
C GLU D 406 -52.58 2.96 -36.88
N MET D 407 -52.48 2.00 -35.96
CA MET D 407 -51.54 2.15 -34.86
C MET D 407 -50.11 1.87 -35.29
N ARG D 408 -49.93 1.26 -36.45
CA ARG D 408 -48.60 1.00 -36.97
C ARG D 408 -48.03 2.17 -37.76
N GLU D 409 -48.87 2.86 -38.52
CA GLU D 409 -48.39 4.00 -39.31
C GLU D 409 -48.16 5.24 -38.46
N VAL D 410 -48.81 5.36 -37.31
CA VAL D 410 -48.52 6.48 -36.43
C VAL D 410 -47.27 6.22 -35.61
N ALA D 411 -46.83 4.98 -35.51
CA ALA D 411 -45.54 4.69 -34.91
C ALA D 411 -44.40 4.96 -35.88
N ARG D 412 -44.68 4.97 -37.18
CA ARG D 412 -43.68 5.37 -38.15
C ARG D 412 -43.44 6.87 -38.14
N ASP D 413 -44.51 7.65 -37.93
CA ASP D 413 -44.38 9.11 -37.95
C ASP D 413 -43.59 9.62 -36.76
N TRP D 414 -43.69 8.97 -35.61
CA TRP D 414 -42.79 9.32 -34.52
C TRP D 414 -41.38 8.83 -34.79
N LEU D 415 -41.23 7.73 -35.53
CA LEU D 415 -39.90 7.20 -35.80
C LEU D 415 -39.14 8.06 -36.79
N ARG D 416 -39.85 8.72 -37.71
CA ARG D 416 -39.20 9.64 -38.63
C ARG D 416 -38.73 10.89 -37.92
N VAL D 417 -39.46 11.35 -36.90
CA VAL D 417 -39.06 12.50 -36.11
C VAL D 417 -37.81 12.19 -35.30
N GLY D 418 -37.72 10.98 -34.76
CA GLY D 418 -36.58 10.62 -33.93
C GLY D 418 -35.30 10.35 -34.68
N TYR D 419 -35.33 10.40 -36.02
CA TYR D 419 -34.10 10.19 -36.77
C TYR D 419 -33.57 11.46 -37.41
N VAL D 420 -34.45 12.39 -37.77
CA VAL D 420 -34.00 13.71 -38.18
C VAL D 420 -33.41 14.45 -36.99
N LEU D 421 -34.03 14.31 -35.84
CA LEU D 421 -33.55 14.94 -34.61
C LEU D 421 -32.34 14.23 -34.03
N ASP D 422 -32.07 12.99 -34.43
CA ASP D 422 -30.88 12.31 -33.93
C ASP D 422 -29.61 12.74 -34.65
N ARG D 423 -29.65 12.82 -35.98
CA ARG D 423 -28.48 13.29 -36.72
C ARG D 423 -28.26 14.78 -36.52
N LEU D 424 -29.28 15.53 -36.09
CA LEU D 424 -29.08 16.92 -35.72
C LEU D 424 -28.26 17.03 -34.43
N LEU D 425 -28.62 16.25 -33.41
CA LEU D 425 -27.90 16.31 -32.14
C LEU D 425 -26.59 15.54 -32.19
N PHE D 426 -26.39 14.69 -33.19
CA PHE D 426 -25.08 14.07 -33.36
C PHE D 426 -24.07 15.04 -33.93
N ARG D 427 -24.50 15.98 -34.75
CA ARG D 427 -23.57 16.94 -35.33
C ARG D 427 -23.30 18.12 -34.42
N ILE D 428 -24.24 18.44 -33.53
CA ILE D 428 -23.99 19.48 -32.54
C ILE D 428 -23.01 18.98 -31.48
N TYR D 429 -23.16 17.72 -31.07
CA TYR D 429 -22.24 17.14 -30.10
C TYR D 429 -20.85 16.96 -30.68
N LEU D 430 -20.76 16.58 -31.95
CA LEU D 430 -19.46 16.41 -32.58
C LEU D 430 -18.79 17.75 -32.86
N LEU D 431 -19.57 18.83 -32.94
CA LEU D 431 -18.99 20.16 -33.10
C LEU D 431 -18.42 20.67 -31.80
N ALA D 432 -19.04 20.32 -30.67
CA ALA D 432 -18.55 20.79 -29.37
C ALA D 432 -17.30 20.05 -28.92
N VAL D 433 -17.22 18.74 -29.22
CA VAL D 433 -16.04 17.98 -28.83
C VAL D 433 -14.85 18.23 -29.73
N LEU D 434 -15.05 18.91 -30.85
CA LEU D 434 -13.93 19.32 -31.69
C LEU D 434 -13.48 20.73 -31.39
N ALA D 435 -14.41 21.60 -30.99
CA ALA D 435 -14.05 22.96 -30.61
C ALA D 435 -13.32 22.98 -29.27
N TYR D 436 -13.67 22.08 -28.36
CA TYR D 436 -12.97 22.00 -27.09
C TYR D 436 -11.64 21.28 -27.22
N SER D 437 -11.53 20.35 -28.16
CA SER D 437 -10.28 19.62 -28.32
C SER D 437 -9.19 20.48 -28.95
N ILE D 438 -9.54 21.33 -29.91
CA ILE D 438 -8.53 22.20 -30.50
C ILE D 438 -8.24 23.40 -29.61
N THR D 439 -9.13 23.72 -28.67
CA THR D 439 -8.81 24.73 -27.66
C THR D 439 -7.77 24.19 -26.68
N LEU D 440 -7.85 22.91 -26.36
CA LEU D 440 -6.93 22.30 -25.41
C LEU D 440 -5.53 22.16 -25.98
N VAL D 441 -5.41 22.04 -27.30
CA VAL D 441 -4.09 21.98 -27.93
C VAL D 441 -3.58 23.36 -28.31
N THR D 442 -4.47 24.37 -28.36
CA THR D 442 -4.03 25.74 -28.61
C THR D 442 -3.34 26.30 -27.38
N LEU D 443 -3.88 26.04 -26.19
CA LEU D 443 -3.28 26.50 -24.96
C LEU D 443 -1.97 25.79 -24.66
N TRP D 444 -1.81 24.55 -25.15
CA TRP D 444 -0.57 23.83 -24.96
C TRP D 444 0.53 24.33 -25.90
N SER D 445 0.16 24.66 -27.14
CA SER D 445 1.16 25.07 -28.12
C SER D 445 1.71 26.47 -27.88
N ILE D 446 0.95 27.35 -27.23
CA ILE D 446 1.51 28.65 -26.88
C ILE D 446 2.41 28.55 -25.66
N TRP D 447 2.28 27.49 -24.86
CA TRP D 447 3.19 27.26 -23.75
C TRP D 447 4.53 26.71 -24.24
N HIS D 448 4.50 25.85 -25.26
CA HIS D 448 5.67 25.09 -25.65
C HIS D 448 6.72 25.96 -26.33
N TYR D 449 6.29 27.03 -26.97
CA TYR D 449 7.21 27.92 -27.67
C TYR D 449 7.98 28.76 -26.65
N SER D 450 9.31 28.61 -26.66
CA SER D 450 10.25 29.25 -25.73
C SER D 450 9.91 28.98 -24.26
N THR E 2 64.05 -8.84 30.11
CA THR E 2 62.96 -9.72 30.52
C THR E 2 62.24 -10.29 29.30
N GLN E 3 61.58 -11.43 29.49
CA GLN E 3 60.76 -12.05 28.45
C GLN E 3 59.43 -12.49 29.04
N PRO E 4 58.49 -11.54 29.24
CA PRO E 4 57.18 -11.92 29.77
C PRO E 4 56.31 -12.70 28.79
N ALA E 5 56.09 -12.14 27.60
CA ALA E 5 55.19 -12.66 26.59
C ALA E 5 55.53 -11.93 25.29
N LEU E 6 54.64 -12.00 24.31
CA LEU E 6 54.76 -11.15 23.13
C LEU E 6 53.65 -10.11 23.05
N LEU E 7 53.22 -9.62 24.21
CA LEU E 7 52.59 -8.32 24.33
C LEU E 7 53.62 -7.23 24.50
N ARG E 8 54.90 -7.59 24.60
CA ARG E 8 55.96 -6.59 24.59
C ARG E 8 56.25 -6.05 23.20
N LEU E 9 55.70 -6.68 22.16
CA LEU E 9 55.76 -6.09 20.84
C LEU E 9 54.79 -4.94 20.71
N SER E 10 53.57 -5.11 21.22
CA SER E 10 52.53 -4.13 20.97
C SER E 10 52.73 -2.84 21.73
N ASP E 11 53.32 -2.90 22.93
CA ASP E 11 53.56 -1.65 23.64
C ASP E 11 54.86 -0.99 23.16
N HIS E 12 55.78 -1.76 22.61
CA HIS E 12 56.91 -1.16 21.88
C HIS E 12 56.43 -0.43 20.64
N LEU E 13 55.36 -0.92 20.04
CA LEU E 13 54.89 -0.44 18.76
C LEU E 13 53.88 0.69 18.93
N LEU E 14 53.30 0.85 20.10
CA LEU E 14 52.26 1.84 20.37
C LEU E 14 52.53 2.61 21.66
N ALA E 15 53.80 2.75 22.04
CA ALA E 15 54.11 3.57 23.22
C ALA E 15 53.86 5.03 22.94
N ASN E 16 54.61 5.59 21.98
CA ASN E 16 54.42 6.94 21.50
C ASN E 16 54.01 6.85 20.04
N TYR E 17 52.72 6.64 19.82
CA TYR E 17 52.13 6.58 18.49
C TYR E 17 50.99 7.57 18.44
N LYS E 18 50.94 8.38 17.39
CA LYS E 18 49.95 9.43 17.24
C LYS E 18 49.10 9.10 16.02
N LYS E 19 47.84 8.78 16.26
CA LYS E 19 46.94 8.31 15.22
C LYS E 19 46.32 9.42 14.39
N GLY E 20 46.77 10.66 14.52
CA GLY E 20 46.23 11.72 13.73
C GLY E 20 47.18 12.16 12.63
N VAL E 21 48.40 11.66 12.66
CA VAL E 21 49.43 12.07 11.72
C VAL E 21 49.47 11.08 10.57
N ARG E 22 49.47 11.59 9.34
CA ARG E 22 49.62 10.73 8.18
C ARG E 22 51.02 10.14 8.18
N PRO E 23 51.16 8.83 8.19
CA PRO E 23 52.43 8.18 8.56
C PRO E 23 53.51 8.10 7.48
N VAL E 24 54.24 9.20 7.32
CA VAL E 24 55.39 9.25 6.42
C VAL E 24 56.55 9.92 7.13
N ARG E 25 57.77 9.49 6.79
CA ARG E 25 58.95 10.18 7.28
C ARG E 25 59.15 11.50 6.54
N ASP E 26 59.03 11.47 5.22
CA ASP E 26 59.11 12.66 4.38
C ASP E 26 57.70 13.02 3.95
N TRP E 27 57.30 14.26 4.21
CA TRP E 27 55.93 14.69 3.95
C TRP E 27 55.64 14.90 2.47
N ARG E 28 56.66 14.82 1.61
CA ARG E 28 56.48 15.05 0.19
C ARG E 28 56.03 13.80 -0.56
N LYS E 29 56.01 12.65 0.07
CA LYS E 29 55.64 11.42 -0.62
C LYS E 29 54.24 11.01 -0.24
N PRO E 30 53.41 10.62 -1.20
CA PRO E 30 52.03 10.25 -0.89
C PRO E 30 51.92 8.85 -0.29
N THR E 31 50.77 8.61 0.34
CA THR E 31 50.41 7.29 0.84
C THR E 31 49.56 6.60 -0.22
N THR E 32 49.98 5.40 -0.62
CA THR E 32 49.33 4.69 -1.72
C THR E 32 48.45 3.58 -1.16
N VAL E 33 47.17 3.62 -1.49
CA VAL E 33 46.17 2.69 -0.98
C VAL E 33 45.74 1.77 -2.11
N SER E 34 45.84 0.46 -1.89
CA SER E 34 45.53 -0.54 -2.90
C SER E 34 44.25 -1.26 -2.52
N ILE E 35 43.20 -1.12 -3.33
CA ILE E 35 41.87 -1.59 -2.97
C ILE E 35 41.49 -2.79 -3.85
N ASP E 36 40.37 -3.43 -3.49
CA ASP E 36 39.86 -4.62 -4.17
C ASP E 36 38.41 -4.84 -3.74
N VAL E 37 37.60 -5.40 -4.64
CA VAL E 37 36.15 -5.52 -4.46
C VAL E 37 35.66 -6.85 -5.00
N ILE E 38 34.77 -7.52 -4.25
CA ILE E 38 33.92 -8.59 -4.79
C ILE E 38 32.47 -8.24 -4.52
N MET E 39 31.65 -8.26 -5.57
CA MET E 39 30.21 -8.07 -5.41
C MET E 39 29.56 -9.31 -4.82
N TYR E 40 28.68 -9.13 -3.84
CA TYR E 40 28.03 -10.25 -3.17
C TYR E 40 26.55 -10.35 -3.47
N ALA E 41 25.80 -9.24 -3.48
CA ALA E 41 24.37 -9.33 -3.73
C ALA E 41 23.87 -8.01 -4.29
N ILE E 42 22.88 -8.09 -5.17
CA ILE E 42 22.14 -6.93 -5.64
C ILE E 42 20.86 -6.89 -4.83
N LEU E 43 20.76 -5.95 -3.89
CA LEU E 43 19.63 -5.99 -2.96
C LEU E 43 18.38 -5.33 -3.54
N ASN E 44 18.54 -4.20 -4.23
CA ASN E 44 17.37 -3.47 -4.69
C ASN E 44 17.77 -2.60 -5.86
N VAL E 45 16.92 -2.53 -6.87
CA VAL E 45 17.07 -1.61 -7.99
C VAL E 45 15.79 -0.80 -8.07
N ASP E 46 15.88 0.50 -7.78
CA ASP E 46 14.72 1.36 -7.69
C ASP E 46 14.66 2.21 -8.96
N GLU E 47 13.72 1.88 -9.85
CA GLU E 47 13.66 2.57 -11.13
C GLU E 47 13.06 3.96 -11.01
N LYS E 48 12.17 4.16 -10.03
CA LYS E 48 11.52 5.47 -9.89
C LYS E 48 12.46 6.50 -9.31
N ASN E 49 13.19 6.14 -8.25
CA ASN E 49 14.04 7.07 -7.54
C ASN E 49 15.49 7.05 -8.03
N GLN E 50 15.82 6.18 -8.99
CA GLN E 50 17.14 6.06 -9.61
C GLN E 50 18.21 5.71 -8.58
N VAL E 51 17.91 4.72 -7.72
CA VAL E 51 18.77 4.37 -6.59
C VAL E 51 19.08 2.88 -6.64
N LEU E 52 20.36 2.52 -6.55
CA LEU E 52 20.84 1.16 -6.52
C LEU E 52 21.34 0.79 -5.12
N THR E 53 21.01 -0.41 -4.66
CA THR E 53 21.42 -0.88 -3.34
C THR E 53 22.09 -2.23 -3.49
N THR E 54 23.38 -2.30 -3.17
CA THR E 54 24.17 -3.52 -3.31
C THR E 54 24.81 -3.87 -1.98
N TYR E 55 25.66 -4.89 -1.98
CA TYR E 55 26.38 -5.33 -0.79
C TYR E 55 27.66 -5.97 -1.27
N ILE E 56 28.81 -5.40 -0.91
CA ILE E 56 30.10 -5.87 -1.43
C ILE E 56 30.97 -6.34 -0.28
N TRP E 57 32.06 -7.00 -0.64
CA TRP E 57 33.15 -7.31 0.27
C TRP E 57 34.36 -6.50 -0.15
N TYR E 58 34.96 -5.77 0.77
CA TYR E 58 35.97 -4.77 0.47
C TYR E 58 37.24 -5.08 1.24
N ARG E 59 38.39 -4.75 0.64
CA ARG E 59 39.66 -4.88 1.34
C ARG E 59 40.64 -3.86 0.77
N GLN E 60 41.62 -3.50 1.58
CA GLN E 60 42.57 -2.44 1.20
C GLN E 60 43.82 -2.57 2.04
N TYR E 61 44.95 -2.12 1.50
CA TYR E 61 46.15 -2.01 2.32
C TYR E 61 46.93 -0.75 1.97
N TRP E 62 47.80 -0.36 2.90
CA TRP E 62 48.67 0.78 2.72
C TRP E 62 49.92 0.53 3.55
N THR E 63 50.89 1.43 3.44
CA THR E 63 52.16 1.28 4.14
C THR E 63 52.26 2.30 5.26
N ASP E 64 52.59 1.83 6.46
CA ASP E 64 52.75 2.66 7.64
C ASP E 64 54.23 2.67 8.01
N GLU E 65 54.85 3.84 7.93
CA GLU E 65 56.27 3.98 8.17
C GLU E 65 56.66 3.79 9.63
N PHE E 66 55.70 3.92 10.54
CA PHE E 66 55.98 3.94 11.97
C PHE E 66 55.76 2.60 12.65
N LEU E 67 55.05 1.68 11.99
CA LEU E 67 54.79 0.36 12.54
C LEU E 67 55.75 -0.64 11.90
N GLN E 68 57.02 -0.57 12.29
CA GLN E 68 58.03 -1.45 11.74
C GLN E 68 58.86 -2.04 12.86
N TRP E 69 59.26 -3.30 12.71
CA TRP E 69 60.10 -3.95 13.71
C TRP E 69 60.91 -5.03 13.03
N THR E 70 62.02 -5.37 13.66
CA THR E 70 62.70 -6.59 13.21
C THR E 70 62.06 -7.80 13.88
N PRO E 71 61.89 -8.90 13.14
CA PRO E 71 61.21 -10.06 13.73
C PRO E 71 62.03 -10.78 14.77
N GLU E 72 63.36 -10.73 14.67
CA GLU E 72 64.17 -11.15 15.80
C GLU E 72 64.06 -10.10 16.90
N ASP E 73 64.43 -10.53 18.12
CA ASP E 73 64.18 -9.86 19.41
C ASP E 73 62.70 -9.75 19.74
N PHE E 74 61.83 -10.43 18.99
CA PHE E 74 60.42 -10.55 19.30
C PHE E 74 59.93 -11.95 18.99
N ASP E 75 60.83 -12.94 19.07
CA ASP E 75 60.51 -14.37 18.96
C ASP E 75 59.92 -14.70 17.59
N ASN E 76 60.50 -14.12 16.54
CA ASN E 76 60.16 -14.38 15.14
C ASN E 76 58.70 -14.08 14.80
N VAL E 77 58.11 -13.07 15.42
CA VAL E 77 56.75 -12.67 15.05
C VAL E 77 56.83 -11.84 13.79
N THR E 78 56.13 -12.27 12.74
CA THR E 78 56.12 -11.54 11.48
C THR E 78 54.86 -10.76 11.22
N LYS E 79 53.74 -11.09 11.88
CA LYS E 79 52.57 -10.24 11.82
C LYS E 79 51.74 -10.41 13.08
N LEU E 80 50.89 -9.43 13.34
CA LEU E 80 50.01 -9.48 14.51
C LEU E 80 48.79 -8.62 14.21
N SER E 81 47.78 -8.75 15.05
CA SER E 81 46.54 -8.01 14.90
C SER E 81 46.46 -6.89 15.92
N ILE E 82 45.98 -5.73 15.47
CA ILE E 82 45.93 -4.49 16.24
C ILE E 82 44.51 -3.95 16.11
N PRO E 83 43.93 -3.34 17.15
CA PRO E 83 42.62 -2.70 17.00
C PRO E 83 42.63 -1.58 15.97
N THR E 84 41.47 -1.36 15.35
CA THR E 84 41.39 -0.43 14.23
C THR E 84 41.46 1.01 14.70
N ASP E 85 40.93 1.31 15.88
CA ASP E 85 40.86 2.67 16.38
C ASP E 85 42.13 3.08 17.13
N SER E 86 43.25 2.41 16.86
CA SER E 86 44.52 2.80 17.45
C SER E 86 45.51 3.33 16.44
N ILE E 87 45.21 3.26 15.14
CA ILE E 87 46.13 3.63 14.09
C ILE E 87 45.45 4.60 13.12
N TRP E 88 46.25 5.13 12.20
CA TRP E 88 45.75 6.01 11.15
C TRP E 88 45.00 5.19 10.10
N VAL E 89 43.82 5.65 9.72
CA VAL E 89 43.02 5.00 8.68
C VAL E 89 42.64 6.04 7.64
N PRO E 90 42.82 5.78 6.34
CA PRO E 90 42.43 6.75 5.32
C PRO E 90 40.92 6.83 5.16
N ASP E 91 40.48 7.91 4.54
CA ASP E 91 39.05 8.20 4.38
C ASP E 91 38.63 7.96 2.92
N ILE E 92 38.28 6.72 2.62
CA ILE E 92 37.89 6.34 1.27
C ILE E 92 36.38 6.27 1.22
N LEU E 93 35.77 7.13 0.40
CA LEU E 93 34.33 7.19 0.26
C LEU E 93 33.94 6.93 -1.19
N ILE E 94 32.65 7.10 -1.47
CA ILE E 94 32.10 6.94 -2.80
C ILE E 94 31.46 8.26 -3.22
N ASN E 95 31.66 8.66 -4.47
CA ASN E 95 31.01 9.86 -4.97
C ASN E 95 29.49 9.69 -5.04
N GLU E 96 29.01 8.48 -5.32
CA GLU E 96 27.59 8.31 -5.62
C GLU E 96 26.73 8.05 -4.41
N PHE E 97 27.22 8.30 -3.20
CA PHE E 97 26.38 8.13 -2.02
C PHE E 97 25.19 9.06 -2.01
N VAL E 98 24.02 8.51 -1.63
CA VAL E 98 22.86 9.31 -1.29
C VAL E 98 22.28 8.94 0.06
N ASP E 99 22.90 8.00 0.77
CA ASP E 99 22.40 7.51 2.04
C ASP E 99 23.57 6.83 2.74
N VAL E 100 23.34 6.30 3.94
CA VAL E 100 24.32 5.52 4.67
C VAL E 100 23.73 4.15 4.95
N GLY E 101 24.35 3.11 4.43
CA GLY E 101 23.92 1.77 4.72
C GLY E 101 24.47 1.27 6.03
N LYS E 102 23.79 0.26 6.58
CA LYS E 102 24.20 -0.34 7.85
C LYS E 102 25.10 -1.54 7.57
N SER E 103 26.33 -1.44 8.04
CA SER E 103 27.35 -2.46 7.83
C SER E 103 27.90 -2.92 9.16
N PRO E 104 28.32 -4.17 9.27
CA PRO E 104 28.94 -4.64 10.51
C PRO E 104 30.29 -4.00 10.73
N ASN E 105 30.66 -3.86 12.00
CA ASN E 105 31.93 -3.26 12.36
C ASN E 105 32.99 -4.34 12.50
N ILE E 106 34.17 -4.09 11.95
CA ILE E 106 35.31 -5.00 12.04
C ILE E 106 36.37 -4.31 12.88
N PRO E 107 36.63 -4.76 14.11
CA PRO E 107 37.50 -4.01 15.01
C PRO E 107 38.98 -4.33 14.95
N TYR E 108 39.48 -5.08 13.98
CA TYR E 108 40.90 -5.46 13.98
C TYR E 108 41.47 -5.32 12.58
N VAL E 109 42.79 -5.08 12.52
CA VAL E 109 43.55 -5.07 11.27
C VAL E 109 44.82 -5.90 11.47
N TYR E 110 45.40 -6.34 10.36
CA TYR E 110 46.71 -6.99 10.32
C TYR E 110 47.81 -5.97 10.10
N VAL E 111 48.98 -6.24 10.68
CA VAL E 111 50.17 -5.42 10.49
C VAL E 111 51.36 -6.34 10.27
N HIS E 112 51.99 -6.25 9.11
CA HIS E 112 53.20 -7.01 8.85
C HIS E 112 54.43 -6.24 9.30
N HIS E 113 55.58 -6.90 9.26
CA HIS E 113 56.75 -6.33 9.91
C HIS E 113 57.49 -5.33 9.06
N ARG E 114 57.01 -5.04 7.85
CA ARG E 114 57.54 -3.93 7.06
C ARG E 114 56.63 -2.72 7.06
N GLY E 115 55.48 -2.80 7.72
CA GLY E 115 54.57 -1.68 7.82
C GLY E 115 53.30 -1.82 7.03
N GLU E 116 53.13 -2.92 6.31
CA GLU E 116 51.93 -3.11 5.52
C GLU E 116 50.73 -3.42 6.42
N VAL E 117 49.70 -2.59 6.34
CA VAL E 117 48.52 -2.69 7.18
C VAL E 117 47.36 -3.11 6.33
N GLN E 118 46.76 -4.26 6.62
CA GLN E 118 45.68 -4.83 5.81
C GLN E 118 44.35 -4.70 6.53
N ASN E 119 43.32 -4.29 5.80
CA ASN E 119 42.02 -4.00 6.38
C ASN E 119 40.96 -4.71 5.56
N TYR E 120 40.11 -5.50 6.23
CA TYR E 120 39.02 -6.23 5.61
C TYR E 120 37.71 -5.79 6.22
N LYS E 121 36.72 -5.43 5.38
CA LYS E 121 35.42 -5.04 5.90
C LYS E 121 34.34 -5.22 4.84
N PRO E 122 33.14 -5.59 5.25
CA PRO E 122 32.01 -5.60 4.31
C PRO E 122 31.24 -4.29 4.34
N LEU E 123 30.60 -3.98 3.22
CA LEU E 123 29.95 -2.69 3.05
C LEU E 123 28.61 -2.85 2.37
N GLN E 124 27.60 -2.15 2.86
CA GLN E 124 26.33 -1.98 2.17
C GLN E 124 26.28 -0.60 1.55
N LEU E 125 25.99 -0.54 0.26
CA LEU E 125 26.12 0.70 -0.50
C LEU E 125 24.77 1.11 -1.03
N VAL E 126 24.38 2.35 -0.81
CA VAL E 126 23.14 2.91 -1.34
C VAL E 126 23.55 4.05 -2.26
N THR E 127 23.67 3.77 -3.54
CA THR E 127 24.19 4.73 -4.49
C THR E 127 23.11 5.18 -5.45
N ALA E 128 23.47 6.11 -6.33
CA ALA E 128 22.54 6.68 -7.29
C ALA E 128 23.13 6.53 -8.68
N CYS E 129 22.48 5.74 -9.53
CA CYS E 129 22.88 5.59 -10.92
C CYS E 129 21.69 5.80 -11.82
N SER E 130 21.97 6.20 -13.06
CA SER E 130 20.93 6.45 -14.05
C SER E 130 20.47 5.16 -14.68
N LEU E 131 19.16 4.97 -14.75
CA LEU E 131 18.55 3.71 -15.19
C LEU E 131 17.64 4.00 -16.37
N ASP E 132 17.99 3.51 -17.55
CA ASP E 132 17.14 3.60 -18.72
C ASP E 132 16.42 2.28 -18.96
N ILE E 133 15.11 2.34 -19.13
CA ILE E 133 14.28 1.16 -19.17
C ILE E 133 13.54 1.06 -20.49
N TYR E 134 14.19 1.53 -21.57
CA TYR E 134 13.55 1.66 -22.89
C TYR E 134 13.05 0.33 -23.43
N ASN E 135 13.75 -0.76 -23.15
CA ASN E 135 13.29 -2.11 -23.47
C ASN E 135 13.17 -2.87 -22.15
N PHE E 136 11.97 -2.85 -21.57
CA PHE E 136 11.83 -2.96 -20.13
C PHE E 136 12.22 -4.32 -19.54
N PRO E 137 11.79 -5.49 -20.06
CA PRO E 137 12.28 -6.71 -19.42
C PRO E 137 13.64 -7.13 -19.95
N PHE E 138 13.97 -6.74 -21.18
CA PHE E 138 15.21 -7.18 -21.80
C PHE E 138 16.28 -6.08 -21.72
N ASP E 139 16.54 -5.59 -20.51
CA ASP E 139 17.40 -4.43 -20.34
C ASP E 139 18.67 -4.76 -19.58
N VAL E 140 19.76 -4.11 -19.98
CA VAL E 140 21.08 -4.26 -19.37
C VAL E 140 21.46 -2.91 -18.78
N GLN E 141 21.72 -2.87 -17.49
CA GLN E 141 22.05 -1.63 -16.81
C GLN E 141 23.55 -1.52 -16.60
N ASN E 142 24.01 -0.27 -16.43
CA ASN E 142 25.44 0.03 -16.34
C ASN E 142 25.59 1.14 -15.28
N CYS E 143 25.78 0.73 -14.03
CA CYS E 143 25.92 1.65 -12.92
C CYS E 143 27.36 1.65 -12.41
N SER E 144 27.72 2.68 -11.67
CA SER E 144 29.11 2.98 -11.36
C SER E 144 29.35 3.08 -9.87
N LEU E 145 30.56 2.72 -9.45
CA LEU E 145 31.03 2.90 -8.09
C LEU E 145 32.40 3.56 -8.16
N THR E 146 32.55 4.71 -7.52
CA THR E 146 33.77 5.51 -7.65
C THR E 146 34.39 5.71 -6.27
N PHE E 147 35.47 4.99 -5.99
CA PHE E 147 36.14 5.10 -4.70
C PHE E 147 37.15 6.22 -4.75
N THR E 148 37.07 7.13 -3.79
CA THR E 148 37.94 8.29 -3.78
C THR E 148 38.21 8.71 -2.34
N SER E 149 39.25 9.51 -2.17
CA SER E 149 39.53 10.12 -0.88
C SER E 149 38.84 11.47 -0.82
N TRP E 150 38.12 11.72 0.27
CA TRP E 150 37.25 12.88 0.27
C TRP E 150 37.98 14.18 0.60
N LEU E 151 38.95 14.15 1.51
CA LEU E 151 39.68 15.35 1.86
C LEU E 151 41.02 15.46 1.14
N HIS E 152 41.84 14.42 1.20
CA HIS E 152 43.22 14.50 0.75
C HIS E 152 43.29 14.54 -0.77
N THR E 153 44.25 15.30 -1.28
CA THR E 153 44.42 15.46 -2.72
C THR E 153 45.37 14.40 -3.25
N ILE E 154 45.79 14.55 -4.52
CA ILE E 154 46.62 13.57 -5.19
C ILE E 154 48.04 13.57 -4.64
N GLN E 155 48.46 14.64 -3.96
CA GLN E 155 49.78 14.69 -3.35
C GLN E 155 49.82 14.04 -1.98
N ASP E 156 48.70 13.55 -1.47
CA ASP E 156 48.66 12.89 -0.18
C ASP E 156 48.23 11.44 -0.28
N ILE E 157 47.15 11.14 -0.99
CA ILE E 157 46.63 9.78 -1.10
C ILE E 157 46.39 9.48 -2.57
N ASN E 158 47.00 8.41 -3.06
CA ASN E 158 46.75 7.88 -4.40
C ASN E 158 46.18 6.48 -4.27
N ILE E 159 45.30 6.12 -5.19
CA ILE E 159 44.56 4.86 -5.13
C ILE E 159 44.99 3.96 -6.29
N THR E 160 45.32 2.71 -5.98
CA THR E 160 45.74 1.71 -6.95
C THR E 160 44.88 0.48 -6.72
N LEU E 161 45.02 -0.53 -7.60
CA LEU E 161 44.41 -1.83 -7.40
C LEU E 161 45.36 -2.78 -6.68
N TRP E 162 44.76 -3.70 -5.92
CA TRP E 162 45.50 -4.81 -5.32
C TRP E 162 46.08 -5.69 -6.41
N ARG E 163 45.21 -6.32 -7.19
CA ARG E 163 45.55 -7.30 -8.19
C ARG E 163 45.19 -6.75 -9.58
N SER E 164 45.38 -7.58 -10.59
CA SER E 164 45.26 -7.13 -11.98
C SER E 164 43.79 -6.89 -12.33
N PRO E 165 43.50 -6.00 -13.28
CA PRO E 165 42.11 -5.74 -13.65
C PRO E 165 41.47 -6.88 -14.45
N GLU E 166 42.21 -7.89 -14.86
CA GLU E 166 41.59 -9.03 -15.51
C GLU E 166 41.08 -10.05 -14.50
N GLU E 167 41.72 -10.13 -13.34
CA GLU E 167 41.23 -10.99 -12.28
C GLU E 167 40.01 -10.42 -11.59
N VAL E 168 39.87 -9.10 -11.58
CA VAL E 168 38.69 -8.48 -10.98
C VAL E 168 37.49 -8.63 -11.90
N ARG E 169 37.72 -8.60 -13.21
CA ARG E 169 36.61 -8.59 -14.17
C ARG E 169 35.93 -9.94 -14.27
N SER E 170 36.66 -11.03 -14.08
CA SER E 170 36.15 -12.38 -14.26
C SER E 170 35.85 -13.08 -12.94
N ASP E 171 35.34 -12.34 -11.96
CA ASP E 171 35.11 -12.89 -10.63
C ASP E 171 33.60 -12.86 -10.34
N LYS E 172 32.97 -14.02 -10.43
CA LYS E 172 31.56 -14.22 -10.09
C LYS E 172 31.41 -15.43 -9.20
N SER E 173 32.29 -15.55 -8.21
CA SER E 173 32.40 -16.79 -7.45
C SER E 173 31.33 -16.91 -6.38
N ILE E 174 31.01 -15.81 -5.70
CA ILE E 174 30.16 -15.84 -4.51
C ILE E 174 28.82 -15.17 -4.72
N PHE E 175 28.52 -14.74 -5.93
CA PHE E 175 27.34 -13.92 -6.18
C PHE E 175 26.06 -14.71 -5.97
N ILE E 176 25.18 -14.21 -5.12
CA ILE E 176 23.92 -14.86 -4.80
C ILE E 176 22.97 -14.73 -5.99
N ASN E 177 22.68 -15.85 -6.65
CA ASN E 177 21.83 -15.87 -7.82
C ASN E 177 20.36 -16.07 -7.43
N GLN E 178 19.55 -16.42 -8.43
CA GLN E 178 18.10 -16.68 -8.32
C GLN E 178 17.33 -15.48 -7.79
N GLY E 179 17.84 -14.27 -8.02
CA GLY E 179 17.28 -13.09 -7.40
C GLY E 179 17.03 -11.95 -8.35
N GLU E 180 16.54 -12.26 -9.55
CA GLU E 180 15.87 -11.33 -10.48
C GLU E 180 16.85 -10.42 -11.22
N TRP E 181 18.10 -10.37 -10.79
CA TRP E 181 19.16 -9.65 -11.49
C TRP E 181 20.37 -10.56 -11.64
N GLU E 182 21.09 -10.37 -12.73
CA GLU E 182 22.21 -11.23 -13.10
C GLU E 182 23.46 -10.39 -13.30
N LEU E 183 24.50 -10.69 -12.54
CA LEU E 183 25.76 -9.95 -12.66
C LEU E 183 26.54 -10.44 -13.86
N LEU E 184 26.93 -9.51 -14.73
CA LEU E 184 27.72 -9.86 -15.90
C LEU E 184 29.22 -9.64 -15.66
N GLU E 185 29.63 -8.43 -15.34
CA GLU E 185 31.04 -8.16 -15.06
C GLU E 185 31.17 -6.95 -14.16
N VAL E 186 32.37 -6.81 -13.59
CA VAL E 186 32.78 -5.66 -12.78
C VAL E 186 34.12 -5.18 -13.33
N PHE E 187 34.15 -4.01 -13.95
CA PHE E 187 35.34 -3.56 -14.65
C PHE E 187 35.95 -2.33 -14.01
N PRO E 188 37.21 -2.35 -13.59
CA PRO E 188 37.84 -1.19 -12.96
C PRO E 188 38.56 -0.26 -13.92
N GLN E 189 38.68 1.00 -13.51
CA GLN E 189 39.27 2.04 -14.35
C GLN E 189 39.75 3.20 -13.48
N PHE E 190 40.99 3.64 -13.70
CA PHE E 190 41.57 4.73 -12.92
C PHE E 190 41.36 6.06 -13.64
N LYS E 191 40.90 7.06 -12.90
CA LYS E 191 40.77 8.42 -13.41
C LYS E 191 41.30 9.40 -12.38
N GLU E 192 41.20 10.68 -12.69
CA GLU E 192 41.66 11.74 -11.81
C GLU E 192 40.65 12.88 -11.85
N PHE E 193 40.06 13.17 -10.69
CA PHE E 193 38.91 14.07 -10.59
C PHE E 193 39.39 15.49 -10.31
N SER E 194 38.71 16.46 -10.92
CA SER E 194 39.04 17.86 -10.73
C SER E 194 37.83 18.71 -11.12
N ILE E 195 37.41 19.60 -10.23
CA ILE E 195 36.41 20.61 -10.57
C ILE E 195 37.06 21.97 -10.82
N ASP E 196 37.82 22.46 -9.85
CA ASP E 196 38.59 23.68 -10.01
C ASP E 196 40.05 23.36 -10.27
N ILE E 197 40.84 24.41 -10.45
CA ILE E 197 42.27 24.23 -10.68
C ILE E 197 42.97 23.98 -9.35
N SER E 198 44.18 23.42 -9.45
CA SER E 198 45.14 23.13 -8.37
C SER E 198 44.64 22.14 -7.33
N ASN E 199 43.52 21.45 -7.54
CA ASN E 199 43.07 20.40 -6.64
C ASN E 199 42.63 19.21 -7.47
N SER E 200 43.41 18.14 -7.42
CA SER E 200 43.09 16.90 -8.11
C SER E 200 42.93 15.80 -7.09
N TYR E 201 42.00 14.90 -7.35
CA TYR E 201 41.68 13.82 -6.43
C TYR E 201 41.77 12.50 -7.18
N ALA E 202 42.42 11.52 -6.57
CA ALA E 202 42.51 10.20 -7.17
C ALA E 202 41.17 9.49 -7.02
N GLU E 203 40.74 8.80 -8.07
CA GLU E 203 39.54 8.01 -7.98
C GLU E 203 39.73 6.72 -8.77
N MET E 204 38.82 5.78 -8.54
CA MET E 204 38.91 4.44 -9.13
C MET E 204 37.49 3.96 -9.41
N LYS E 205 37.07 4.07 -10.67
CA LYS E 205 35.71 3.68 -11.03
C LYS E 205 35.63 2.18 -11.26
N PHE E 206 34.62 1.56 -10.66
CA PHE E 206 34.22 0.20 -10.95
C PHE E 206 32.89 0.27 -11.69
N TYR E 207 32.83 -0.29 -12.89
CA TYR E 207 31.58 -0.33 -13.64
C TYR E 207 30.90 -1.68 -13.40
N VAL E 208 29.68 -1.64 -12.90
CA VAL E 208 28.91 -2.83 -12.57
C VAL E 208 27.82 -3.00 -13.62
N ILE E 209 27.90 -4.07 -14.40
CA ILE E 209 26.96 -4.33 -15.48
C ILE E 209 26.06 -5.49 -15.07
N ILE E 210 24.76 -5.24 -14.99
CA ILE E 210 23.78 -6.22 -14.57
C ILE E 210 22.69 -6.35 -15.62
N ARG E 211 21.97 -7.47 -15.57
CA ARG E 211 20.98 -7.78 -16.59
C ARG E 211 19.76 -8.45 -15.94
N ARG E 212 18.58 -7.99 -16.30
CA ARG E 212 17.34 -8.50 -15.72
C ARG E 212 16.99 -9.85 -16.32
N ARG E 213 16.42 -10.74 -15.49
CA ARG E 213 15.93 -12.03 -15.95
C ARG E 213 14.48 -11.87 -16.40
N PRO E 214 14.19 -11.88 -17.70
CA PRO E 214 12.89 -11.44 -18.21
C PRO E 214 11.84 -12.54 -18.32
N LEU E 215 11.80 -13.44 -17.35
CA LEU E 215 10.93 -14.59 -17.51
C LEU E 215 9.55 -14.32 -16.95
N PHE E 216 9.47 -13.97 -15.68
CA PHE E 216 8.18 -13.83 -15.02
C PHE E 216 7.49 -12.51 -15.35
N TYR E 217 8.19 -11.55 -15.94
CA TYR E 217 7.50 -10.41 -16.52
C TYR E 217 6.84 -10.80 -17.84
N ALA E 218 7.43 -11.77 -18.55
CA ALA E 218 6.90 -12.15 -19.85
C ALA E 218 5.63 -12.99 -19.74
N VAL E 219 5.47 -13.76 -18.67
CA VAL E 219 4.26 -14.56 -18.53
C VAL E 219 3.18 -13.78 -17.78
N SER E 220 3.57 -12.81 -16.97
CA SER E 220 2.58 -12.01 -16.27
C SER E 220 2.13 -10.80 -17.07
N LEU E 221 2.49 -10.73 -18.35
CA LEU E 221 2.02 -9.67 -19.23
C LEU E 221 1.50 -10.19 -20.56
N LEU E 222 1.86 -11.40 -20.97
CA LEU E 222 1.31 -11.99 -22.18
C LEU E 222 0.10 -12.87 -21.91
N LEU E 223 0.13 -13.61 -20.81
CA LEU E 223 -0.94 -14.56 -20.53
C LEU E 223 -2.30 -13.90 -20.28
N PRO E 224 -2.42 -12.68 -19.74
CA PRO E 224 -3.70 -11.97 -19.90
C PRO E 224 -3.87 -11.28 -21.25
N SER E 225 -2.79 -10.97 -21.96
CA SER E 225 -2.95 -10.27 -23.23
C SER E 225 -3.37 -11.23 -24.34
N ILE E 226 -2.83 -12.44 -24.34
CA ILE E 226 -3.25 -13.45 -25.31
C ILE E 226 -4.65 -13.93 -24.99
N PHE E 227 -4.99 -14.02 -23.70
CA PHE E 227 -6.28 -14.57 -23.28
C PHE E 227 -7.45 -13.70 -23.71
N LEU E 228 -7.36 -12.39 -23.51
CA LEU E 228 -8.46 -11.52 -23.90
C LEU E 228 -8.52 -11.28 -25.41
N MET E 229 -7.53 -11.74 -26.17
CA MET E 229 -7.66 -11.77 -27.62
C MET E 229 -8.40 -13.01 -28.09
N VAL E 230 -8.25 -14.13 -27.36
CA VAL E 230 -8.91 -15.37 -27.73
C VAL E 230 -10.41 -15.26 -27.48
N VAL E 231 -10.80 -14.62 -26.37
CA VAL E 231 -12.20 -14.44 -26.03
C VAL E 231 -12.88 -13.51 -27.04
N ASP E 232 -12.14 -12.57 -27.63
CA ASP E 232 -12.71 -11.68 -28.63
C ASP E 232 -12.96 -12.40 -29.96
N ILE E 233 -12.15 -13.42 -30.26
CA ILE E 233 -12.36 -14.17 -31.50
C ILE E 233 -13.60 -15.04 -31.41
N VAL E 234 -13.83 -15.64 -30.24
CA VAL E 234 -15.01 -16.47 -30.02
C VAL E 234 -16.29 -15.65 -30.08
N GLY E 235 -16.22 -14.36 -29.72
CA GLY E 235 -17.41 -13.53 -29.71
C GLY E 235 -17.93 -13.10 -31.07
N PHE E 236 -17.15 -13.30 -32.14
CA PHE E 236 -17.68 -13.01 -33.47
C PHE E 236 -18.69 -14.06 -33.92
N CYS E 237 -18.67 -15.25 -33.33
CA CYS E 237 -19.58 -16.30 -33.77
C CYS E 237 -21.00 -16.08 -33.27
N LEU E 238 -21.23 -15.10 -32.41
CA LEU E 238 -22.60 -14.70 -32.09
C LEU E 238 -23.25 -14.08 -33.32
N PRO E 239 -24.53 -14.34 -33.57
CA PRO E 239 -25.21 -13.69 -34.68
C PRO E 239 -25.48 -12.23 -34.35
N PRO E 240 -25.31 -11.32 -35.33
CA PRO E 240 -25.41 -9.89 -35.00
C PRO E 240 -26.82 -9.39 -34.74
N ASP E 241 -27.84 -10.02 -35.31
CA ASP E 241 -29.21 -9.64 -34.98
C ASP E 241 -29.76 -10.46 -33.81
N SER E 242 -28.97 -10.54 -32.74
CA SER E 242 -29.38 -11.21 -31.54
C SER E 242 -29.36 -10.32 -30.30
N GLY E 243 -28.84 -9.10 -30.40
CA GLY E 243 -28.85 -8.17 -29.28
C GLY E 243 -27.89 -8.48 -28.16
N GLU E 244 -26.86 -9.29 -28.41
CA GLU E 244 -25.92 -9.67 -27.37
C GLU E 244 -24.48 -9.44 -27.76
N ARG E 245 -24.19 -9.27 -29.06
CA ARG E 245 -22.81 -9.07 -29.49
C ARG E 245 -22.29 -7.72 -29.03
N VAL E 246 -23.14 -6.69 -29.01
CA VAL E 246 -22.71 -5.38 -28.54
C VAL E 246 -22.41 -5.41 -27.05
N SER E 247 -23.27 -6.08 -26.27
CA SER E 247 -23.04 -6.22 -24.84
C SER E 247 -21.86 -7.12 -24.53
N PHE E 248 -21.52 -8.03 -25.44
CA PHE E 248 -20.30 -8.83 -25.29
C PHE E 248 -19.07 -7.96 -25.42
N LYS E 249 -19.02 -7.11 -26.46
CA LYS E 249 -17.79 -6.42 -26.79
C LYS E 249 -17.49 -5.30 -25.80
N ILE E 250 -18.51 -4.70 -25.20
CA ILE E 250 -18.24 -3.58 -24.30
C ILE E 250 -17.88 -4.07 -22.91
N THR E 251 -18.35 -5.25 -22.53
CA THR E 251 -17.93 -5.84 -21.26
C THR E 251 -16.48 -6.28 -21.34
N LEU E 252 -16.09 -6.89 -22.46
CA LEU E 252 -14.71 -7.36 -22.62
C LEU E 252 -13.75 -6.20 -22.79
N LEU E 253 -14.19 -5.11 -23.43
CA LEU E 253 -13.36 -3.91 -23.50
C LEU E 253 -13.29 -3.21 -22.15
N LEU E 254 -14.34 -3.34 -21.34
CA LEU E 254 -14.29 -2.83 -19.97
C LEU E 254 -13.27 -3.60 -19.14
N GLY E 255 -13.29 -4.93 -19.23
CA GLY E 255 -12.38 -5.76 -18.47
C GLY E 255 -10.93 -5.65 -18.91
N TYR E 256 -10.70 -5.15 -20.12
CA TYR E 256 -9.32 -4.99 -20.58
C TYR E 256 -8.72 -3.69 -20.07
N SER E 257 -9.52 -2.64 -19.98
CA SER E 257 -9.03 -1.36 -19.46
C SER E 257 -8.82 -1.42 -17.95
N VAL E 258 -9.54 -2.31 -17.26
CA VAL E 258 -9.26 -2.57 -15.85
C VAL E 258 -7.91 -3.23 -15.69
N PHE E 259 -7.48 -4.03 -16.67
CA PHE E 259 -6.22 -4.74 -16.56
C PHE E 259 -5.00 -3.82 -16.68
N LEU E 260 -5.08 -2.76 -17.50
CA LEU E 260 -3.89 -1.94 -17.72
C LEU E 260 -3.54 -1.09 -16.51
N ILE E 261 -4.52 -0.74 -15.68
CA ILE E 261 -4.22 0.09 -14.53
C ILE E 261 -3.60 -0.71 -13.40
N ILE E 262 -3.67 -2.04 -13.46
CA ILE E 262 -2.87 -2.90 -12.60
C ILE E 262 -1.46 -3.06 -13.14
N VAL E 263 -1.29 -3.03 -14.46
CA VAL E 263 0.02 -3.12 -15.09
C VAL E 263 0.86 -1.89 -14.77
N SER E 264 0.27 -0.69 -14.87
CA SER E 264 1.01 0.53 -14.55
C SER E 264 1.26 0.67 -13.06
N ASP E 265 0.52 -0.05 -12.22
CA ASP E 265 0.76 0.00 -10.78
C ASP E 265 2.02 -0.76 -10.40
N THR E 266 2.35 -1.81 -11.14
CA THR E 266 3.51 -2.64 -10.81
C THR E 266 4.71 -2.38 -11.71
N LEU E 267 4.55 -1.61 -12.78
CA LEU E 267 5.65 -1.37 -13.70
C LEU E 267 5.89 0.13 -13.80
N PRO E 268 7.03 0.63 -13.32
CA PRO E 268 7.27 2.07 -13.34
C PRO E 268 7.84 2.57 -14.66
N ALA E 269 7.89 3.89 -14.78
CA ALA E 269 8.45 4.56 -15.94
C ALA E 269 9.26 5.76 -15.49
N THR E 270 10.31 6.07 -16.23
CA THR E 270 11.20 7.16 -15.88
C THR E 270 10.73 8.45 -16.55
N ALA E 271 11.57 9.48 -16.55
CA ALA E 271 11.19 10.79 -17.08
C ALA E 271 11.10 10.82 -18.59
N ILE E 272 11.67 9.83 -19.29
CA ILE E 272 11.54 9.81 -20.74
C ILE E 272 10.22 9.20 -21.19
N GLY E 273 9.46 8.60 -20.27
CA GLY E 273 8.18 8.02 -20.62
C GLY E 273 8.14 6.51 -20.55
N THR E 274 7.19 5.91 -21.26
CA THR E 274 6.97 4.48 -21.22
C THR E 274 8.04 3.75 -22.01
N PRO E 275 8.28 2.46 -21.71
CA PRO E 275 9.15 1.65 -22.55
C PRO E 275 8.55 1.27 -23.89
N LEU E 276 9.27 0.43 -24.64
CA LEU E 276 8.84 0.05 -25.98
C LEU E 276 7.65 -0.90 -25.95
N ILE E 277 7.47 -1.66 -24.87
CA ILE E 277 6.31 -2.56 -24.79
C ILE E 277 5.03 -1.81 -24.44
N GLY E 278 5.12 -0.55 -24.05
CA GLY E 278 3.93 0.27 -23.93
C GLY E 278 3.30 0.61 -25.27
N VAL E 279 4.08 0.56 -26.34
CA VAL E 279 3.53 0.69 -27.68
C VAL E 279 2.73 -0.56 -28.04
N TYR E 280 3.23 -1.73 -27.65
CA TYR E 280 2.58 -2.98 -28.03
C TYR E 280 1.32 -3.26 -27.22
N PHE E 281 1.03 -2.47 -26.19
CA PHE E 281 -0.25 -2.60 -25.50
C PHE E 281 -1.34 -1.75 -26.15
N VAL E 282 -0.99 -0.57 -26.66
CA VAL E 282 -2.01 0.26 -27.29
C VAL E 282 -2.30 -0.18 -28.71
N VAL E 283 -1.45 -1.04 -29.29
CA VAL E 283 -1.81 -1.66 -30.56
C VAL E 283 -2.84 -2.76 -30.34
N CYS E 284 -2.68 -3.54 -29.27
CA CYS E 284 -3.73 -4.49 -28.90
C CYS E 284 -4.95 -3.81 -28.33
N MET E 285 -4.83 -2.56 -27.87
CA MET E 285 -6.00 -1.82 -27.43
C MET E 285 -6.85 -1.38 -28.62
N ALA E 286 -6.23 -0.74 -29.61
CA ALA E 286 -6.97 -0.24 -30.76
C ALA E 286 -7.43 -1.36 -31.67
N LEU E 287 -6.88 -2.56 -31.53
CA LEU E 287 -7.36 -3.69 -32.30
C LEU E 287 -8.68 -4.23 -31.76
N LEU E 288 -9.06 -3.89 -30.53
CA LEU E 288 -10.39 -4.20 -30.01
C LEU E 288 -11.42 -3.15 -30.34
N VAL E 289 -11.01 -1.90 -30.57
CA VAL E 289 -11.96 -0.86 -30.94
C VAL E 289 -12.41 -1.04 -32.39
N ILE E 290 -11.54 -1.61 -33.23
CA ILE E 290 -11.94 -1.93 -34.59
C ILE E 290 -12.99 -3.04 -34.59
N SER E 291 -12.85 -4.02 -33.71
CA SER E 291 -13.88 -5.06 -33.60
C SER E 291 -15.15 -4.53 -32.96
N LEU E 292 -15.05 -3.48 -32.15
CA LEU E 292 -16.24 -2.85 -31.62
C LEU E 292 -16.94 -2.02 -32.67
N ALA E 293 -16.18 -1.28 -33.48
CA ALA E 293 -16.78 -0.47 -34.53
C ALA E 293 -17.29 -1.31 -35.68
N GLU E 294 -16.77 -2.53 -35.86
CA GLU E 294 -17.32 -3.43 -36.87
C GLU E 294 -18.67 -3.97 -36.43
N THR E 295 -18.87 -4.19 -35.13
CA THR E 295 -20.14 -4.68 -34.63
C THR E 295 -21.22 -3.61 -34.73
N ILE E 296 -20.90 -2.38 -34.31
CA ILE E 296 -21.87 -1.28 -34.33
C ILE E 296 -22.24 -0.89 -35.76
N PHE E 297 -21.31 -1.06 -36.70
CA PHE E 297 -21.61 -0.78 -38.09
C PHE E 297 -22.57 -1.81 -38.67
N ILE E 298 -22.53 -3.04 -38.20
CA ILE E 298 -23.35 -4.09 -38.80
C ILE E 298 -24.67 -4.29 -38.06
N VAL E 299 -24.77 -3.88 -36.79
CA VAL E 299 -26.05 -3.89 -36.10
C VAL E 299 -26.94 -2.78 -36.65
N ARG E 300 -26.35 -1.65 -37.03
CA ARG E 300 -27.09 -0.58 -37.70
C ARG E 300 -27.62 -1.03 -39.05
N LEU E 301 -26.95 -1.99 -39.69
CA LEU E 301 -27.34 -2.43 -41.02
C LEU E 301 -28.55 -3.37 -40.96
N VAL E 302 -28.46 -4.46 -40.21
CA VAL E 302 -29.54 -5.45 -40.15
C VAL E 302 -30.43 -5.11 -38.96
N HIS E 303 -31.35 -4.18 -39.18
CA HIS E 303 -32.26 -3.80 -38.13
C HIS E 303 -33.48 -3.17 -38.80
N LYS E 304 -34.64 -3.35 -38.18
CA LYS E 304 -35.92 -3.15 -38.87
C LYS E 304 -36.43 -1.75 -38.62
N GLN E 305 -36.04 -0.82 -39.49
CA GLN E 305 -36.55 0.55 -39.45
C GLN E 305 -37.09 0.93 -40.82
N ASP E 306 -38.41 0.74 -41.00
CA ASP E 306 -39.28 1.17 -42.10
C ASP E 306 -38.60 1.14 -43.47
N LEU E 307 -37.91 0.05 -43.73
CA LEU E 307 -36.80 -0.01 -44.67
C LEU E 307 -37.26 0.10 -46.11
N GLN E 308 -36.29 0.39 -46.98
CA GLN E 308 -36.45 0.35 -48.42
C GLN E 308 -35.60 -0.79 -48.98
N ARG E 309 -35.81 -1.11 -50.25
CA ARG E 309 -34.97 -2.11 -50.89
C ARG E 309 -33.60 -1.49 -51.15
N PRO E 310 -32.50 -2.24 -50.97
CA PRO E 310 -31.17 -1.63 -51.14
C PRO E 310 -30.86 -1.29 -52.59
N VAL E 311 -29.72 -0.63 -52.75
CA VAL E 311 -29.29 -0.19 -54.09
C VAL E 311 -28.96 -1.41 -54.94
N PRO E 312 -29.48 -1.51 -56.17
CA PRO E 312 -29.12 -2.64 -57.04
C PRO E 312 -27.67 -2.65 -57.45
N ASP E 313 -26.99 -1.50 -57.47
CA ASP E 313 -25.55 -1.49 -57.63
C ASP E 313 -24.86 -2.04 -56.40
N TRP E 314 -25.34 -1.69 -55.21
CA TRP E 314 -24.69 -2.10 -53.99
C TRP E 314 -25.13 -3.47 -53.51
N LEU E 315 -26.06 -4.09 -54.23
CA LEU E 315 -26.39 -5.50 -54.02
C LEU E 315 -25.66 -6.41 -55.01
N ARG E 316 -25.34 -5.90 -56.19
CA ARG E 316 -24.78 -6.75 -57.24
C ARG E 316 -23.31 -7.07 -56.96
N HIS E 317 -22.52 -6.07 -56.58
CA HIS E 317 -21.13 -6.36 -56.25
C HIS E 317 -20.94 -6.80 -54.81
N LEU E 318 -22.02 -7.10 -54.09
CA LEU E 318 -21.91 -7.69 -52.75
C LEU E 318 -22.38 -9.14 -52.77
N VAL E 319 -23.59 -9.39 -53.27
CA VAL E 319 -24.15 -10.73 -53.23
C VAL E 319 -23.49 -11.61 -54.29
N LEU E 320 -23.26 -11.08 -55.48
CA LEU E 320 -22.71 -11.89 -56.56
C LEU E 320 -21.19 -11.94 -56.57
N ASP E 321 -20.53 -10.79 -56.45
CA ASP E 321 -19.08 -10.73 -56.63
C ASP E 321 -18.30 -11.17 -55.39
N ARG E 322 -18.70 -10.73 -54.20
CA ARG E 322 -17.92 -11.01 -53.00
C ARG E 322 -18.01 -12.47 -52.56
N ILE E 323 -18.98 -13.23 -53.06
CA ILE E 323 -19.04 -14.65 -52.75
C ILE E 323 -18.27 -15.47 -53.78
N ALA E 324 -17.95 -14.89 -54.94
CA ALA E 324 -17.26 -15.63 -55.99
C ALA E 324 -15.76 -15.38 -55.96
N TRP E 325 -15.34 -14.15 -55.69
CA TRP E 325 -13.93 -13.81 -55.70
C TRP E 325 -13.23 -14.12 -54.39
N ILE E 326 -13.97 -14.19 -53.28
CA ILE E 326 -13.40 -14.40 -51.96
C ILE E 326 -13.98 -15.63 -51.27
N LEU E 327 -15.29 -15.70 -51.17
CA LEU E 327 -15.95 -16.75 -50.41
C LEU E 327 -16.19 -17.96 -51.31
N CYS E 328 -17.01 -18.89 -50.85
CA CYS E 328 -17.36 -20.06 -51.64
C CYS E 328 -18.87 -20.27 -51.65
N LEU E 385 -75.83 -6.44 -55.41
CA LEU E 385 -75.22 -5.38 -54.61
C LEU E 385 -74.57 -5.96 -53.36
N ALA E 386 -75.17 -7.02 -52.83
CA ALA E 386 -74.60 -7.71 -51.69
C ALA E 386 -73.43 -8.60 -52.09
N VAL E 387 -73.43 -9.09 -53.33
CA VAL E 387 -72.34 -9.95 -53.78
C VAL E 387 -71.12 -9.11 -54.12
N ARG E 388 -71.30 -7.99 -54.82
CA ARG E 388 -70.17 -7.12 -55.15
C ARG E 388 -69.66 -6.36 -53.94
N GLY E 389 -70.43 -6.28 -52.85
CA GLY E 389 -69.93 -5.70 -51.62
C GLY E 389 -69.03 -6.61 -50.81
N LEU E 390 -68.94 -7.89 -51.21
CA LEU E 390 -68.10 -8.84 -50.50
C LEU E 390 -66.63 -8.68 -50.88
N LEU E 391 -66.32 -8.85 -52.16
CA LEU E 391 -64.92 -8.90 -52.60
C LEU E 391 -64.24 -7.55 -52.56
N GLN E 392 -64.98 -6.44 -52.44
CA GLN E 392 -64.35 -5.16 -52.18
C GLN E 392 -63.76 -5.11 -50.78
N GLU E 393 -64.39 -5.81 -49.84
CA GLU E 393 -63.84 -5.91 -48.49
C GLU E 393 -62.72 -6.95 -48.43
N LEU E 394 -62.84 -8.02 -49.21
CA LEU E 394 -61.80 -9.05 -49.23
C LEU E 394 -60.52 -8.56 -49.89
N SER E 395 -60.65 -7.63 -50.85
CA SER E 395 -59.46 -7.03 -51.44
C SER E 395 -58.75 -6.12 -50.45
N SER E 396 -59.49 -5.54 -49.50
CA SER E 396 -58.86 -4.76 -48.46
C SER E 396 -58.12 -5.66 -47.47
N ILE E 397 -58.70 -6.81 -47.15
CA ILE E 397 -58.05 -7.78 -46.27
C ILE E 397 -56.82 -8.38 -46.94
N ARG E 398 -56.87 -8.54 -48.26
CA ARG E 398 -55.68 -8.92 -49.02
C ARG E 398 -54.64 -7.82 -48.99
N HIS E 399 -55.06 -6.57 -48.89
CA HIS E 399 -54.13 -5.45 -48.93
C HIS E 399 -53.35 -5.32 -47.63
N PHE E 400 -53.98 -5.55 -46.48
CA PHE E 400 -53.26 -5.42 -45.22
C PHE E 400 -52.29 -6.56 -45.01
N LEU E 401 -52.59 -7.75 -45.54
CA LEU E 401 -51.62 -8.84 -45.47
C LEU E 401 -50.50 -8.69 -46.50
N GLU E 402 -50.73 -7.95 -47.58
CA GLU E 402 -49.70 -7.76 -48.58
C GLU E 402 -48.63 -6.77 -48.10
N LYS E 403 -49.04 -5.70 -47.43
CA LYS E 403 -48.08 -4.76 -46.87
C LYS E 403 -47.32 -5.35 -45.71
N ARG E 404 -47.91 -6.32 -45.02
CA ARG E 404 -47.20 -7.05 -43.98
C ARG E 404 -46.14 -7.97 -44.57
N ASP E 405 -46.39 -8.56 -45.73
CA ASP E 405 -45.44 -9.48 -46.33
C ASP E 405 -44.32 -8.75 -47.07
N GLU E 406 -44.64 -7.65 -47.74
CA GLU E 406 -43.61 -6.94 -48.49
C GLU E 406 -42.63 -6.20 -47.59
N MET E 407 -43.04 -5.80 -46.40
CA MET E 407 -42.08 -5.26 -45.43
C MET E 407 -41.25 -6.35 -44.79
N ARG E 408 -41.67 -7.60 -44.91
CA ARG E 408 -40.92 -8.72 -44.36
C ARG E 408 -39.85 -9.22 -45.31
N GLU E 409 -40.13 -9.25 -46.61
CA GLU E 409 -39.15 -9.73 -47.58
C GLU E 409 -38.05 -8.72 -47.85
N VAL E 410 -38.31 -7.42 -47.63
CA VAL E 410 -37.23 -6.44 -47.77
C VAL E 410 -36.34 -6.42 -46.54
N ALA E 411 -36.81 -6.94 -45.42
CA ALA E 411 -35.94 -7.12 -44.27
C ALA E 411 -35.06 -8.34 -44.42
N ARG E 412 -35.44 -9.28 -45.27
CA ARG E 412 -34.56 -10.41 -45.58
C ARG E 412 -33.42 -9.99 -46.49
N ASP E 413 -33.68 -9.08 -47.43
CA ASP E 413 -32.65 -8.66 -48.38
C ASP E 413 -31.55 -7.86 -47.70
N TRP E 414 -31.89 -7.09 -46.67
CA TRP E 414 -30.84 -6.46 -45.88
C TRP E 414 -30.13 -7.48 -45.01
N LEU E 415 -30.83 -8.53 -44.58
CA LEU E 415 -30.22 -9.52 -43.72
C LEU E 415 -29.23 -10.40 -44.47
N ARG E 416 -29.47 -10.61 -45.76
CA ARG E 416 -28.51 -11.36 -46.57
C ARG E 416 -27.24 -10.56 -46.81
N VAL E 417 -27.36 -9.23 -46.93
CA VAL E 417 -26.20 -8.38 -47.10
C VAL E 417 -25.35 -8.36 -45.84
N GLY E 418 -26.00 -8.35 -44.67
CA GLY E 418 -25.25 -8.29 -43.42
C GLY E 418 -24.58 -9.59 -43.01
N TYR E 419 -24.75 -10.66 -43.78
CA TYR E 419 -24.07 -11.91 -43.45
C TYR E 419 -22.94 -12.24 -44.40
N VAL E 420 -23.06 -11.84 -45.67
CA VAL E 420 -21.92 -11.94 -46.57
C VAL E 420 -20.83 -10.97 -46.15
N LEU E 421 -21.23 -9.77 -45.72
CA LEU E 421 -20.30 -8.75 -45.26
C LEU E 421 -19.76 -9.05 -43.86
N ASP E 422 -20.40 -9.94 -43.10
CA ASP E 422 -19.89 -10.26 -41.78
C ASP E 422 -18.76 -11.29 -41.85
N ARG E 423 -18.93 -12.35 -42.64
CA ARG E 423 -17.86 -13.32 -42.80
C ARG E 423 -16.69 -12.75 -43.60
N LEU E 424 -16.91 -11.69 -44.37
CA LEU E 424 -15.81 -11.00 -45.02
C LEU E 424 -14.95 -10.26 -44.01
N LEU E 425 -15.57 -9.53 -43.10
CA LEU E 425 -14.82 -8.78 -42.10
C LEU E 425 -14.33 -9.65 -40.96
N PHE E 426 -14.88 -10.86 -40.82
CA PHE E 426 -14.32 -11.79 -39.84
C PHE E 426 -13.01 -12.38 -40.32
N ARG E 427 -12.84 -12.56 -41.63
CA ARG E 427 -11.61 -13.14 -42.14
C ARG E 427 -10.52 -12.09 -42.32
N ILE E 428 -10.89 -10.83 -42.51
CA ILE E 428 -9.88 -9.77 -42.57
C ILE E 428 -9.33 -9.50 -41.17
N TYR E 429 -10.20 -9.52 -40.16
CA TYR E 429 -9.75 -9.32 -38.79
C TYR E 429 -8.90 -10.49 -38.30
N LEU E 430 -9.27 -11.70 -38.69
CA LEU E 430 -8.48 -12.86 -38.28
C LEU E 430 -7.15 -12.94 -39.02
N LEU E 431 -7.05 -12.30 -40.18
CA LEU E 431 -5.78 -12.25 -40.89
C LEU E 431 -4.83 -11.23 -40.26
N ALA E 432 -5.36 -10.14 -39.71
CA ALA E 432 -4.52 -9.13 -39.10
C ALA E 432 -4.01 -9.57 -37.73
N VAL E 433 -4.83 -10.29 -36.96
CA VAL E 433 -4.39 -10.74 -35.64
C VAL E 433 -3.46 -11.94 -35.72
N LEU E 434 -3.32 -12.55 -36.89
CA LEU E 434 -2.34 -13.61 -37.08
C LEU E 434 -1.04 -13.07 -37.67
N ALA E 435 -1.12 -12.04 -38.50
CA ALA E 435 0.09 -11.43 -39.04
C ALA E 435 0.83 -10.63 -37.98
N TYR E 436 0.11 -10.03 -37.03
CA TYR E 436 0.77 -9.32 -35.96
C TYR E 436 1.28 -10.25 -34.88
N SER E 437 0.63 -11.41 -34.70
CA SER E 437 1.06 -12.34 -33.68
C SER E 437 2.35 -13.06 -34.07
N ILE E 438 2.50 -13.41 -35.35
CA ILE E 438 3.74 -14.05 -35.77
C ILE E 438 4.87 -13.04 -35.95
N THR E 439 4.54 -11.75 -36.11
CA THR E 439 5.57 -10.72 -36.09
C THR E 439 6.14 -10.56 -34.70
N LEU E 440 5.29 -10.68 -33.67
CA LEU E 440 5.72 -10.51 -32.29
C LEU E 440 6.60 -11.65 -31.82
N VAL E 441 6.44 -12.85 -32.40
CA VAL E 441 7.29 -13.97 -32.05
C VAL E 441 8.51 -14.05 -32.96
N THR E 442 8.49 -13.36 -34.11
CA THR E 442 9.66 -13.30 -34.96
C THR E 442 10.73 -12.39 -34.34
N LEU E 443 10.30 -11.26 -33.79
CA LEU E 443 11.24 -10.34 -33.15
C LEU E 443 11.80 -10.93 -31.86
N TRP E 444 11.05 -11.81 -31.19
CA TRP E 444 11.55 -12.47 -29.99
C TRP E 444 12.55 -13.56 -30.30
N SER E 445 12.33 -14.31 -31.39
CA SER E 445 13.20 -15.44 -31.71
C SER E 445 14.55 -15.00 -32.27
N ILE E 446 14.64 -13.83 -32.89
CA ILE E 446 15.95 -13.36 -33.31
C ILE E 446 16.73 -12.78 -32.15
N TRP E 447 16.06 -12.41 -31.06
CA TRP E 447 16.75 -11.99 -29.85
C TRP E 447 17.34 -13.16 -29.08
N HIS E 448 16.61 -14.28 -29.05
CA HIS E 448 16.94 -15.39 -28.16
C HIS E 448 18.19 -16.14 -28.63
N TYR E 449 18.47 -16.11 -29.92
CA TYR E 449 19.65 -16.79 -30.45
C TYR E 449 20.91 -16.00 -30.10
N SER E 450 21.80 -16.65 -29.35
CA SER E 450 23.05 -16.09 -28.82
C SER E 450 22.83 -14.82 -28.02
#